data_3GMH
#
_entry.id   3GMH
#
_cell.length_a   124.829
_cell.length_b   104.918
_cell.length_c   157.746
_cell.angle_alpha   90.00
_cell.angle_beta   97.57
_cell.angle_gamma   90.00
#
_symmetry.space_group_name_H-M   'P 1 21 1'
#
loop_
_entity.id
_entity.type
_entity.pdbx_description
1 polymer 'Mitotic spindle assembly checkpoint protein MAD2A'
2 non-polymer 'SULFATE ION'
#
_entity_poly.entity_id   1
_entity_poly.type   'polypeptide(L)'
_entity_poly.pdbx_seq_one_letter_code
;MRGSHHHHHHGSITLRGSAEIVAEFFSFGINSILYQRGIYPSETFTRVQKYGLTLLVTTDLELIKYLNNVVEQLKDWLYK
CSVQKLVVVISNIESGEVLERWQFDIECDKTAKDDSAPREKSQKAIQDEIRSVIRQITATVTFLPLLEVSCSFDLLIYTD
KDLVVPEKWEESGPQFITNSEEVRLRSFTTTIHKVNSMVAYKIPVND
;
_entity_poly.pdbx_strand_id   A,B,C,D,E,F,G,H,I,J,K,L
#
loop_
_chem_comp.id
_chem_comp.type
_chem_comp.name
_chem_comp.formula
SO4 non-polymer 'SULFATE ION' 'O4 S -2'
#
# COMPACT_ATOMS: atom_id res chain seq x y z
N SER A 12 14.72 36.06 -12.83
CA SER A 12 13.65 36.73 -12.08
C SER A 12 12.29 36.05 -12.24
N ILE A 13 11.49 36.09 -11.17
CA ILE A 13 10.19 35.41 -11.15
C ILE A 13 9.12 36.18 -10.39
N THR A 14 7.88 36.04 -10.83
CA THR A 14 6.77 36.84 -10.34
C THR A 14 5.64 36.01 -9.77
N LEU A 15 4.76 36.67 -9.02
CA LEU A 15 3.54 36.04 -8.51
C LEU A 15 2.75 35.47 -9.69
N ARG A 16 2.85 36.15 -10.81
CA ARG A 16 2.28 35.69 -12.08
C ARG A 16 2.49 34.18 -12.23
N GLY A 17 3.71 33.74 -11.97
CA GLY A 17 4.09 32.36 -12.21
C GLY A 17 4.42 31.55 -10.98
N SER A 18 4.93 32.20 -9.94
CA SER A 18 5.27 31.48 -8.72
C SER A 18 4.04 30.80 -8.20
N ALA A 19 2.88 31.35 -8.50
CA ALA A 19 1.65 30.69 -8.16
C ALA A 19 1.59 29.39 -8.94
N GLU A 20 1.93 29.44 -10.22
CA GLU A 20 1.88 28.27 -11.06
C GLU A 20 2.90 27.22 -10.64
N ILE A 21 4.17 27.61 -10.51
CA ILE A 21 5.22 26.66 -10.19
C ILE A 21 4.82 25.73 -9.07
N VAL A 22 4.25 26.30 -8.00
CA VAL A 22 3.83 25.52 -6.84
C VAL A 22 2.65 24.62 -7.19
N ALA A 23 1.69 25.15 -7.94
CA ALA A 23 0.58 24.33 -8.39
C ALA A 23 1.12 23.13 -9.18
N GLU A 24 2.03 23.40 -10.11
CA GLU A 24 2.63 22.34 -10.92
C GLU A 24 3.20 21.28 -10.02
N PHE A 25 3.93 21.71 -9.00
CA PHE A 25 4.54 20.79 -8.05
C PHE A 25 3.52 19.84 -7.44
N PHE A 26 2.41 20.39 -7.00
CA PHE A 26 1.39 19.59 -6.34
C PHE A 26 0.80 18.55 -7.29
N SER A 27 0.74 18.89 -8.57
CA SER A 27 0.27 17.94 -9.56
C SER A 27 1.21 16.74 -9.54
N PHE A 28 2.47 16.95 -9.88
CA PHE A 28 3.44 15.86 -9.95
C PHE A 28 3.65 15.14 -8.62
N GLY A 29 3.68 15.91 -7.54
CA GLY A 29 3.84 15.33 -6.22
C GLY A 29 2.72 14.37 -5.86
N ILE A 30 1.50 14.87 -5.93
CA ILE A 30 0.34 14.05 -5.64
C ILE A 30 0.30 12.82 -6.55
N ASN A 31 0.68 12.98 -7.80
CA ASN A 31 0.77 11.84 -8.69
C ASN A 31 1.84 10.91 -8.17
N SER A 32 3.05 11.41 -8.02
CA SER A 32 4.14 10.57 -7.58
C SER A 32 3.92 9.98 -6.20
N ILE A 33 3.08 10.62 -5.39
CA ILE A 33 2.69 10.01 -4.12
C ILE A 33 1.75 8.83 -4.38
N LEU A 34 0.68 9.10 -5.11
CA LEU A 34 -0.30 8.07 -5.44
C LEU A 34 0.34 6.87 -6.10
N TYR A 35 1.29 7.10 -6.97
CA TYR A 35 1.93 6.00 -7.65
C TYR A 35 2.90 5.25 -6.75
N GLN A 36 3.69 5.99 -5.99
CA GLN A 36 4.68 5.35 -5.14
C GLN A 36 4.07 4.69 -3.91
N ARG A 37 2.74 4.66 -3.81
CA ARG A 37 2.09 4.17 -2.61
C ARG A 37 1.24 2.92 -2.82
N GLY A 38 0.66 2.80 -4.01
CA GLY A 38 -0.18 1.67 -4.31
C GLY A 38 -1.62 2.08 -4.15
N ILE A 39 -1.84 3.39 -4.25
CA ILE A 39 -3.17 3.94 -4.23
C ILE A 39 -3.95 3.50 -5.46
N TYR A 40 -3.35 3.76 -6.61
CA TYR A 40 -3.88 3.28 -7.88
C TYR A 40 -2.90 2.27 -8.46
N PRO A 41 -3.40 1.32 -9.25
CA PRO A 41 -2.62 0.27 -9.92
C PRO A 41 -1.42 0.85 -10.66
N SER A 42 -0.34 0.08 -10.75
CA SER A 42 0.90 0.58 -11.35
C SER A 42 0.76 0.90 -12.83
N GLU A 43 -0.12 0.19 -13.52
CA GLU A 43 -0.30 0.40 -14.96
C GLU A 43 -1.25 1.56 -15.25
N THR A 44 -1.85 2.12 -14.21
CA THR A 44 -2.69 3.30 -14.33
C THR A 44 -1.91 4.49 -14.86
N PHE A 45 -0.60 4.54 -14.56
CA PHE A 45 0.20 5.72 -14.83
C PHE A 45 1.10 5.59 -16.04
N THR A 46 1.50 6.75 -16.59
CA THR A 46 2.44 6.77 -17.69
C THR A 46 3.74 7.49 -17.32
N ARG A 47 4.80 7.11 -17.99
CA ARG A 47 6.15 7.54 -17.67
C ARG A 47 6.43 8.85 -18.40
N VAL A 48 6.79 9.89 -17.65
CA VAL A 48 7.02 11.21 -18.25
C VAL A 48 8.23 11.91 -17.66
N GLN A 49 8.71 12.96 -18.34
CA GLN A 49 9.85 13.71 -17.85
C GLN A 49 9.45 15.05 -17.27
N LYS A 50 9.84 15.31 -16.02
CA LYS A 50 9.77 16.66 -15.49
C LYS A 50 10.71 16.84 -14.32
N TYR A 51 11.18 18.06 -14.16
CA TYR A 51 12.10 18.39 -13.10
C TYR A 51 13.39 17.64 -13.31
N GLY A 52 13.51 16.97 -14.45
CA GLY A 52 14.73 16.28 -14.78
C GLY A 52 14.77 14.88 -14.22
N LEU A 53 13.66 14.45 -13.65
CA LEU A 53 13.51 13.06 -13.26
C LEU A 53 12.53 12.42 -14.23
N THR A 54 12.16 11.19 -13.91
CA THR A 54 11.12 10.49 -14.62
C THR A 54 10.07 10.20 -13.60
N LEU A 55 8.96 10.93 -13.63
CA LEU A 55 7.89 10.67 -12.67
C LEU A 55 6.75 9.99 -13.40
N LEU A 56 5.74 9.52 -12.67
CA LEU A 56 4.57 8.96 -13.33
C LEU A 56 3.33 9.76 -13.01
N VAL A 57 2.57 10.08 -14.04
CA VAL A 57 1.30 10.75 -13.85
C VAL A 57 0.24 9.76 -14.23
N THR A 58 -0.98 9.96 -13.76
CA THR A 58 -2.04 8.97 -13.94
C THR A 58 -2.71 9.07 -15.30
N THR A 59 -3.42 8.01 -15.69
CA THR A 59 -4.11 7.97 -16.97
C THR A 59 -5.61 7.96 -16.79
N ASP A 60 -6.05 7.41 -15.67
CA ASP A 60 -7.49 7.36 -15.37
C ASP A 60 -8.15 8.71 -15.59
N LEU A 61 -9.14 8.75 -16.48
CA LEU A 61 -9.78 10.02 -16.82
C LEU A 61 -10.40 10.68 -15.59
N GLU A 62 -11.01 9.86 -14.74
CA GLU A 62 -11.65 10.37 -13.53
C GLU A 62 -10.64 11.13 -12.70
N LEU A 63 -9.50 10.51 -12.45
CA LEU A 63 -8.48 11.12 -11.62
C LEU A 63 -7.84 12.34 -12.28
N ILE A 64 -7.78 12.34 -13.60
CA ILE A 64 -7.22 13.50 -14.30
C ILE A 64 -8.14 14.69 -14.16
N LYS A 65 -9.42 14.51 -14.50
CA LYS A 65 -10.39 15.59 -14.35
C LYS A 65 -10.35 16.12 -12.92
N TYR A 66 -10.25 15.21 -11.95
CA TYR A 66 -10.19 15.58 -10.55
C TYR A 66 -9.03 16.52 -10.28
N LEU A 67 -7.82 16.04 -10.58
CA LEU A 67 -6.62 16.81 -10.28
C LEU A 67 -6.54 18.14 -11.04
N ASN A 68 -6.96 18.16 -12.29
CA ASN A 68 -7.02 19.41 -13.04
C ASN A 68 -7.79 20.47 -12.26
N ASN A 69 -8.86 20.05 -11.59
CA ASN A 69 -9.65 20.97 -10.81
C ASN A 69 -8.91 21.51 -9.58
N VAL A 70 -8.23 20.63 -8.88
CA VAL A 70 -7.49 21.05 -7.69
C VAL A 70 -6.25 21.84 -8.07
N VAL A 71 -5.49 21.37 -9.04
CA VAL A 71 -4.32 22.10 -9.48
C VAL A 71 -4.75 23.48 -9.92
N GLU A 72 -5.90 23.56 -10.56
CA GLU A 72 -6.40 24.83 -11.05
C GLU A 72 -6.83 25.71 -9.89
N GLN A 73 -7.62 25.15 -8.99
CA GLN A 73 -8.17 25.92 -7.89
C GLN A 73 -7.06 26.44 -6.99
N LEU A 74 -5.96 25.70 -6.91
CA LEU A 74 -4.79 26.09 -6.10
C LEU A 74 -4.05 27.26 -6.75
N LYS A 75 -3.85 27.14 -8.06
CA LYS A 75 -3.26 28.22 -8.83
C LYS A 75 -3.94 29.53 -8.45
N ASP A 76 -5.27 29.50 -8.40
CA ASP A 76 -6.05 30.68 -8.03
C ASP A 76 -5.67 31.16 -6.64
N TRP A 77 -5.91 30.34 -5.65
CA TRP A 77 -5.75 30.74 -4.26
C TRP A 77 -4.31 31.08 -3.88
N LEU A 78 -3.35 30.49 -4.58
CA LEU A 78 -1.95 30.80 -4.31
C LEU A 78 -1.65 32.24 -4.69
N TYR A 79 -2.18 32.66 -5.82
CA TYR A 79 -2.05 34.05 -6.25
C TYR A 79 -2.47 34.98 -5.13
N LYS A 80 -3.57 34.63 -4.45
CA LYS A 80 -4.15 35.47 -3.41
C LYS A 80 -3.55 35.21 -2.02
N CYS A 81 -2.89 34.07 -1.87
CA CYS A 81 -2.31 33.67 -0.58
C CYS A 81 -3.41 33.32 0.41
N SER A 82 -4.27 32.41 0.01
CA SER A 82 -5.37 32.04 0.86
C SER A 82 -5.07 30.69 1.50
N VAL A 83 -4.34 29.86 0.78
CA VAL A 83 -4.11 28.49 1.20
C VAL A 83 -2.71 28.26 1.83
N GLN A 84 -2.70 27.65 3.01
CA GLN A 84 -1.43 27.41 3.70
C GLN A 84 -1.13 25.94 3.87
N LYS A 85 -2.15 25.09 3.91
CA LYS A 85 -1.93 23.65 4.02
C LYS A 85 -2.63 22.82 2.96
N LEU A 86 -1.91 21.85 2.42
CA LEU A 86 -2.47 20.86 1.50
C LEU A 86 -2.07 19.51 2.04
N VAL A 87 -3.05 18.66 2.30
CA VAL A 87 -2.78 17.37 2.90
C VAL A 87 -3.32 16.21 2.07
N VAL A 88 -2.50 15.17 1.90
CA VAL A 88 -2.93 13.96 1.22
C VAL A 88 -3.19 12.89 2.28
N VAL A 89 -4.46 12.59 2.52
CA VAL A 89 -4.81 11.62 3.55
C VAL A 89 -5.07 10.24 2.98
N ILE A 90 -4.19 9.31 3.30
CA ILE A 90 -4.31 7.93 2.82
C ILE A 90 -5.00 7.06 3.85
N SER A 91 -6.25 6.71 3.56
CA SER A 91 -7.08 5.98 4.51
C SER A 91 -7.53 4.63 3.98
N ASN A 92 -7.53 3.64 4.87
CA ASN A 92 -8.06 2.32 4.60
C ASN A 92 -9.56 2.42 4.29
N ILE A 93 -9.92 2.23 3.02
CA ILE A 93 -11.31 2.40 2.61
C ILE A 93 -12.27 1.38 3.25
N GLU A 94 -11.71 0.27 3.72
CA GLU A 94 -12.49 -0.78 4.37
C GLU A 94 -13.05 -0.29 5.69
N SER A 95 -12.23 0.44 6.45
CA SER A 95 -12.59 0.87 7.80
C SER A 95 -12.86 2.38 7.89
N GLY A 96 -12.05 3.16 7.21
CA GLY A 96 -12.12 4.61 7.31
C GLY A 96 -10.88 5.14 8.00
N GLU A 97 -10.25 4.27 8.79
CA GLU A 97 -9.03 4.60 9.53
C GLU A 97 -7.97 5.27 8.68
N VAL A 98 -7.14 6.11 9.29
CA VAL A 98 -6.06 6.80 8.57
C VAL A 98 -4.72 6.09 8.75
N LEU A 99 -3.99 5.90 7.66
CA LEU A 99 -2.77 5.10 7.71
C LEU A 99 -1.52 5.91 7.33
N GLU A 100 -1.71 6.92 6.52
CA GLU A 100 -0.60 7.69 6.02
C GLU A 100 -1.11 9.09 5.74
N ARG A 101 -0.24 10.07 5.87
CA ARG A 101 -0.69 11.44 5.81
C ARG A 101 0.45 12.35 5.36
N TRP A 102 0.43 12.74 4.09
CA TRP A 102 1.43 13.66 3.55
C TRP A 102 0.94 15.10 3.73
N GLN A 103 1.79 15.95 4.31
CA GLN A 103 1.35 17.29 4.72
C GLN A 103 2.25 18.40 4.23
N PHE A 104 1.70 19.26 3.38
CA PHE A 104 2.46 20.34 2.76
C PHE A 104 2.11 21.71 3.32
N ASP A 105 3.03 22.29 4.09
CA ASP A 105 2.86 23.63 4.63
C ASP A 105 3.33 24.64 3.59
N ILE A 106 2.61 25.75 3.49
CA ILE A 106 2.87 26.74 2.46
C ILE A 106 3.07 28.16 3.01
N GLU A 107 4.29 28.49 3.43
CA GLU A 107 4.58 29.85 3.86
C GLU A 107 4.53 30.78 2.66
N CYS A 108 3.71 31.81 2.75
CA CYS A 108 3.46 32.71 1.63
C CYS A 108 3.84 34.15 1.97
N ASP A 109 4.42 34.85 1.01
CA ASP A 109 4.86 36.24 1.21
C ASP A 109 3.83 37.22 0.66
N LYS A 110 2.89 37.62 1.51
CA LYS A 110 1.79 38.51 1.12
C LYS A 110 2.28 39.77 0.39
N THR A 111 3.37 40.36 0.88
CA THR A 111 3.95 41.54 0.27
C THR A 111 4.73 41.19 -1.00
N ALA A 112 4.00 40.76 -2.03
CA ALA A 112 4.60 40.41 -3.30
C ALA A 112 3.68 40.88 -4.42
N LYS A 113 2.38 40.83 -4.16
CA LYS A 113 1.43 41.45 -5.06
C LYS A 113 1.96 42.85 -5.34
N ASP A 114 2.60 43.43 -4.32
CA ASP A 114 3.19 44.77 -4.43
C ASP A 114 4.72 44.76 -4.49
N ASP A 115 5.26 44.24 -5.60
CA ASP A 115 6.71 44.24 -5.81
C ASP A 115 7.09 45.09 -7.03
N SER A 116 7.98 46.06 -6.80
CA SER A 116 8.44 46.93 -7.89
C SER A 116 8.97 46.09 -9.03
N ALA A 117 9.91 45.20 -8.71
CA ALA A 117 10.54 44.34 -9.70
C ALA A 117 10.36 42.88 -9.36
N PRO A 118 10.22 42.04 -10.39
CA PRO A 118 10.22 40.58 -10.23
C PRO A 118 11.41 40.07 -9.43
N ARG A 119 11.17 39.10 -8.56
CA ARG A 119 12.20 38.46 -7.73
C ARG A 119 13.32 37.82 -8.54
N GLU A 120 14.55 37.95 -8.08
CA GLU A 120 15.68 37.32 -8.76
C GLU A 120 15.93 35.89 -8.28
N LYS A 121 15.66 34.93 -9.16
CA LYS A 121 15.93 33.52 -8.89
C LYS A 121 15.62 32.64 -10.09
N SER A 122 16.65 32.02 -10.64
CA SER A 122 16.54 31.28 -11.90
C SER A 122 15.52 30.14 -11.83
N GLN A 123 14.94 29.82 -12.98
CA GLN A 123 14.08 28.65 -13.09
C GLN A 123 14.85 27.44 -12.56
N LYS A 124 16.08 27.30 -13.05
CA LYS A 124 16.99 26.22 -12.65
C LYS A 124 16.99 26.04 -11.12
N ALA A 125 17.22 27.13 -10.41
CA ALA A 125 17.25 27.08 -8.97
C ALA A 125 16.05 26.32 -8.46
N ILE A 126 14.87 26.90 -8.65
CA ILE A 126 13.62 26.33 -8.15
C ILE A 126 13.33 24.92 -8.69
N GLN A 127 13.54 24.73 -9.98
CA GLN A 127 13.28 23.43 -10.58
C GLN A 127 14.24 22.39 -10.03
N ASP A 128 15.19 22.85 -9.22
CA ASP A 128 16.21 21.98 -8.69
C ASP A 128 16.00 21.67 -7.23
N GLU A 129 15.52 22.67 -6.49
CA GLU A 129 15.21 22.42 -5.10
C GLU A 129 14.17 21.34 -5.09
N ILE A 130 13.28 21.38 -6.08
CA ILE A 130 12.18 20.42 -6.16
C ILE A 130 12.71 19.04 -6.54
N ARG A 131 13.58 19.01 -7.55
CA ARG A 131 14.18 17.78 -8.00
C ARG A 131 14.66 17.01 -6.78
N SER A 132 15.17 17.73 -5.78
CA SER A 132 15.66 17.12 -4.55
C SER A 132 14.56 16.76 -3.56
N VAL A 133 13.49 17.55 -3.49
CA VAL A 133 12.36 17.15 -2.68
C VAL A 133 11.78 15.86 -3.25
N ILE A 134 11.29 15.91 -4.49
CA ILE A 134 10.66 14.74 -5.13
C ILE A 134 11.57 13.55 -4.99
N ARG A 135 12.86 13.78 -5.21
CA ARG A 135 13.87 12.75 -5.10
C ARG A 135 13.85 12.08 -3.73
N GLN A 136 13.67 12.89 -2.69
CA GLN A 136 13.65 12.39 -1.31
C GLN A 136 12.40 11.59 -1.04
N ILE A 137 11.26 12.14 -1.45
CA ILE A 137 9.98 11.46 -1.29
C ILE A 137 10.07 10.07 -1.90
N THR A 138 10.91 9.92 -2.92
CA THR A 138 11.09 8.64 -3.59
C THR A 138 11.85 7.66 -2.73
N ALA A 139 12.87 8.15 -2.01
CA ALA A 139 13.77 7.30 -1.24
C ALA A 139 13.12 6.98 0.06
N THR A 140 11.99 7.65 0.27
CA THR A 140 11.17 7.44 1.45
C THR A 140 10.58 6.01 1.49
N VAL A 141 10.56 5.37 0.32
CA VAL A 141 9.90 4.10 0.08
C VAL A 141 10.38 2.97 0.97
N THR A 142 11.65 3.00 1.34
CA THR A 142 12.21 1.98 2.23
C THR A 142 11.50 1.90 3.58
N PHE A 143 11.46 3.04 4.29
CA PHE A 143 11.05 3.01 5.69
C PHE A 143 9.57 3.23 5.94
N LEU A 144 8.84 3.68 4.95
CA LEU A 144 7.39 3.72 5.09
C LEU A 144 6.85 2.30 5.18
N PRO A 145 5.85 2.08 6.05
CA PRO A 145 5.19 0.78 6.16
C PRO A 145 4.35 0.53 4.92
N LEU A 146 4.11 -0.72 4.55
CA LEU A 146 3.38 -0.98 3.30
C LEU A 146 1.88 -1.12 3.46
N LEU A 147 1.15 -0.41 2.61
CA LEU A 147 -0.29 -0.44 2.65
C LEU A 147 -0.77 -1.64 1.86
N GLU A 148 -1.35 -2.63 2.54
CA GLU A 148 -1.77 -3.83 1.84
C GLU A 148 -3.27 -4.02 1.88
N VAL A 149 -3.94 -3.19 2.67
CA VAL A 149 -5.40 -3.15 2.63
C VAL A 149 -5.84 -2.14 1.56
N SER A 150 -7.03 -2.34 0.99
CA SER A 150 -7.52 -1.43 -0.05
C SER A 150 -7.65 -0.01 0.50
N CYS A 151 -6.87 0.91 -0.06
CA CYS A 151 -6.87 2.28 0.45
C CYS A 151 -7.29 3.28 -0.60
N SER A 152 -7.97 4.33 -0.14
CA SER A 152 -8.33 5.45 -0.98
C SER A 152 -7.73 6.70 -0.38
N PHE A 153 -7.50 7.71 -1.20
CA PHE A 153 -6.91 8.94 -0.70
C PHE A 153 -7.93 10.05 -0.67
N ASP A 154 -7.52 11.20 -0.15
CA ASP A 154 -8.37 12.36 -0.12
C ASP A 154 -7.53 13.59 0.15
N LEU A 155 -7.86 14.70 -0.49
CA LEU A 155 -7.12 15.94 -0.26
C LEU A 155 -7.75 16.79 0.86
N LEU A 156 -6.91 17.49 1.61
CA LEU A 156 -7.35 18.57 2.51
C LEU A 156 -6.75 19.89 2.06
N ILE A 157 -7.55 20.95 2.07
CA ILE A 157 -6.99 22.28 1.83
C ILE A 157 -7.29 23.14 3.04
N TYR A 158 -6.27 23.79 3.59
CA TYR A 158 -6.47 24.71 4.69
C TYR A 158 -6.46 26.13 4.15
N THR A 159 -7.44 26.92 4.55
CA THR A 159 -7.55 28.28 4.03
C THR A 159 -8.22 29.23 5.03
N ASP A 160 -8.32 30.51 4.69
CA ASP A 160 -8.92 31.51 5.58
C ASP A 160 -10.44 31.40 5.62
N LYS A 161 -11.01 31.70 6.79
CA LYS A 161 -12.46 31.81 6.87
C LYS A 161 -12.88 32.93 5.94
N ASP A 162 -11.94 33.84 5.69
CA ASP A 162 -12.20 35.02 4.89
C ASP A 162 -12.08 34.72 3.40
N LEU A 163 -12.51 33.53 3.00
CA LEU A 163 -12.47 33.19 1.59
C LEU A 163 -13.74 32.50 1.12
N VAL A 164 -14.09 32.72 -0.13
CA VAL A 164 -15.26 32.10 -0.74
C VAL A 164 -14.84 30.84 -1.50
N VAL A 165 -15.37 29.71 -1.07
CA VAL A 165 -15.02 28.43 -1.66
C VAL A 165 -16.22 27.85 -2.38
N PRO A 166 -16.02 27.42 -3.63
CA PRO A 166 -17.07 26.81 -4.44
C PRO A 166 -17.95 25.82 -3.65
N GLU A 167 -19.20 25.67 -4.06
CA GLU A 167 -20.20 24.96 -3.27
C GLU A 167 -19.88 23.51 -2.93
N LYS A 168 -19.17 22.82 -3.81
CA LYS A 168 -18.93 21.39 -3.62
C LYS A 168 -18.12 21.05 -2.35
N TRP A 169 -17.05 21.81 -2.09
CA TRP A 169 -16.23 21.57 -0.90
C TRP A 169 -17.09 21.65 0.36
N GLU A 170 -16.58 21.10 1.46
CA GLU A 170 -17.23 21.27 2.76
C GLU A 170 -16.25 21.02 3.91
N GLU A 171 -16.50 21.68 5.05
CA GLU A 171 -15.65 21.56 6.23
C GLU A 171 -15.40 20.11 6.58
N SER A 172 -14.18 19.82 7.04
CA SER A 172 -13.84 18.45 7.42
C SER A 172 -12.79 18.35 8.52
N GLY A 173 -12.98 17.37 9.38
CA GLY A 173 -12.03 17.08 10.43
C GLY A 173 -10.66 16.89 9.83
N PRO A 174 -9.63 17.16 10.62
CA PRO A 174 -8.21 17.04 10.28
C PRO A 174 -7.74 15.62 9.95
N GLN A 175 -8.28 14.65 10.67
CA GLN A 175 -7.96 13.26 10.39
C GLN A 175 -6.49 12.96 10.58
N PHE A 176 -6.00 13.21 11.79
CA PHE A 176 -4.64 12.86 12.12
C PHE A 176 -4.59 11.38 12.37
N ILE A 177 -3.38 10.82 12.48
CA ILE A 177 -3.24 9.39 12.71
C ILE A 177 -3.20 9.03 14.20
N THR A 178 -4.14 8.17 14.60
CA THR A 178 -4.26 7.68 15.98
C THR A 178 -2.90 7.57 16.66
N ASN A 179 -2.09 6.61 16.24
CA ASN A 179 -0.75 6.47 16.77
C ASN A 179 0.28 6.65 15.66
N SER A 180 0.99 7.77 15.67
CA SER A 180 1.77 8.17 14.50
C SER A 180 3.27 8.40 14.70
N GLU A 181 3.95 8.55 13.58
CA GLU A 181 5.36 8.83 13.54
C GLU A 181 5.60 9.67 12.31
N GLU A 182 6.11 10.87 12.48
CA GLU A 182 6.33 11.75 11.35
C GLU A 182 7.82 11.83 11.00
N VAL A 183 8.11 12.29 9.79
CA VAL A 183 9.49 12.52 9.35
C VAL A 183 9.54 13.74 8.46
N ARG A 184 10.25 14.78 8.90
CA ARG A 184 10.22 16.05 8.20
C ARG A 184 11.18 16.05 7.02
N LEU A 185 10.73 16.63 5.89
CA LEU A 185 11.46 16.57 4.63
C LEU A 185 11.99 17.94 4.13
N ARG A 186 12.76 17.94 3.04
CA ARG A 186 13.27 19.17 2.45
C ARG A 186 12.17 20.13 2.03
N SER A 187 12.54 21.39 1.84
CA SER A 187 11.56 22.44 1.60
C SER A 187 12.03 23.43 0.55
N PHE A 188 11.45 23.34 -0.64
CA PHE A 188 11.81 24.25 -1.72
C PHE A 188 11.08 25.59 -1.58
N THR A 189 11.53 26.60 -2.31
CA THR A 189 10.96 27.93 -2.19
C THR A 189 11.25 28.84 -3.39
N THR A 190 10.22 29.54 -3.83
CA THR A 190 10.32 30.44 -4.97
C THR A 190 10.59 31.85 -4.52
N THR A 191 10.85 32.01 -3.22
CA THR A 191 10.99 33.32 -2.57
C THR A 191 9.64 34.04 -2.42
N ILE A 192 8.62 33.54 -3.09
CA ILE A 192 7.28 34.03 -2.88
C ILE A 192 6.44 32.94 -2.22
N HIS A 193 6.83 31.69 -2.47
CA HIS A 193 6.19 30.57 -1.81
C HIS A 193 7.23 29.58 -1.31
N LYS A 194 7.18 29.25 -0.02
CA LYS A 194 7.98 28.17 0.52
C LYS A 194 7.06 27.01 0.79
N VAL A 195 7.51 25.79 0.49
CA VAL A 195 6.68 24.61 0.72
C VAL A 195 7.38 23.56 1.58
N ASN A 196 7.02 23.50 2.85
CA ASN A 196 7.52 22.47 3.75
C ASN A 196 6.73 21.19 3.56
N SER A 197 7.44 20.08 3.40
CA SER A 197 6.79 18.81 3.15
C SER A 197 7.24 17.82 4.23
N MET A 198 6.28 17.10 4.79
CA MET A 198 6.59 16.09 5.78
C MET A 198 5.55 14.99 5.80
N VAL A 199 6.03 13.76 5.87
CA VAL A 199 5.15 12.59 5.84
C VAL A 199 4.91 12.10 7.26
N ALA A 200 3.83 11.34 7.43
CA ALA A 200 3.44 10.82 8.74
C ALA A 200 2.77 9.47 8.57
N TYR A 201 3.38 8.44 9.14
CA TYR A 201 2.87 7.08 8.96
C TYR A 201 2.38 6.46 10.24
N LYS A 202 1.63 5.35 10.13
CA LYS A 202 1.11 4.65 11.32
C LYS A 202 2.10 3.65 11.89
N ILE A 203 2.37 3.78 13.19
CA ILE A 203 3.36 2.93 13.85
C ILE A 203 2.82 1.53 14.00
N PRO A 204 3.50 0.56 13.39
CA PRO A 204 3.08 -0.85 13.33
C PRO A 204 2.51 -1.38 14.64
N GLY B 11 24.10 14.38 14.55
CA GLY B 11 23.91 12.97 14.87
C GLY B 11 24.94 12.04 14.24
N SER B 12 24.78 10.75 14.51
CA SER B 12 25.43 9.68 13.74
C SER B 12 24.67 8.36 13.84
N ILE B 13 24.68 7.62 12.74
CA ILE B 13 23.89 6.41 12.56
C ILE B 13 24.56 5.18 13.11
N THR B 14 23.80 4.31 13.78
CA THR B 14 24.40 3.12 14.38
C THR B 14 24.07 1.83 13.66
N LEU B 15 25.12 1.17 13.19
CA LEU B 15 24.98 -0.07 12.42
C LEU B 15 25.23 -1.23 13.35
N ARG B 16 24.17 -1.87 13.85
CA ARG B 16 24.36 -3.03 14.72
C ARG B 16 24.14 -4.33 13.97
N GLY B 17 25.04 -5.28 14.18
CA GLY B 17 24.86 -6.60 13.61
C GLY B 17 26.14 -7.42 13.50
N SER B 18 26.03 -8.62 12.94
CA SER B 18 27.19 -9.43 12.57
C SER B 18 27.94 -8.75 11.42
N ALA B 19 28.99 -9.38 10.90
CA ALA B 19 29.74 -8.74 9.82
C ALA B 19 29.11 -8.89 8.44
N GLU B 20 28.81 -10.12 8.04
CA GLU B 20 28.26 -10.34 6.72
C GLU B 20 27.11 -9.39 6.48
N ILE B 21 26.51 -8.92 7.57
CA ILE B 21 25.35 -8.04 7.52
C ILE B 21 25.75 -6.57 7.54
N VAL B 22 26.52 -6.16 8.54
CA VAL B 22 26.86 -4.74 8.72
C VAL B 22 27.41 -4.12 7.44
N ALA B 23 28.22 -4.87 6.72
CA ALA B 23 28.66 -4.43 5.42
C ALA B 23 27.44 -4.13 4.56
N GLU B 24 26.59 -5.12 4.34
CA GLU B 24 25.43 -4.94 3.47
C GLU B 24 24.64 -3.69 3.84
N PHE B 25 24.51 -3.43 5.15
CA PHE B 25 23.84 -2.24 5.64
C PHE B 25 24.55 -0.98 5.17
N PHE B 26 25.84 -0.89 5.48
CA PHE B 26 26.66 0.20 4.97
C PHE B 26 26.36 0.45 3.50
N SER B 27 26.51 -0.58 2.67
CA SER B 27 26.18 -0.47 1.26
C SER B 27 24.84 0.21 1.03
N PHE B 28 23.80 -0.22 1.74
CA PHE B 28 22.48 0.38 1.56
C PHE B 28 22.45 1.85 1.94
N GLY B 29 23.19 2.21 2.97
CA GLY B 29 23.22 3.58 3.42
C GLY B 29 24.01 4.51 2.50
N ILE B 30 25.30 4.20 2.35
CA ILE B 30 26.17 4.94 1.44
C ILE B 30 25.50 5.06 0.07
N ASN B 31 24.63 4.12 -0.28
CA ASN B 31 23.84 4.24 -1.49
C ASN B 31 22.79 5.31 -1.37
N SER B 32 21.94 5.21 -0.35
CA SER B 32 20.88 6.18 -0.13
C SER B 32 21.41 7.59 -0.10
N ILE B 33 22.57 7.76 0.53
CA ILE B 33 23.20 9.07 0.58
C ILE B 33 23.55 9.60 -0.83
N LEU B 34 24.11 8.73 -1.66
CA LEU B 34 24.44 9.08 -3.03
C LEU B 34 23.20 9.45 -3.81
N TYR B 35 22.05 8.87 -3.46
CA TYR B 35 20.83 9.16 -4.19
C TYR B 35 20.24 10.46 -3.73
N GLN B 36 19.95 10.57 -2.44
CA GLN B 36 19.24 11.73 -1.93
C GLN B 36 20.04 13.03 -2.01
N ARG B 37 21.36 12.91 -2.10
CA ARG B 37 22.19 14.11 -2.20
C ARG B 37 22.54 14.41 -3.67
N GLY B 38 21.95 13.65 -4.58
CA GLY B 38 22.19 13.87 -5.99
C GLY B 38 23.66 13.76 -6.41
N ILE B 39 24.47 13.14 -5.57
CA ILE B 39 25.86 12.86 -5.95
C ILE B 39 25.89 12.27 -7.35
N TYR B 40 25.28 11.11 -7.57
CA TYR B 40 24.99 10.62 -8.92
C TYR B 40 23.59 11.01 -9.26
N PRO B 41 23.23 10.94 -10.54
CA PRO B 41 21.89 11.29 -11.04
C PRO B 41 20.80 10.42 -10.48
N SER B 42 19.57 10.60 -10.94
CA SER B 42 18.47 9.77 -10.47
C SER B 42 18.42 8.50 -11.28
N GLU B 43 18.56 8.64 -12.59
CA GLU B 43 18.52 7.53 -13.51
C GLU B 43 19.71 6.59 -13.34
N THR B 44 20.65 6.98 -12.50
CA THR B 44 21.79 6.14 -12.18
C THR B 44 21.33 4.93 -11.38
N PHE B 45 20.30 5.12 -10.55
CA PHE B 45 19.90 4.12 -9.56
C PHE B 45 18.73 3.24 -10.02
N THR B 46 18.38 2.24 -9.19
CA THR B 46 17.20 1.43 -9.44
C THR B 46 16.70 0.88 -8.13
N ARG B 47 15.47 0.40 -8.14
CA ARG B 47 14.89 -0.23 -6.97
C ARG B 47 15.19 -1.70 -7.05
N VAL B 48 15.62 -2.27 -5.93
CA VAL B 48 15.86 -3.70 -5.84
C VAL B 48 15.20 -4.10 -4.55
N GLN B 49 14.61 -5.28 -4.48
CA GLN B 49 14.07 -5.64 -3.20
C GLN B 49 14.85 -6.75 -2.54
N LYS B 50 15.09 -6.61 -1.26
CA LYS B 50 15.79 -7.61 -0.48
C LYS B 50 15.31 -7.53 0.96
N TYR B 51 15.09 -8.68 1.59
CA TYR B 51 14.51 -8.70 2.94
C TYR B 51 13.09 -8.15 2.94
N GLY B 52 12.41 -8.28 1.82
CA GLY B 52 11.01 -7.86 1.72
C GLY B 52 10.84 -6.36 1.67
N LEU B 53 11.96 -5.65 1.61
CA LEU B 53 11.92 -4.21 1.50
C LEU B 53 12.32 -3.80 0.10
N THR B 54 11.99 -2.58 -0.27
CA THR B 54 12.49 -2.00 -1.52
C THR B 54 13.66 -1.10 -1.17
N LEU B 55 14.73 -1.15 -1.95
CA LEU B 55 15.91 -0.33 -1.68
C LEU B 55 16.44 0.32 -2.92
N LEU B 56 16.94 1.54 -2.77
CA LEU B 56 17.54 2.21 -3.89
C LEU B 56 19.02 1.90 -3.83
N VAL B 57 19.58 1.48 -4.95
CA VAL B 57 21.00 1.20 -5.04
C VAL B 57 21.48 1.66 -6.38
N THR B 58 22.78 1.93 -6.50
CA THR B 58 23.29 2.48 -7.74
C THR B 58 23.58 1.40 -8.73
N THR B 59 23.65 1.79 -10.00
CA THR B 59 23.92 0.86 -11.09
C THR B 59 25.03 1.38 -12.02
N ASP B 60 25.79 2.39 -11.57
CA ASP B 60 26.94 2.82 -12.33
C ASP B 60 28.04 1.83 -12.07
N LEU B 61 28.47 1.14 -13.12
CA LEU B 61 29.41 0.04 -12.96
C LEU B 61 30.70 0.46 -12.25
N GLU B 62 31.18 1.66 -12.51
CA GLU B 62 32.35 2.19 -11.80
C GLU B 62 32.17 1.95 -10.33
N LEU B 63 31.12 2.56 -9.81
CA LEU B 63 30.84 2.59 -8.39
C LEU B 63 30.74 1.19 -7.83
N ILE B 64 29.99 0.32 -8.51
CA ILE B 64 29.77 -1.05 -8.03
C ILE B 64 31.08 -1.76 -7.81
N LYS B 65 31.93 -1.74 -8.83
CA LYS B 65 33.27 -2.29 -8.71
C LYS B 65 33.92 -1.78 -7.44
N TYR B 66 34.03 -0.45 -7.35
CA TYR B 66 34.68 0.18 -6.20
C TYR B 66 33.99 -0.12 -4.86
N LEU B 67 32.74 0.31 -4.69
CA LEU B 67 31.98 0.09 -3.47
C LEU B 67 32.02 -1.35 -3.06
N ASN B 68 32.23 -2.22 -4.04
CA ASN B 68 32.30 -3.64 -3.77
C ASN B 68 33.61 -4.02 -3.12
N ASN B 69 34.71 -3.75 -3.83
CA ASN B 69 36.04 -4.05 -3.30
C ASN B 69 36.30 -3.48 -1.91
N VAL B 70 35.88 -2.24 -1.69
CA VAL B 70 35.95 -1.64 -0.37
C VAL B 70 35.02 -2.35 0.63
N VAL B 71 33.81 -2.73 0.23
CA VAL B 71 32.91 -3.39 1.18
C VAL B 71 33.34 -4.81 1.47
N GLU B 72 33.90 -5.49 0.49
CA GLU B 72 34.36 -6.86 0.71
C GLU B 72 35.50 -6.87 1.71
N GLN B 73 36.42 -5.93 1.56
CA GLN B 73 37.55 -5.85 2.45
C GLN B 73 37.08 -5.45 3.83
N LEU B 74 35.93 -4.79 3.87
CA LEU B 74 35.34 -4.37 5.12
C LEU B 74 34.58 -5.54 5.78
N LYS B 75 33.87 -6.31 4.96
CA LYS B 75 33.20 -7.52 5.42
C LYS B 75 34.21 -8.37 6.16
N ASP B 76 35.47 -8.28 5.74
CA ASP B 76 36.53 -9.09 6.31
C ASP B 76 37.03 -8.54 7.64
N TRP B 77 37.54 -7.31 7.65
CA TRP B 77 37.98 -6.71 8.90
C TRP B 77 36.92 -6.83 9.97
N LEU B 78 35.67 -6.98 9.55
CA LEU B 78 34.56 -6.99 10.47
C LEU B 78 34.35 -8.35 11.17
N TYR B 79 34.58 -9.45 10.47
CA TYR B 79 34.31 -10.77 11.04
C TYR B 79 35.03 -10.97 12.37
N LYS B 80 35.87 -10.00 12.73
CA LYS B 80 36.57 -10.02 14.00
C LYS B 80 36.43 -8.71 14.82
N CYS B 81 35.62 -7.78 14.35
CA CYS B 81 35.33 -6.57 15.09
C CYS B 81 36.55 -5.66 15.26
N SER B 82 37.26 -5.44 14.16
CA SER B 82 38.46 -4.65 14.20
C SER B 82 38.17 -3.20 13.84
N VAL B 83 37.01 -2.97 13.23
CA VAL B 83 36.65 -1.63 12.77
C VAL B 83 35.57 -0.97 13.64
N GLN B 84 35.93 0.18 14.20
CA GLN B 84 35.11 0.87 15.18
C GLN B 84 34.08 1.80 14.54
N LYS B 85 34.53 2.69 13.65
CA LYS B 85 33.61 3.57 12.93
C LYS B 85 34.01 3.86 11.50
N LEU B 86 33.01 3.96 10.63
CA LEU B 86 33.21 4.43 9.27
C LEU B 86 32.74 5.87 9.21
N VAL B 87 33.51 6.74 8.54
CA VAL B 87 33.05 8.12 8.30
C VAL B 87 33.23 8.57 6.86
N VAL B 88 32.14 9.05 6.27
CA VAL B 88 32.13 9.56 4.91
C VAL B 88 32.23 11.09 4.95
N VAL B 89 33.13 11.64 4.15
CA VAL B 89 33.36 13.07 4.19
C VAL B 89 33.25 13.70 2.82
N ILE B 90 32.04 14.15 2.49
CA ILE B 90 31.80 14.87 1.26
C ILE B 90 32.39 16.26 1.38
N SER B 91 33.40 16.55 0.56
CA SER B 91 34.01 17.85 0.60
C SER B 91 34.12 18.42 -0.80
N ASN B 92 34.11 19.74 -0.89
CA ASN B 92 34.30 20.42 -2.16
C ASN B 92 35.65 20.01 -2.76
N ILE B 93 35.70 19.82 -4.07
CA ILE B 93 36.88 19.22 -4.69
C ILE B 93 38.01 20.22 -5.00
N GLU B 94 37.64 21.45 -5.28
CA GLU B 94 38.67 22.44 -5.50
C GLU B 94 38.87 23.11 -4.17
N SER B 95 37.75 23.44 -3.56
CA SER B 95 37.73 24.17 -2.31
C SER B 95 38.64 23.50 -1.30
N GLY B 96 38.32 22.27 -0.99
CA GLY B 96 38.97 21.60 0.10
C GLY B 96 38.01 21.56 1.26
N GLU B 97 37.21 22.63 1.39
CA GLU B 97 36.30 22.74 2.52
C GLU B 97 35.36 21.56 2.58
N VAL B 98 35.18 21.05 3.78
CA VAL B 98 34.23 19.99 4.00
C VAL B 98 32.84 20.55 3.76
N LEU B 99 31.90 19.66 3.42
CA LEU B 99 30.53 20.07 3.17
C LEU B 99 29.59 19.36 4.11
N GLU B 100 29.95 18.14 4.49
CA GLU B 100 29.14 17.35 5.39
C GLU B 100 29.83 16.03 5.72
N ARG B 101 29.59 15.53 6.93
CA ARG B 101 30.13 14.25 7.30
C ARG B 101 28.98 13.31 7.59
N TRP B 102 29.14 12.06 7.18
CA TRP B 102 28.17 11.01 7.51
C TRP B 102 28.91 9.96 8.32
N GLN B 103 28.57 9.83 9.60
CA GLN B 103 29.32 8.95 10.48
C GLN B 103 28.54 7.72 10.85
N PHE B 104 29.15 6.56 10.64
CA PHE B 104 28.52 5.30 11.03
C PHE B 104 29.25 4.67 12.22
N ASP B 105 28.53 4.50 13.33
CA ASP B 105 29.08 3.86 14.52
C ASP B 105 28.74 2.39 14.46
N ILE B 106 29.74 1.56 14.75
CA ILE B 106 29.59 0.11 14.58
C ILE B 106 29.33 -0.63 15.90
N GLU B 107 28.35 -1.53 15.87
CA GLU B 107 27.94 -2.32 17.02
C GLU B 107 28.34 -3.73 16.69
N CYS B 108 29.57 -4.10 17.02
CA CYS B 108 30.16 -5.30 16.44
C CYS B 108 29.89 -6.59 17.20
N ASP B 109 29.27 -7.56 16.53
CA ASP B 109 29.09 -8.92 17.03
C ASP B 109 29.99 -9.89 16.26
N LYS B 110 30.97 -10.47 16.93
CA LYS B 110 31.90 -11.39 16.30
C LYS B 110 31.14 -12.55 15.65
N THR B 111 31.69 -13.11 14.57
CA THR B 111 31.04 -14.21 13.86
C THR B 111 32.04 -15.11 13.15
N SER B 122 14.91 -13.87 13.71
CA SER B 122 14.42 -14.10 12.36
C SER B 122 14.67 -12.89 11.44
N GLN B 123 13.78 -12.70 10.47
CA GLN B 123 13.92 -11.62 9.50
C GLN B 123 13.34 -10.29 9.97
N LYS B 124 12.28 -10.35 10.76
CA LYS B 124 11.67 -9.16 11.34
C LYS B 124 12.76 -8.26 11.92
N ALA B 125 13.82 -8.89 12.44
CA ALA B 125 14.93 -8.18 13.07
C ALA B 125 15.63 -7.26 12.09
N ILE B 126 16.24 -7.88 11.08
CA ILE B 126 16.95 -7.13 10.06
C ILE B 126 16.07 -6.05 9.51
N GLN B 127 14.85 -6.41 9.19
CA GLN B 127 13.94 -5.46 8.58
C GLN B 127 13.98 -4.13 9.31
N ASP B 128 13.77 -4.18 10.62
CA ASP B 128 13.69 -2.96 11.40
C ASP B 128 15.01 -2.20 11.39
N GLU B 129 16.11 -2.92 11.40
CA GLU B 129 17.42 -2.28 11.34
C GLU B 129 17.57 -1.40 10.11
N ILE B 130 17.43 -2.00 8.93
CA ILE B 130 17.58 -1.27 7.67
C ILE B 130 16.75 -0.01 7.73
N ARG B 131 15.47 -0.16 8.00
CA ARG B 131 14.59 0.99 8.10
C ARG B 131 15.18 2.10 8.95
N SER B 132 15.51 1.81 10.21
CA SER B 132 15.99 2.88 11.09
C SER B 132 17.14 3.63 10.43
N VAL B 133 17.98 2.92 9.69
CA VAL B 133 19.11 3.56 9.00
C VAL B 133 18.66 4.46 7.88
N ILE B 134 17.98 3.91 6.87
CA ILE B 134 17.47 4.71 5.78
C ILE B 134 16.60 5.86 6.31
N ARG B 135 15.78 5.58 7.31
CA ARG B 135 14.96 6.61 7.92
C ARG B 135 15.81 7.69 8.54
N GLN B 136 16.86 7.31 9.26
CA GLN B 136 17.79 8.30 9.82
C GLN B 136 18.40 9.14 8.70
N ILE B 137 19.17 8.49 7.83
CA ILE B 137 19.78 9.14 6.68
C ILE B 137 18.82 10.12 6.04
N THR B 138 17.58 9.68 5.85
CA THR B 138 16.57 10.52 5.20
C THR B 138 16.21 11.75 6.00
N ALA B 139 15.93 11.58 7.29
CA ALA B 139 15.52 12.72 8.09
C ALA B 139 16.64 13.74 8.16
N THR B 140 17.87 13.27 7.94
CA THR B 140 19.05 14.11 7.96
C THR B 140 19.15 14.98 6.71
N VAL B 141 19.13 14.32 5.56
CA VAL B 141 19.21 15.05 4.32
C VAL B 141 18.23 16.21 4.33
N THR B 142 17.24 16.18 5.22
CA THR B 142 16.33 17.30 5.34
C THR B 142 17.04 18.61 5.68
N PHE B 143 18.00 18.54 6.59
CA PHE B 143 18.57 19.76 7.14
C PHE B 143 19.80 20.26 6.42
N LEU B 144 20.31 19.44 5.50
CA LEU B 144 21.50 19.81 4.74
C LEU B 144 21.14 20.77 3.62
N PRO B 145 22.08 21.63 3.26
CA PRO B 145 21.88 22.63 2.20
C PRO B 145 21.92 21.86 0.94
N LEU B 146 21.45 22.45 -0.14
CA LEU B 146 21.54 21.78 -1.41
C LEU B 146 23.01 21.77 -1.83
N LEU B 147 23.48 20.68 -2.43
CA LEU B 147 24.82 20.66 -3.00
C LEU B 147 24.76 21.37 -4.33
N GLU B 148 25.87 21.95 -4.79
CA GLU B 148 25.82 22.63 -6.08
C GLU B 148 27.16 22.66 -6.81
N VAL B 149 28.17 22.08 -6.18
CA VAL B 149 29.52 22.07 -6.74
C VAL B 149 30.07 20.66 -6.93
N SER B 150 31.20 20.53 -7.61
CA SER B 150 31.82 19.22 -7.77
C SER B 150 32.27 18.83 -6.39
N CYS B 151 32.69 17.58 -6.19
CA CYS B 151 33.11 17.16 -4.86
C CYS B 151 33.73 15.79 -4.77
N SER B 152 34.47 15.58 -3.68
CA SER B 152 35.14 14.33 -3.42
C SER B 152 34.56 13.58 -2.23
N PHE B 153 34.62 12.27 -2.31
CA PHE B 153 34.26 11.43 -1.21
C PHE B 153 35.51 10.99 -0.50
N ASP B 154 35.45 10.93 0.82
CA ASP B 154 36.53 10.36 1.59
C ASP B 154 35.95 9.38 2.59
N LEU B 155 36.19 8.09 2.36
CA LEU B 155 35.76 7.08 3.31
C LEU B 155 36.89 6.90 4.32
N LEU B 156 36.54 6.86 5.59
CA LEU B 156 37.53 6.64 6.63
C LEU B 156 37.17 5.40 7.42
N ILE B 157 37.96 4.34 7.24
CA ILE B 157 37.76 3.15 8.03
C ILE B 157 38.61 3.34 9.27
N TYR B 158 37.96 3.40 10.44
CA TYR B 158 38.66 3.55 11.71
C TYR B 158 38.85 2.20 12.38
N THR B 159 40.10 1.80 12.58
CA THR B 159 40.39 0.44 13.06
C THR B 159 41.25 0.38 14.31
N ASP B 160 41.39 -0.82 14.87
CA ASP B 160 42.22 -1.01 16.04
C ASP B 160 43.65 -0.71 15.64
N LYS B 161 44.44 -0.15 16.56
CA LYS B 161 45.83 0.14 16.25
C LYS B 161 46.54 -1.11 15.74
N ASP B 162 45.96 -2.27 15.99
CA ASP B 162 46.52 -3.53 15.52
C ASP B 162 45.72 -4.10 14.34
N LEU B 163 46.40 -4.58 13.31
CA LEU B 163 45.69 -5.04 12.10
C LEU B 163 46.48 -5.70 10.95
N VAL B 164 45.78 -6.60 10.28
CA VAL B 164 46.30 -7.28 9.10
C VAL B 164 46.39 -6.30 7.94
N VAL B 165 46.08 -5.04 8.23
CA VAL B 165 46.02 -3.98 7.22
C VAL B 165 47.25 -3.86 6.31
N PRO B 166 47.04 -4.06 4.99
CA PRO B 166 48.15 -3.94 4.03
C PRO B 166 48.60 -2.49 4.02
N GLU B 167 49.86 -2.24 3.66
CA GLU B 167 50.40 -0.90 3.81
C GLU B 167 49.62 0.13 2.98
N LYS B 168 49.23 -0.24 1.78
CA LYS B 168 48.60 0.72 0.86
C LYS B 168 47.28 1.29 1.31
N TRP B 169 46.56 0.55 2.13
CA TRP B 169 45.23 0.96 2.56
C TRP B 169 45.27 2.18 3.46
N GLU B 170 46.40 2.43 4.11
CA GLU B 170 46.46 3.54 5.06
C GLU B 170 47.09 4.75 4.40
N GLU B 171 46.52 5.92 4.68
CA GLU B 171 46.98 7.19 4.11
C GLU B 171 46.53 7.45 2.66
N SER B 172 47.13 6.77 1.69
CA SER B 172 46.77 6.98 0.29
C SER B 172 45.41 6.37 -0.05
N GLY B 173 45.19 5.13 0.37
CA GLY B 173 43.92 4.45 0.14
C GLY B 173 43.64 4.20 -1.33
N PRO B 174 42.67 3.34 -1.63
CA PRO B 174 42.30 3.09 -3.02
C PRO B 174 41.27 4.12 -3.42
N GLN B 175 41.24 4.51 -4.69
CA GLN B 175 40.35 5.56 -5.14
C GLN B 175 39.99 5.45 -6.61
N PHE B 176 38.99 6.22 -7.03
CA PHE B 176 38.62 6.30 -8.44
C PHE B 176 38.16 7.69 -8.83
N ILE B 177 38.19 7.97 -10.13
CA ILE B 177 37.91 9.30 -10.65
C ILE B 177 36.78 9.20 -11.65
N THR B 178 36.01 10.28 -11.79
CA THR B 178 35.03 10.36 -12.87
C THR B 178 34.94 11.77 -13.38
N ASN B 179 35.64 12.05 -14.48
CA ASN B 179 35.66 13.39 -15.06
C ASN B 179 34.43 13.59 -15.92
N SER B 180 33.67 12.51 -16.12
CA SER B 180 32.45 12.62 -16.91
C SER B 180 31.40 13.52 -16.23
N GLU B 181 30.83 14.40 -17.03
CA GLU B 181 29.80 15.33 -16.56
C GLU B 181 28.60 14.55 -16.06
N GLU B 182 27.60 15.27 -15.57
CA GLU B 182 26.33 14.67 -15.14
C GLU B 182 26.43 14.07 -13.76
N VAL B 183 27.63 14.02 -13.21
CA VAL B 183 27.86 13.47 -11.88
C VAL B 183 28.65 14.39 -10.94
N ARG B 184 28.05 14.74 -9.80
CA ARG B 184 28.71 15.58 -8.81
C ARG B 184 30.04 14.99 -8.38
N LEU B 185 30.05 13.70 -8.11
CA LEU B 185 31.25 13.03 -7.61
C LEU B 185 32.39 13.16 -8.61
N ARG B 186 33.60 13.38 -8.11
CA ARG B 186 34.76 13.48 -8.98
C ARG B 186 35.87 12.55 -8.56
N SER B 187 35.99 12.34 -7.26
CA SER B 187 36.94 11.39 -6.73
C SER B 187 36.41 10.76 -5.45
N PHE B 188 36.48 9.44 -5.40
CA PHE B 188 36.05 8.70 -4.23
C PHE B 188 37.28 7.96 -3.77
N THR B 189 37.69 8.17 -2.52
CA THR B 189 38.90 7.54 -2.02
C THR B 189 38.70 7.03 -0.58
N THR B 190 39.15 5.81 -0.32
CA THR B 190 39.06 5.24 1.02
C THR B 190 40.43 5.22 1.70
N THR B 191 40.43 5.27 3.02
CA THR B 191 41.67 5.37 3.79
C THR B 191 41.44 4.83 5.18
N ILE B 192 42.39 4.05 5.69
CA ILE B 192 42.27 3.49 7.03
C ILE B 192 42.98 4.30 8.10
N HIS B 193 42.26 4.63 9.15
CA HIS B 193 42.83 5.38 10.28
C HIS B 193 42.83 4.56 11.57
N LYS B 194 44.00 4.00 11.90
CA LYS B 194 44.14 3.16 13.08
C LYS B 194 44.17 4.02 14.32
N VAL B 195 43.19 3.84 15.20
CA VAL B 195 43.21 4.55 16.48
C VAL B 195 42.81 3.69 17.69
N ASN B 196 43.79 3.44 18.54
CA ASN B 196 43.56 2.79 19.82
C ASN B 196 42.81 1.47 19.71
N SER B 197 42.35 0.99 20.85
CA SER B 197 41.68 -0.29 20.94
C SER B 197 40.93 -0.31 22.26
N MET B 198 39.86 -1.09 22.34
CA MET B 198 39.04 -1.08 23.54
C MET B 198 38.83 -2.48 24.12
N VAL B 199 38.77 -2.56 25.45
CA VAL B 199 38.52 -3.82 26.12
C VAL B 199 37.47 -3.68 27.21
N ALA B 200 36.39 -4.45 27.08
CA ALA B 200 35.30 -4.42 28.04
C ALA B 200 35.55 -5.34 29.23
N TYR B 201 35.41 -4.81 30.44
CA TYR B 201 35.64 -5.55 31.67
C TYR B 201 34.40 -5.54 32.59
N LYS B 202 34.38 -6.43 33.58
CA LYS B 202 33.36 -6.42 34.64
C LYS B 202 33.98 -6.22 36.03
N ILE B 203 33.15 -6.32 37.06
CA ILE B 203 33.65 -6.30 38.43
C ILE B 203 32.85 -7.16 39.42
N PRO B 204 32.58 -8.43 39.07
CA PRO B 204 31.90 -9.24 40.09
C PRO B 204 32.67 -9.24 41.41
N VAL B 205 31.99 -9.14 42.55
CA VAL B 205 32.65 -9.16 43.86
C VAL B 205 32.06 -10.20 44.80
N SER C 12 42.80 27.84 37.74
CA SER C 12 43.66 26.87 37.08
C SER C 12 43.57 25.47 37.72
N ILE C 13 43.68 24.44 36.89
CA ILE C 13 43.53 23.05 37.34
C ILE C 13 44.47 22.08 36.62
N THR C 14 44.89 21.04 37.31
CA THR C 14 45.92 20.14 36.83
C THR C 14 45.46 18.69 36.76
N LEU C 15 46.23 17.88 36.05
CA LEU C 15 45.98 16.45 36.00
C LEU C 15 45.99 15.88 37.43
N ARG C 16 46.81 16.50 38.27
CA ARG C 16 46.85 16.21 39.69
C ARG C 16 45.43 15.98 40.22
N GLY C 17 44.54 16.90 39.86
CA GLY C 17 43.19 16.91 40.41
C GLY C 17 42.08 16.62 39.42
N SER C 18 42.29 16.96 38.16
CA SER C 18 41.26 16.72 37.17
C SER C 18 40.98 15.24 37.10
N ALA C 19 41.96 14.43 37.47
CA ALA C 19 41.73 13.01 37.62
C ALA C 19 40.72 12.78 38.74
N GLU C 20 40.92 13.48 39.85
CA GLU C 20 40.04 13.34 41.00
C GLU C 20 38.63 13.82 40.69
N ILE C 21 38.50 15.05 40.20
CA ILE C 21 37.19 15.64 39.95
C ILE C 21 36.25 14.68 39.24
N VAL C 22 36.75 14.03 38.20
CA VAL C 22 35.96 13.07 37.44
C VAL C 22 35.66 11.83 38.29
N ALA C 23 36.65 11.34 39.01
CA ALA C 23 36.40 10.22 39.90
C ALA C 23 35.27 10.58 40.84
N GLU C 24 35.38 11.74 41.48
CA GLU C 24 34.35 12.21 42.40
C GLU C 24 32.98 12.13 41.75
N PHE C 25 32.91 12.65 40.53
CA PHE C 25 31.65 12.66 39.81
C PHE C 25 31.07 11.26 39.73
N PHE C 26 31.89 10.28 39.38
CA PHE C 26 31.40 8.91 39.23
C PHE C 26 30.87 8.32 40.52
N SER C 27 31.45 8.77 41.62
CA SER C 27 30.94 8.35 42.91
C SER C 27 29.49 8.83 43.05
N PHE C 28 29.30 10.14 43.06
CA PHE C 28 27.96 10.71 43.24
C PHE C 28 26.96 10.30 42.17
N GLY C 29 27.41 10.24 40.92
CA GLY C 29 26.54 9.85 39.83
C GLY C 29 26.02 8.44 39.98
N ILE C 30 26.94 7.50 40.18
CA ILE C 30 26.56 6.11 40.37
C ILE C 30 25.67 5.95 41.58
N ASN C 31 25.94 6.70 42.64
CA ASN C 31 25.05 6.71 43.78
C ASN C 31 23.69 7.24 43.36
N SER C 32 23.67 8.47 42.87
CA SER C 32 22.41 9.10 42.45
C SER C 32 21.67 8.31 41.36
N ILE C 33 22.40 7.51 40.58
CA ILE C 33 21.73 6.61 39.64
C ILE C 33 21.05 5.50 40.41
N LEU C 34 21.82 4.81 41.24
CA LEU C 34 21.33 3.70 42.03
C LEU C 34 20.13 4.11 42.87
N TYR C 35 20.19 5.31 43.42
CA TYR C 35 19.10 5.78 44.25
C TYR C 35 17.89 6.13 43.41
N GLN C 36 18.09 6.88 42.35
CA GLN C 36 16.96 7.32 41.56
C GLN C 36 16.34 6.20 40.73
N ARG C 37 16.81 4.98 40.90
CA ARG C 37 16.34 3.89 40.05
C ARG C 37 15.57 2.80 40.76
N GLY C 38 15.94 2.55 42.01
CA GLY C 38 15.26 1.54 42.78
C GLY C 38 16.12 0.30 42.83
N ILE C 39 17.41 0.53 42.59
CA ILE C 39 18.39 -0.54 42.69
C ILE C 39 18.51 -1.00 44.13
N TYR C 40 18.76 -0.05 45.02
CA TYR C 40 18.77 -0.30 46.44
C TYR C 40 17.63 0.47 47.10
N PRO C 41 17.12 -0.03 48.23
CA PRO C 41 16.01 0.55 48.97
C PRO C 41 16.24 2.01 49.26
N SER C 42 15.16 2.78 49.32
CA SER C 42 15.28 4.23 49.50
C SER C 42 15.94 4.63 50.82
N GLU C 43 15.74 3.83 51.86
CA GLU C 43 16.29 4.16 53.17
C GLU C 43 17.75 3.75 53.30
N THR C 44 18.25 3.04 52.30
CA THR C 44 19.66 2.67 52.23
C THR C 44 20.57 3.89 52.25
N PHE C 45 20.11 5.00 51.65
CA PHE C 45 20.94 6.18 51.39
C PHE C 45 20.76 7.32 52.37
N THR C 46 21.76 8.19 52.45
CA THR C 46 21.65 9.34 53.32
C THR C 46 21.74 10.62 52.51
N ARG C 47 21.08 11.67 52.98
CA ARG C 47 21.01 12.91 52.21
C ARG C 47 22.23 13.77 52.53
N VAL C 48 22.88 14.26 51.47
CA VAL C 48 24.13 15.01 51.62
C VAL C 48 24.21 16.15 50.61
N GLN C 49 25.11 17.09 50.85
CA GLN C 49 25.28 18.21 49.94
C GLN C 49 26.52 18.07 49.10
N LYS C 50 26.36 18.11 47.78
CA LYS C 50 27.50 18.31 46.91
C LYS C 50 27.10 18.90 45.57
N TYR C 51 28.02 19.64 44.98
CA TYR C 51 27.77 20.26 43.70
C TYR C 51 26.66 21.29 43.86
N GLY C 52 26.23 21.50 45.09
CA GLY C 52 25.22 22.51 45.34
C GLY C 52 23.83 21.96 45.21
N LEU C 53 23.74 20.65 45.03
CA LEU C 53 22.46 20.00 45.12
C LEU C 53 22.40 19.19 46.40
N THR C 54 21.34 18.41 46.52
CA THR C 54 21.22 17.46 47.59
C THR C 54 21.14 16.11 46.90
N LEU C 55 22.21 15.35 46.94
CA LEU C 55 22.18 14.01 46.39
C LEU C 55 22.15 12.98 47.52
N LEU C 56 21.92 11.72 47.18
CA LEU C 56 21.97 10.67 48.17
C LEU C 56 23.10 9.69 47.87
N VAL C 57 23.88 9.41 48.91
CA VAL C 57 24.90 8.39 48.81
C VAL C 57 24.44 7.22 49.67
N THR C 58 24.99 6.04 49.41
CA THR C 58 24.54 4.83 50.07
C THR C 58 25.16 4.65 51.47
N THR C 59 24.53 3.81 52.28
CA THR C 59 24.99 3.55 53.64
C THR C 59 25.50 2.12 53.76
N ASP C 60 24.90 1.21 52.99
CA ASP C 60 25.31 -0.19 53.00
C ASP C 60 26.84 -0.31 52.95
N LEU C 61 27.42 -0.93 53.97
CA LEU C 61 28.87 -1.04 54.05
C LEU C 61 29.44 -1.76 52.83
N GLU C 62 28.77 -2.82 52.40
CA GLU C 62 29.20 -3.60 51.25
C GLU C 62 29.36 -2.69 50.04
N LEU C 63 28.33 -1.91 49.74
CA LEU C 63 28.34 -1.04 48.58
C LEU C 63 29.32 0.13 48.73
N ILE C 64 29.59 0.55 49.96
CA ILE C 64 30.58 1.60 50.14
C ILE C 64 31.98 1.08 49.84
N LYS C 65 32.36 -0.04 50.46
CA LYS C 65 33.67 -0.64 50.22
C LYS C 65 33.85 -0.89 48.72
N TYR C 66 32.80 -1.37 48.07
CA TYR C 66 32.81 -1.59 46.64
C TYR C 66 33.17 -0.31 45.88
N LEU C 67 32.37 0.73 46.06
CA LEU C 67 32.57 1.95 45.30
C LEU C 67 33.90 2.66 45.63
N ASN C 68 34.31 2.62 46.88
CA ASN C 68 35.62 3.18 47.21
C ASN C 68 36.71 2.59 46.32
N ASN C 69 36.60 1.29 46.06
CA ASN C 69 37.56 0.61 45.20
C ASN C 69 37.53 1.11 43.75
N VAL C 70 36.33 1.25 43.20
CA VAL C 70 36.19 1.68 41.82
C VAL C 70 36.52 3.16 41.69
N VAL C 71 36.03 3.98 42.60
CA VAL C 71 36.35 5.40 42.55
C VAL C 71 37.86 5.54 42.64
N GLU C 72 38.47 4.70 43.47
CA GLU C 72 39.91 4.76 43.66
C GLU C 72 40.64 4.29 42.40
N GLN C 73 40.24 3.13 41.89
CA GLN C 73 40.91 2.56 40.73
C GLN C 73 40.80 3.49 39.51
N LEU C 74 39.70 4.23 39.43
CA LEU C 74 39.48 5.17 38.32
C LEU C 74 40.39 6.37 38.45
N LYS C 75 40.49 6.89 39.67
CA LYS C 75 41.40 7.98 39.96
C LYS C 75 42.77 7.65 39.37
N ASP C 76 43.21 6.42 39.60
CA ASP C 76 44.48 5.95 39.05
C ASP C 76 44.49 6.05 37.54
N TRP C 77 43.62 5.29 36.90
CA TRP C 77 43.65 5.16 35.45
C TRP C 77 43.36 6.46 34.70
N LEU C 78 42.63 7.37 35.33
CA LEU C 78 42.35 8.65 34.70
C LEU C 78 43.63 9.44 34.56
N TYR C 79 44.43 9.43 35.62
CA TYR C 79 45.72 10.09 35.61
C TYR C 79 46.51 9.67 34.37
N LYS C 80 46.45 8.37 34.06
CA LYS C 80 47.21 7.80 32.95
C LYS C 80 46.46 7.87 31.62
N CYS C 81 45.16 8.10 31.69
CA CYS C 81 44.34 8.11 30.49
C CYS C 81 44.23 6.73 29.88
N SER C 82 43.78 5.77 30.67
CA SER C 82 43.65 4.41 30.19
C SER C 82 42.20 4.10 29.91
N VAL C 83 41.31 4.72 30.68
CA VAL C 83 39.89 4.38 30.65
C VAL C 83 39.06 5.39 29.88
N GLN C 84 38.26 4.89 28.93
CA GLN C 84 37.45 5.78 28.11
C GLN C 84 35.95 5.59 28.32
N LYS C 85 35.55 4.40 28.73
CA LYS C 85 34.13 4.15 28.99
C LYS C 85 33.87 3.57 30.39
N LEU C 86 32.82 4.07 31.02
CA LEU C 86 32.33 3.52 32.28
C LEU C 86 30.85 3.31 32.10
N VAL C 87 30.38 2.08 32.29
CA VAL C 87 28.98 1.81 32.04
C VAL C 87 28.30 1.21 33.25
N VAL C 88 27.09 1.69 33.56
CA VAL C 88 26.29 1.13 34.63
C VAL C 88 25.19 0.26 34.03
N VAL C 89 25.33 -1.04 34.15
CA VAL C 89 24.36 -1.95 33.53
C VAL C 89 23.33 -2.43 34.54
N ILE C 90 22.09 -2.02 34.31
CA ILE C 90 20.99 -2.39 35.17
C ILE C 90 20.23 -3.58 34.60
N SER C 91 20.43 -4.74 35.21
CA SER C 91 19.87 -5.98 34.70
C SER C 91 18.90 -6.65 35.68
N ASN C 92 17.84 -7.20 35.13
CA ASN C 92 16.87 -8.02 35.88
C ASN C 92 17.56 -9.25 36.46
N ILE C 93 17.78 -9.27 37.77
CA ILE C 93 18.54 -10.34 38.40
C ILE C 93 17.83 -11.70 38.27
N GLU C 94 16.52 -11.65 38.03
CA GLU C 94 15.71 -12.86 37.89
C GLU C 94 16.08 -13.62 36.63
N SER C 95 16.31 -12.87 35.55
CA SER C 95 16.55 -13.47 34.24
C SER C 95 17.99 -13.29 33.76
N GLY C 96 18.56 -12.12 34.02
CA GLY C 96 19.88 -11.78 33.51
C GLY C 96 19.77 -10.70 32.46
N GLU C 97 18.59 -10.60 31.86
CA GLU C 97 18.29 -9.61 30.82
C GLU C 97 18.68 -8.19 31.21
N VAL C 98 19.02 -7.39 30.22
CA VAL C 98 19.39 -6.00 30.46
C VAL C 98 18.21 -5.06 30.23
N LEU C 99 18.01 -4.14 31.16
CA LEU C 99 16.84 -3.25 31.12
C LEU C 99 17.19 -1.76 31.01
N GLU C 100 18.35 -1.41 31.52
CA GLU C 100 18.75 -0.02 31.51
C GLU C 100 20.26 0.00 31.46
N ARG C 101 20.81 1.06 30.89
CA ARG C 101 22.24 1.10 30.62
C ARG C 101 22.75 2.53 30.55
N TRP C 102 23.38 2.99 31.63
CA TRP C 102 23.95 4.34 31.66
C TRP C 102 25.38 4.25 31.15
N GLN C 103 25.75 5.14 30.24
CA GLN C 103 27.03 5.01 29.56
C GLN C 103 27.82 6.31 29.51
N PHE C 104 28.98 6.30 30.14
CA PHE C 104 29.80 7.48 30.24
C PHE C 104 31.06 7.38 29.37
N ASP C 105 31.09 8.18 28.30
CA ASP C 105 32.26 8.29 27.45
C ASP C 105 33.22 9.33 28.04
N ILE C 106 34.52 9.04 27.97
CA ILE C 106 35.54 9.87 28.60
C ILE C 106 36.64 10.30 27.63
N GLU C 107 36.41 11.38 26.89
CA GLU C 107 37.44 11.95 26.02
C GLU C 107 38.55 12.54 26.89
N CYS C 108 39.77 12.06 26.67
CA CYS C 108 40.92 12.43 27.52
C CYS C 108 42.02 13.10 26.70
N ASP C 109 42.64 14.11 27.28
CA ASP C 109 43.69 14.87 26.60
C ASP C 109 45.07 14.37 27.05
N LYS C 110 45.61 13.40 26.32
CA LYS C 110 46.89 12.79 26.65
C LYS C 110 48.01 13.82 26.86
N THR C 111 48.05 14.84 26.00
CA THR C 111 49.04 15.91 26.11
C THR C 111 48.69 16.87 27.25
N ALA C 112 48.77 16.37 28.48
CA ALA C 112 48.50 17.18 29.66
C ALA C 112 49.47 16.80 30.76
N LYS C 113 49.86 15.54 30.79
CA LYS C 113 50.97 15.14 31.63
C LYS C 113 52.10 16.11 31.38
N ASP C 114 52.20 16.57 30.13
CA ASP C 114 53.22 17.53 29.72
C ASP C 114 52.66 18.95 29.48
N ASP C 115 52.22 19.60 30.54
CA ASP C 115 51.73 20.99 30.45
C ASP C 115 52.62 21.93 31.25
N SER C 116 53.13 22.97 30.59
CA SER C 116 53.97 23.95 31.26
C SER C 116 53.25 24.53 32.47
N ALA C 117 52.04 25.02 32.24
CA ALA C 117 51.23 25.62 33.29
C ALA C 117 49.90 24.92 33.44
N PRO C 118 49.39 24.83 34.67
CA PRO C 118 48.03 24.35 34.94
C PRO C 118 46.97 25.07 34.09
N ARG C 119 45.99 24.30 33.61
CA ARG C 119 44.87 24.81 32.80
C ARG C 119 44.05 25.86 33.54
N GLU C 120 43.63 26.89 32.82
CA GLU C 120 42.78 27.92 33.41
C GLU C 120 41.30 27.58 33.33
N LYS C 121 40.70 27.31 34.49
CA LYS C 121 39.25 27.06 34.58
C LYS C 121 38.83 26.87 36.02
N SER C 122 37.99 27.79 36.51
CA SER C 122 37.64 27.81 37.93
C SER C 122 36.95 26.53 38.40
N GLN C 123 37.10 26.23 39.69
CA GLN C 123 36.36 25.14 40.30
C GLN C 123 34.88 25.32 40.01
N LYS C 124 34.39 26.52 40.28
CA LYS C 124 33.01 26.90 40.02
C LYS C 124 32.54 26.42 38.63
N ALA C 125 33.29 26.78 37.61
CA ALA C 125 32.94 26.36 36.26
C ALA C 125 32.59 24.88 36.26
N ILE C 126 33.59 24.05 36.52
CA ILE C 126 33.42 22.61 36.48
C ILE C 126 32.36 22.08 37.45
N GLN C 127 32.38 22.58 38.67
CA GLN C 127 31.41 22.12 39.65
C GLN C 127 30.00 22.52 39.23
N ASP C 128 29.88 23.27 38.14
CA ASP C 128 28.60 23.79 37.70
C ASP C 128 28.12 23.10 36.46
N GLU C 129 29.04 22.75 35.58
CA GLU C 129 28.66 22.00 34.41
C GLU C 129 28.07 20.72 34.91
N ILE C 130 28.63 20.20 36.02
CA ILE C 130 28.16 18.95 36.60
C ILE C 130 26.79 19.12 37.24
N ARG C 131 26.66 20.19 38.03
CA ARG C 131 25.41 20.52 38.67
C ARG C 131 24.29 20.36 37.66
N SER C 132 24.56 20.73 36.42
CA SER C 132 23.57 20.65 35.35
C SER C 132 23.45 19.26 34.75
N VAL C 133 24.53 18.51 34.69
CA VAL C 133 24.40 17.12 34.27
C VAL C 133 23.57 16.36 35.29
N ILE C 134 24.05 16.28 36.53
CA ILE C 134 23.35 15.54 37.57
C ILE C 134 21.89 15.97 37.62
N ARG C 135 21.68 17.27 37.49
CA ARG C 135 20.35 17.88 37.50
C ARG C 135 19.47 17.27 36.42
N GLN C 136 20.05 17.07 35.24
CA GLN C 136 19.34 16.50 34.11
C GLN C 136 19.01 15.02 34.33
N ILE C 137 20.00 14.26 34.79
CA ILE C 137 19.82 12.84 35.11
C ILE C 137 18.65 12.69 36.08
N THR C 138 18.40 13.71 36.88
CA THR C 138 17.32 13.69 37.85
C THR C 138 15.97 13.84 37.17
N ALA C 139 15.91 14.71 36.17
CA ALA C 139 14.64 15.04 35.50
C ALA C 139 14.33 13.97 34.51
N THR C 140 15.29 13.09 34.34
CA THR C 140 15.16 11.95 33.47
C THR C 140 14.07 11.00 33.97
N VAL C 141 13.74 11.14 35.24
CA VAL C 141 12.89 10.22 35.97
C VAL C 141 11.50 10.04 35.37
N THR C 142 10.98 11.10 34.77
CA THR C 142 9.67 11.03 34.13
C THR C 142 9.60 9.97 33.03
N PHE C 143 10.49 10.08 32.04
CA PHE C 143 10.35 9.29 30.81
C PHE C 143 11.03 7.93 30.81
N LEU C 144 11.88 7.67 31.78
CA LEU C 144 12.41 6.33 31.93
C LEU C 144 11.32 5.37 32.38
N PRO C 145 11.30 4.15 31.80
CA PRO C 145 10.32 3.15 32.19
C PRO C 145 10.65 2.71 33.60
N LEU C 146 9.69 2.20 34.36
CA LEU C 146 9.99 1.82 35.76
C LEU C 146 10.37 0.35 35.95
N LEU C 147 11.45 0.14 36.68
CA LEU C 147 11.94 -1.20 36.94
C LEU C 147 11.17 -1.75 38.12
N GLU C 148 10.36 -2.77 37.90
CA GLU C 148 9.56 -3.32 38.99
C GLU C 148 9.93 -4.76 39.31
N VAL C 149 10.76 -5.34 38.45
CA VAL C 149 11.34 -6.64 38.79
C VAL C 149 12.63 -6.44 39.59
N SER C 150 13.00 -7.40 40.42
CA SER C 150 14.20 -7.27 41.23
C SER C 150 15.42 -7.13 40.33
N CYS C 151 16.10 -5.97 40.42
CA CYS C 151 17.24 -5.71 39.55
C CYS C 151 18.54 -5.49 40.31
N SER C 152 19.63 -5.94 39.72
CA SER C 152 20.96 -5.68 40.25
C SER C 152 21.75 -4.93 39.19
N PHE C 153 22.74 -4.18 39.63
CA PHE C 153 23.55 -3.42 38.69
C PHE C 153 24.93 -4.02 38.55
N ASP C 154 25.71 -3.47 37.64
CA ASP C 154 27.08 -3.91 37.46
C ASP C 154 27.82 -2.85 36.66
N LEU C 155 29.09 -2.65 37.00
CA LEU C 155 29.90 -1.66 36.29
C LEU C 155 30.68 -2.29 35.14
N LEU C 156 30.88 -1.52 34.06
CA LEU C 156 31.81 -1.88 32.99
C LEU C 156 32.87 -0.81 32.91
N ILE C 157 34.13 -1.21 32.75
CA ILE C 157 35.18 -0.25 32.46
C ILE C 157 35.84 -0.62 31.14
N TYR C 158 35.94 0.33 30.23
CA TYR C 158 36.63 0.08 28.98
C TYR C 158 38.03 0.66 29.10
N THR C 159 39.02 -0.10 28.67
CA THR C 159 40.39 0.37 28.76
C THR C 159 41.30 -0.25 27.68
N ASP C 160 42.57 0.17 27.64
CA ASP C 160 43.51 -0.34 26.65
C ASP C 160 43.95 -1.77 26.95
N LYS C 161 44.20 -2.54 25.90
CA LYS C 161 44.82 -3.84 26.06
C LYS C 161 46.18 -3.62 26.70
N ASP C 162 46.72 -2.42 26.46
CA ASP C 162 48.04 -2.06 26.95
C ASP C 162 48.02 -1.62 28.40
N LEU C 163 47.18 -2.25 29.21
CA LEU C 163 47.14 -1.91 30.63
C LEU C 163 47.08 -3.14 31.51
N VAL C 164 47.68 -3.03 32.70
CA VAL C 164 47.65 -4.11 33.68
C VAL C 164 46.52 -3.88 34.67
N VAL C 165 45.59 -4.83 34.71
CA VAL C 165 44.41 -4.71 35.56
C VAL C 165 44.47 -5.76 36.64
N PRO C 166 44.27 -5.35 37.90
CA PRO C 166 44.26 -6.25 39.06
C PRO C 166 43.52 -7.57 38.80
N GLU C 167 43.92 -8.64 39.49
CA GLU C 167 43.48 -9.98 39.14
C GLU C 167 41.97 -10.24 39.18
N LYS C 168 41.26 -9.54 40.06
CA LYS C 168 39.83 -9.80 40.24
C LYS C 168 38.98 -9.54 38.98
N TRP C 169 39.21 -8.42 38.30
CA TRP C 169 38.45 -8.08 37.10
C TRP C 169 38.58 -9.19 36.06
N GLU C 170 37.68 -9.21 35.08
CA GLU C 170 37.79 -10.12 33.95
C GLU C 170 36.98 -9.64 32.75
N GLU C 171 37.45 -9.97 31.56
CA GLU C 171 36.79 -9.59 30.31
C GLU C 171 35.30 -9.91 30.37
N SER C 172 34.49 -9.03 29.78
CA SER C 172 33.05 -9.24 29.77
C SER C 172 32.37 -8.65 28.54
N GLY C 173 31.36 -9.37 28.06
CA GLY C 173 30.54 -8.89 26.96
C GLY C 173 29.98 -7.52 27.30
N PRO C 174 29.68 -6.75 26.25
CA PRO C 174 29.17 -5.37 26.33
C PRO C 174 27.77 -5.28 26.94
N GLN C 175 26.93 -6.27 26.68
CA GLN C 175 25.61 -6.32 27.27
C GLN C 175 24.76 -5.12 26.87
N PHE C 176 24.56 -4.95 25.57
CA PHE C 176 23.68 -3.91 25.09
C PHE C 176 22.25 -4.38 25.26
N ILE C 177 21.29 -3.48 25.08
CA ILE C 177 19.90 -3.85 25.25
C ILE C 177 19.26 -4.35 23.97
N THR C 178 18.75 -5.57 24.04
CA THR C 178 18.04 -6.22 22.93
C THR C 178 17.31 -5.20 22.04
N ASN C 179 16.23 -4.64 22.55
CA ASN C 179 15.50 -3.62 21.83
C ASN C 179 15.52 -2.31 22.61
N SER C 180 16.28 -1.33 22.13
CA SER C 180 16.60 -0.17 22.95
C SER C 180 16.23 1.21 22.39
N GLU C 181 16.33 2.19 23.25
CA GLU C 181 16.08 3.58 22.91
C GLU C 181 17.02 4.39 23.79
N GLU C 182 17.90 5.15 23.16
CA GLU C 182 18.84 5.96 23.93
C GLU C 182 18.45 7.44 23.92
N VAL C 183 19.01 8.20 24.86
CA VAL C 183 18.80 9.65 24.94
C VAL C 183 20.07 10.33 25.42
N ARG C 184 20.67 11.14 24.54
CA ARG C 184 21.98 11.69 24.83
C ARG C 184 21.88 12.91 25.74
N LEU C 185 22.80 13.02 26.70
CA LEU C 185 22.72 14.03 27.76
C LEU C 185 23.85 15.06 27.72
N ARG C 186 23.80 16.07 28.59
CA ARG C 186 24.87 17.06 28.68
C ARG C 186 26.23 16.47 29.02
N SER C 187 27.29 17.24 28.79
CA SER C 187 28.62 16.72 28.91
C SER C 187 29.56 17.75 29.51
N PHE C 188 29.94 17.54 30.76
CA PHE C 188 30.87 18.45 31.41
C PHE C 188 32.32 18.12 31.06
N THR C 189 33.22 19.07 31.36
CA THR C 189 34.62 18.94 30.96
C THR C 189 35.58 19.81 31.76
N THR C 190 36.69 19.22 32.17
CA THR C 190 37.71 19.88 32.96
C THR C 190 38.80 20.44 32.06
N THR C 191 38.58 20.35 30.75
CA THR C 191 39.58 20.68 29.72
C THR C 191 40.69 19.62 29.63
N ILE C 192 40.76 18.74 30.63
CA ILE C 192 41.66 17.60 30.58
C ILE C 192 40.84 16.32 30.44
N HIS C 193 39.61 16.36 30.96
CA HIS C 193 38.67 15.25 30.81
C HIS C 193 37.29 15.76 30.41
N LYS C 194 36.75 15.27 29.29
CA LYS C 194 35.36 15.52 28.94
C LYS C 194 34.59 14.25 29.21
N VAL C 195 33.38 14.37 29.75
CA VAL C 195 32.55 13.21 30.05
C VAL C 195 31.16 13.28 29.41
N ASN C 196 30.98 12.55 28.32
CA ASN C 196 29.69 12.46 27.67
C ASN C 196 28.85 11.41 28.37
N SER C 197 27.62 11.78 28.72
CA SER C 197 26.74 10.87 29.45
C SER C 197 25.46 10.66 28.65
N MET C 198 25.06 9.41 28.53
CA MET C 198 23.82 9.11 27.83
C MET C 198 23.20 7.82 28.33
N VAL C 199 21.88 7.85 28.53
CA VAL C 199 21.15 6.72 29.08
C VAL C 199 20.52 5.95 27.94
N ALA C 200 20.18 4.69 28.22
CA ALA C 200 19.59 3.80 27.23
C ALA C 200 18.62 2.84 27.90
N TYR C 201 17.35 2.92 27.54
CA TYR C 201 16.34 2.11 28.20
C TYR C 201 15.67 1.10 27.27
N LYS C 202 14.95 0.13 27.86
CA LYS C 202 14.30 -0.89 27.07
C LYS C 202 12.90 -0.45 26.62
N ILE C 203 12.66 -0.52 25.32
CA ILE C 203 11.39 -0.09 24.76
C ILE C 203 10.28 -1.05 25.15
N PRO C 204 9.27 -0.54 25.87
CA PRO C 204 8.17 -1.33 26.42
C PRO C 204 7.65 -2.41 25.47
N VAL C 205 7.78 -3.66 25.90
CA VAL C 205 7.19 -4.83 25.24
C VAL C 205 5.90 -5.22 25.96
N ASN C 206 5.08 -6.04 25.30
CA ASN C 206 3.77 -6.39 25.83
C ASN C 206 2.80 -5.20 25.81
N HIS D 9 18.93 18.81 16.35
CA HIS D 9 19.03 20.16 15.82
C HIS D 9 17.74 20.97 16.06
N HIS D 10 17.16 21.49 14.97
CA HIS D 10 16.00 22.40 15.01
C HIS D 10 14.68 21.66 15.30
N GLY D 11 14.08 21.91 16.47
CA GLY D 11 12.83 21.24 16.75
C GLY D 11 11.72 22.08 17.35
N SER D 12 10.54 21.49 17.46
CA SER D 12 9.50 21.98 18.37
C SER D 12 8.55 20.85 18.84
N ILE D 13 8.12 20.95 20.09
CA ILE D 13 7.33 19.92 20.77
C ILE D 13 5.84 20.01 20.48
N THR D 14 5.21 18.87 20.25
CA THR D 14 3.79 18.86 19.92
C THR D 14 2.89 18.39 21.04
N LEU D 15 2.01 19.28 21.46
CA LEU D 15 1.10 18.99 22.55
C LEU D 15 -0.23 18.59 21.98
N ARG D 16 -0.54 17.30 21.93
CA ARG D 16 -1.84 16.87 21.42
C ARG D 16 -2.78 16.49 22.54
N GLY D 17 -4.03 16.93 22.42
CA GLY D 17 -5.04 16.59 23.40
C GLY D 17 -6.22 17.54 23.47
N SER D 18 -7.15 17.25 24.40
CA SER D 18 -8.25 18.16 24.69
C SER D 18 -7.69 19.37 25.42
N ALA D 19 -8.55 20.27 25.86
CA ALA D 19 -8.04 21.46 26.51
C ALA D 19 -7.65 21.25 27.98
N GLU D 20 -8.58 20.74 28.77
CA GLU D 20 -8.32 20.58 30.19
C GLU D 20 -6.98 19.90 30.37
N ILE D 21 -6.55 19.17 29.34
CA ILE D 21 -5.31 18.41 29.38
C ILE D 21 -4.11 19.19 28.85
N VAL D 22 -4.25 19.74 27.64
CA VAL D 22 -3.12 20.40 26.99
C VAL D 22 -2.51 21.45 27.90
N ALA D 23 -3.34 22.15 28.64
CA ALA D 23 -2.85 23.10 29.63
C ALA D 23 -1.94 22.37 30.60
N GLU D 24 -2.46 21.34 31.25
CA GLU D 24 -1.71 20.59 32.24
C GLU D 24 -0.35 20.12 31.70
N PHE D 25 -0.33 19.70 30.44
CA PHE D 25 0.90 19.33 29.76
C PHE D 25 1.88 20.49 29.67
N PHE D 26 1.41 21.61 29.12
CA PHE D 26 2.20 22.83 29.10
C PHE D 26 2.83 23.08 30.46
N SER D 27 2.00 23.12 31.51
CA SER D 27 2.51 23.28 32.86
C SER D 27 3.68 22.35 33.15
N PHE D 28 3.52 21.08 32.82
CA PHE D 28 4.57 20.10 33.09
C PHE D 28 5.83 20.40 32.33
N GLY D 29 5.69 20.85 31.08
CA GLY D 29 6.84 21.18 30.28
C GLY D 29 7.57 22.45 30.72
N ILE D 30 6.85 23.57 30.68
CA ILE D 30 7.38 24.85 31.13
C ILE D 30 8.01 24.68 32.49
N ASN D 31 7.57 23.68 33.24
CA ASN D 31 8.20 23.37 34.52
C ASN D 31 9.56 22.72 34.34
N SER D 32 9.58 21.63 33.59
CA SER D 32 10.80 20.88 33.33
C SER D 32 11.88 21.81 32.79
N ILE D 33 11.48 22.72 31.91
CA ILE D 33 12.42 23.67 31.34
C ILE D 33 13.03 24.56 32.43
N LEU D 34 12.19 25.05 33.32
CA LEU D 34 12.67 25.86 34.44
C LEU D 34 13.63 25.07 35.31
N TYR D 35 13.45 23.75 35.39
CA TYR D 35 14.32 22.96 36.26
C TYR D 35 15.63 22.68 35.57
N GLN D 36 15.56 22.10 34.38
CA GLN D 36 16.76 21.64 33.71
C GLN D 36 17.67 22.77 33.24
N ARG D 37 17.10 23.96 33.09
CA ARG D 37 17.90 25.11 32.68
C ARG D 37 18.34 25.94 33.88
N GLY D 38 18.07 25.45 35.07
CA GLY D 38 18.46 26.15 36.28
C GLY D 38 17.91 27.56 36.40
N ILE D 39 16.86 27.87 35.64
CA ILE D 39 16.18 29.15 35.76
C ILE D 39 15.93 29.43 37.23
N TYR D 40 15.15 28.58 37.89
CA TYR D 40 15.08 28.58 39.36
C TYR D 40 16.02 27.52 39.86
N PRO D 41 16.36 27.56 41.15
CA PRO D 41 17.25 26.60 41.80
C PRO D 41 16.74 25.16 41.75
N SER D 42 17.45 24.25 42.40
CA SER D 42 17.01 22.87 42.45
C SER D 42 16.02 22.70 43.57
N GLU D 43 16.37 23.25 44.71
CA GLU D 43 15.57 23.14 45.91
C GLU D 43 14.24 23.87 45.76
N THR D 44 14.08 24.56 44.66
CA THR D 44 12.84 25.25 44.37
C THR D 44 11.74 24.25 44.08
N PHE D 45 12.12 23.13 43.48
CA PHE D 45 11.16 22.19 42.93
C PHE D 45 10.87 21.02 43.85
N THR D 46 9.95 20.15 43.43
CA THR D 46 9.68 18.90 44.14
C THR D 46 9.11 17.87 43.20
N ARG D 47 9.14 16.62 43.61
CA ARG D 47 8.56 15.59 42.81
C ARG D 47 7.12 15.45 43.24
N VAL D 48 6.23 15.32 42.27
CA VAL D 48 4.83 15.08 42.54
C VAL D 48 4.43 13.96 41.62
N GLN D 49 3.56 13.06 42.04
CA GLN D 49 3.17 12.07 41.06
C GLN D 49 1.73 12.26 40.61
N LYS D 50 1.52 12.13 39.31
CA LYS D 50 0.19 12.22 38.71
C LYS D 50 0.16 11.38 37.44
N TYR D 51 -0.92 10.62 37.25
CA TYR D 51 -1.00 9.73 36.11
C TYR D 51 0.02 8.63 36.25
N GLY D 52 0.39 8.33 37.49
CA GLY D 52 1.29 7.22 37.74
C GLY D 52 2.72 7.51 37.37
N LEU D 53 2.98 8.76 37.01
CA LEU D 53 4.33 9.16 36.69
C LEU D 53 4.83 10.04 37.81
N THR D 54 6.14 10.23 37.86
CA THR D 54 6.72 11.24 38.74
C THR D 54 7.04 12.45 37.89
N LEU D 55 6.75 13.65 38.40
CA LEU D 55 7.00 14.88 37.65
C LEU D 55 7.67 15.93 38.52
N LEU D 56 8.57 16.69 37.92
CA LEU D 56 9.16 17.80 38.65
C LEU D 56 8.34 19.05 38.39
N VAL D 57 7.98 19.74 39.46
CA VAL D 57 7.22 20.97 39.32
C VAL D 57 7.72 21.95 40.36
N THR D 58 7.47 23.22 40.13
CA THR D 58 8.06 24.23 41.00
C THR D 58 7.17 24.45 42.17
N THR D 59 7.75 25.02 43.22
CA THR D 59 7.04 25.31 44.45
C THR D 59 7.29 26.75 44.93
N ASP D 60 7.83 27.59 44.05
CA ASP D 60 7.96 28.99 44.40
C ASP D 60 6.59 29.62 44.23
N LEU D 61 6.02 30.08 45.32
CA LEU D 61 4.66 30.59 45.30
C LEU D 61 4.43 31.69 44.23
N GLU D 62 5.39 32.57 44.03
CA GLU D 62 5.30 33.56 42.98
C GLU D 62 4.83 32.89 41.71
N LEU D 63 5.65 31.95 41.28
CA LEU D 63 5.50 31.27 39.98
C LEU D 63 4.14 30.58 39.87
N ILE D 64 3.77 29.86 40.93
CA ILE D 64 2.53 29.12 40.94
C ILE D 64 1.35 30.04 40.67
N LYS D 65 1.24 31.10 41.45
CA LYS D 65 0.24 32.11 41.21
C LYS D 65 0.22 32.47 39.74
N TYR D 66 1.37 32.90 39.22
CA TYR D 66 1.45 33.37 37.85
C TYR D 66 1.21 32.26 36.85
N LEU D 67 2.02 31.21 36.88
CA LEU D 67 1.87 30.12 35.92
C LEU D 67 0.45 29.62 35.90
N ASN D 68 -0.22 29.80 37.03
CA ASN D 68 -1.59 29.38 37.17
C ASN D 68 -2.55 30.28 36.41
N ASN D 69 -2.59 31.54 36.79
CA ASN D 69 -3.45 32.49 36.10
C ASN D 69 -3.30 32.45 34.58
N VAL D 70 -2.06 32.39 34.11
CA VAL D 70 -1.80 32.27 32.68
C VAL D 70 -2.29 30.92 32.14
N VAL D 71 -2.12 29.82 32.89
CA VAL D 71 -2.59 28.54 32.38
C VAL D 71 -4.11 28.41 32.43
N GLU D 72 -4.75 29.01 33.43
CA GLU D 72 -6.19 28.92 33.52
C GLU D 72 -6.81 29.66 32.35
N GLN D 73 -6.27 30.84 32.05
CA GLN D 73 -6.79 31.62 30.94
C GLN D 73 -6.53 30.90 29.63
N LEU D 74 -5.52 30.03 29.64
CA LEU D 74 -5.17 29.25 28.47
C LEU D 74 -6.07 28.02 28.35
N LYS D 75 -6.35 27.39 29.49
CA LYS D 75 -7.29 26.29 29.56
C LYS D 75 -8.59 26.74 28.89
N ASP D 76 -8.89 28.02 29.01
CA ASP D 76 -10.13 28.57 28.48
C ASP D 76 -10.07 28.78 26.98
N TRP D 77 -9.14 29.61 26.51
CA TRP D 77 -9.01 29.83 25.08
C TRP D 77 -8.95 28.51 24.35
N LEU D 78 -8.53 27.46 25.04
CA LEU D 78 -8.34 26.18 24.41
C LEU D 78 -9.64 25.39 24.17
N TYR D 79 -10.59 25.47 25.11
CA TYR D 79 -11.79 24.64 25.02
C TYR D 79 -12.51 24.84 23.69
N LYS D 80 -12.01 25.79 22.91
CA LYS D 80 -12.54 26.06 21.57
C LYS D 80 -11.48 26.07 20.44
N CYS D 81 -10.24 25.76 20.77
CA CYS D 81 -9.18 25.64 19.77
C CYS D 81 -8.83 26.96 19.10
N SER D 82 -8.66 27.99 19.92
CA SER D 82 -8.39 29.32 19.40
C SER D 82 -6.89 29.59 19.39
N VAL D 83 -6.14 28.79 20.12
CA VAL D 83 -4.71 29.01 20.24
C VAL D 83 -3.89 27.98 19.47
N GLN D 84 -3.08 28.49 18.55
CA GLN D 84 -2.33 27.66 17.60
C GLN D 84 -0.99 27.21 18.13
N LYS D 85 -0.18 28.14 18.62
CA LYS D 85 1.10 27.76 19.23
C LYS D 85 1.49 28.65 20.41
N LEU D 86 2.13 28.04 21.40
CA LEU D 86 2.74 28.79 22.48
C LEU D 86 4.24 28.81 22.24
N VAL D 87 4.90 29.94 22.45
CA VAL D 87 6.36 29.99 22.35
C VAL D 87 7.01 30.70 23.52
N VAL D 88 7.94 30.03 24.17
CA VAL D 88 8.70 30.60 25.29
C VAL D 88 10.03 31.14 24.79
N VAL D 89 10.36 32.37 25.17
CA VAL D 89 11.58 33.00 24.67
C VAL D 89 12.49 33.51 25.77
N ILE D 90 13.41 32.65 26.18
CA ILE D 90 14.38 33.00 27.20
C ILE D 90 15.39 33.92 26.58
N SER D 91 15.46 35.14 27.08
CA SER D 91 16.41 36.08 26.52
C SER D 91 17.16 36.76 27.64
N ASN D 92 18.38 37.17 27.36
CA ASN D 92 19.18 37.94 28.28
C ASN D 92 18.43 39.22 28.65
N ILE D 93 18.49 39.60 29.93
CA ILE D 93 17.64 40.68 30.43
C ILE D 93 18.20 42.09 30.22
N GLU D 94 19.51 42.22 30.20
CA GLU D 94 20.09 43.51 29.88
C GLU D 94 20.36 43.50 28.40
N SER D 95 20.95 42.40 27.96
CA SER D 95 21.37 42.23 26.59
C SER D 95 20.22 42.56 25.65
N GLY D 96 19.15 41.81 25.79
CA GLY D 96 18.08 41.87 24.83
C GLY D 96 18.17 40.63 23.97
N GLU D 97 19.40 40.21 23.70
CA GLU D 97 19.61 39.07 22.80
C GLU D 97 18.87 37.85 23.28
N VAL D 98 18.21 37.17 22.34
CA VAL D 98 17.55 35.94 22.67
C VAL D 98 18.62 34.92 23.03
N LEU D 99 18.25 33.90 23.80
CA LEU D 99 19.18 32.84 24.17
C LEU D 99 18.69 31.48 23.71
N GLU D 100 17.39 31.33 23.60
CA GLU D 100 16.79 30.09 23.14
C GLU D 100 15.29 30.25 23.08
N ARG D 101 14.67 29.54 22.16
CA ARG D 101 13.23 29.52 22.06
C ARG D 101 12.71 28.10 22.33
N TRP D 102 11.61 28.00 23.04
CA TRP D 102 10.96 26.71 23.25
C TRP D 102 9.56 26.79 22.65
N GLN D 103 9.32 26.06 21.57
CA GLN D 103 8.08 26.23 20.83
C GLN D 103 7.17 25.03 21.01
N PHE D 104 5.94 25.29 21.42
CA PHE D 104 4.95 24.23 21.54
C PHE D 104 3.85 24.35 20.48
N ASP D 105 3.73 23.32 19.64
CA ASP D 105 2.72 23.27 18.61
C ASP D 105 1.53 22.55 19.17
N ILE D 106 0.35 23.12 18.95
CA ILE D 106 -0.87 22.59 19.53
C ILE D 106 -1.75 21.75 18.58
N GLU D 107 -2.18 20.59 19.07
CA GLU D 107 -2.98 19.65 18.32
C GLU D 107 -4.35 19.69 18.95
N CYS D 108 -5.21 20.59 18.49
CA CYS D 108 -6.40 20.93 19.26
C CYS D 108 -7.61 20.07 18.97
N ASP D 109 -8.12 19.42 20.02
CA ASP D 109 -9.40 18.69 19.97
C ASP D 109 -10.45 19.44 20.80
N LYS D 110 -11.49 19.95 20.13
CA LYS D 110 -12.55 20.70 20.80
C LYS D 110 -13.19 19.85 21.89
N THR D 111 -13.69 20.51 22.94
CA THR D 111 -14.29 19.80 24.07
C THR D 111 -15.34 20.65 24.79
N SER D 122 -8.02 5.33 27.50
CA SER D 122 -7.78 5.22 28.93
C SER D 122 -6.58 6.08 29.37
N GLN D 123 -5.88 5.62 30.41
CA GLN D 123 -4.76 6.38 30.97
C GLN D 123 -3.44 6.11 30.25
N LYS D 124 -3.28 4.89 29.73
CA LYS D 124 -2.09 4.54 28.98
C LYS D 124 -1.77 5.62 27.95
N ALA D 125 -2.83 6.22 27.41
CA ALA D 125 -2.72 7.26 26.39
C ALA D 125 -1.96 8.47 26.90
N ILE D 126 -2.52 9.13 27.91
CA ILE D 126 -1.92 10.30 28.49
C ILE D 126 -0.49 10.00 28.86
N GLN D 127 -0.31 8.88 29.53
CA GLN D 127 1.01 8.52 30.00
C GLN D 127 2.06 8.75 28.94
N ASP D 128 1.84 8.14 27.77
CA ASP D 128 2.81 8.21 26.70
C ASP D 128 3.02 9.64 26.23
N GLU D 129 1.95 10.43 26.20
CA GLU D 129 2.08 11.82 25.79
C GLU D 129 3.05 12.59 26.65
N ILE D 130 2.78 12.66 27.95
CA ILE D 130 3.64 13.35 28.89
C ILE D 130 5.08 12.97 28.63
N ARG D 131 5.38 11.67 28.71
CA ARG D 131 6.73 11.19 28.46
C ARG D 131 7.34 11.82 27.21
N SER D 132 6.70 11.65 26.05
CA SER D 132 7.31 12.13 24.82
C SER D 132 7.71 13.60 24.98
N VAL D 133 6.90 14.37 25.71
CA VAL D 133 7.20 15.78 25.91
C VAL D 133 8.43 16.00 26.78
N ILE D 134 8.40 15.50 28.02
CA ILE D 134 9.53 15.61 28.93
C ILE D 134 10.78 15.01 28.28
N ARG D 135 10.63 13.87 27.61
CA ARG D 135 11.75 13.28 26.93
C ARG D 135 12.30 14.21 25.86
N GLN D 136 11.42 14.84 25.08
CA GLN D 136 11.84 15.80 24.07
C GLN D 136 12.61 16.94 24.71
N ILE D 137 11.91 17.70 25.54
CA ILE D 137 12.50 18.79 26.30
C ILE D 137 13.87 18.41 26.82
N THR D 138 13.97 17.21 27.39
CA THR D 138 15.24 16.73 27.97
C THR D 138 16.33 16.52 26.95
N ALA D 139 16.02 15.83 25.86
CA ALA D 139 17.03 15.56 24.85
C ALA D 139 17.55 16.87 24.29
N THR D 140 16.71 17.89 24.34
CA THR D 140 17.04 19.22 23.83
C THR D 140 18.03 19.96 24.70
N VAL D 141 17.67 20.10 25.98
CA VAL D 141 18.56 20.76 26.91
C VAL D 141 19.98 20.22 26.78
N THR D 142 20.12 19.04 26.15
CA THR D 142 21.45 18.50 25.91
C THR D 142 22.31 19.45 25.07
N PHE D 143 21.71 20.03 24.04
CA PHE D 143 22.49 20.74 23.05
C PHE D 143 22.65 22.22 23.34
N LEU D 144 21.90 22.72 24.31
CA LEU D 144 21.96 24.13 24.67
C LEU D 144 23.20 24.43 25.50
N PRO D 145 23.71 25.65 25.40
CA PRO D 145 24.89 26.07 26.14
C PRO D 145 24.42 26.24 27.54
N LEU D 146 25.35 26.32 28.48
CA LEU D 146 24.98 26.59 29.85
C LEU D 146 24.51 28.04 29.94
N LEU D 147 23.47 28.31 30.72
CA LEU D 147 23.06 29.69 30.97
C LEU D 147 23.98 30.23 32.03
N GLU D 148 24.21 31.54 32.03
CA GLU D 148 25.10 32.10 33.04
C GLU D 148 24.77 33.54 33.43
N VAL D 149 23.76 34.10 32.77
CA VAL D 149 23.35 35.48 33.03
C VAL D 149 21.88 35.61 33.51
N SER D 150 21.50 36.79 33.99
CA SER D 150 20.12 36.99 34.40
C SER D 150 19.31 36.88 33.13
N CYS D 151 17.99 36.81 33.23
CA CYS D 151 17.21 36.68 32.00
C CYS D 151 15.70 36.80 32.19
N SER D 152 15.03 37.12 31.09
CA SER D 152 13.58 37.29 31.05
C SER D 152 12.90 36.19 30.25
N PHE D 153 11.70 35.87 30.71
CA PHE D 153 10.83 34.94 30.01
C PHE D 153 9.82 35.73 29.20
N ASP D 154 9.52 35.25 28.02
CA ASP D 154 8.45 35.83 27.24
C ASP D 154 7.60 34.73 26.69
N LEU D 155 6.39 34.62 27.21
CA LEU D 155 5.43 33.64 26.72
C LEU D 155 4.68 34.31 25.59
N LEU D 156 4.48 33.60 24.50
CA LEU D 156 3.72 34.12 23.40
C LEU D 156 2.56 33.20 23.10
N ILE D 157 1.35 33.64 23.41
CA ILE D 157 0.19 32.87 23.03
C ILE D 157 -0.21 33.33 21.65
N TYR D 158 -0.13 32.42 20.68
CA TYR D 158 -0.52 32.71 19.30
C TYR D 158 -1.96 32.27 19.04
N THR D 159 -2.82 33.23 18.71
CA THR D 159 -4.26 32.93 18.61
C THR D 159 -4.89 33.34 17.28
N ASP D 160 -6.13 32.92 17.07
CA ASP D 160 -6.85 33.29 15.85
C ASP D 160 -7.00 34.79 15.85
N LYS D 161 -6.97 35.41 14.67
CA LYS D 161 -7.15 36.86 14.60
C LYS D 161 -8.46 37.27 15.26
N ASP D 162 -9.35 36.30 15.48
CA ASP D 162 -10.62 36.57 16.17
C ASP D 162 -10.59 36.02 17.61
N LEU D 163 -11.04 36.81 18.58
CA LEU D 163 -10.98 36.38 19.98
C LEU D 163 -11.62 37.25 21.08
N VAL D 164 -12.09 36.54 22.11
CA VAL D 164 -12.65 37.13 23.31
C VAL D 164 -11.55 37.87 24.09
N VAL D 165 -10.36 37.88 23.51
CA VAL D 165 -9.17 38.44 24.15
C VAL D 165 -9.33 39.86 24.73
N PRO D 166 -9.15 40.01 26.05
CA PRO D 166 -9.24 41.32 26.68
C PRO D 166 -8.11 42.19 26.19
N GLU D 167 -8.29 43.50 26.17
CA GLU D 167 -7.30 44.36 25.55
C GLU D 167 -5.91 44.21 26.17
N LYS D 168 -5.85 44.11 27.50
CA LYS D 168 -4.57 44.10 28.21
C LYS D 168 -3.66 42.93 27.87
N TRP D 169 -4.26 41.81 27.47
CA TRP D 169 -3.48 40.61 27.21
C TRP D 169 -2.55 40.73 26.02
N GLU D 170 -2.88 41.62 25.09
CA GLU D 170 -2.06 41.73 23.89
C GLU D 170 -1.06 42.87 24.04
N GLU D 171 0.15 42.63 23.53
CA GLU D 171 1.24 43.59 23.60
C GLU D 171 1.93 43.70 24.98
N SER D 172 1.28 44.34 25.96
CA SER D 172 1.89 44.49 27.29
C SER D 172 1.90 43.17 28.07
N GLY D 173 0.78 42.46 28.10
CA GLY D 173 0.67 41.18 28.77
C GLY D 173 0.85 41.28 30.27
N PRO D 174 0.49 40.22 31.01
CA PRO D 174 0.66 40.22 32.47
C PRO D 174 2.05 39.72 32.77
N GLN D 175 2.67 40.19 33.85
CA GLN D 175 4.05 39.82 34.11
C GLN D 175 4.37 39.88 35.58
N PHE D 176 5.53 39.34 35.95
CA PHE D 176 6.04 39.45 37.31
C PHE D 176 7.55 39.58 37.38
N ILE D 177 8.05 40.11 38.49
CA ILE D 177 9.47 40.40 38.67
C ILE D 177 10.01 39.66 39.85
N THR D 178 11.29 39.32 39.83
CA THR D 178 11.93 38.76 41.02
C THR D 178 13.37 39.24 41.10
N ASN D 179 13.59 40.27 41.91
CA ASN D 179 14.90 40.88 42.07
C ASN D 179 15.72 40.08 43.06
N SER D 180 15.06 39.15 43.72
CA SER D 180 15.76 38.31 44.68
C SER D 180 16.82 37.41 44.02
N GLU D 181 17.99 37.39 44.63
CA GLU D 181 19.11 36.62 44.13
C GLU D 181 18.75 35.14 44.13
N GLU D 182 19.68 34.31 43.68
CA GLU D 182 19.52 32.87 43.70
C GLU D 182 18.65 32.36 42.57
N VAL D 183 18.06 33.28 41.82
CA VAL D 183 17.20 32.92 40.70
C VAL D 183 17.56 33.62 39.39
N ARG D 184 17.81 32.85 38.35
CA ARG D 184 18.17 33.40 37.05
C ARG D 184 17.06 34.31 36.54
N LEU D 185 15.83 33.85 36.70
CA LEU D 185 14.68 34.58 36.18
C LEU D 185 14.57 35.96 36.80
N ARG D 186 14.24 36.97 36.01
CA ARG D 186 14.09 38.30 36.56
C ARG D 186 12.73 38.88 36.21
N SER D 187 12.23 38.54 35.03
CA SER D 187 10.91 38.99 34.60
C SER D 187 10.27 37.97 33.70
N PHE D 188 9.06 37.59 34.03
CA PHE D 188 8.31 36.63 33.25
C PHE D 188 7.09 37.38 32.79
N THR D 189 6.88 37.44 31.48
CA THR D 189 5.77 38.20 30.93
C THR D 189 5.10 37.44 29.78
N THR D 190 3.78 37.38 29.80
CA THR D 190 3.01 36.76 28.72
C THR D 190 2.36 37.81 27.81
N THR D 191 2.11 37.43 26.56
CA THR D 191 1.60 38.35 25.55
C THR D 191 0.91 37.57 24.45
N ILE D 192 -0.24 38.05 24.00
CA ILE D 192 -0.97 37.37 22.95
C ILE D 192 -0.70 37.94 21.57
N HIS D 193 -0.38 37.07 20.62
CA HIS D 193 -0.12 37.48 19.24
C HIS D 193 -1.12 36.86 18.27
N LYS D 194 -2.11 37.65 17.86
CA LYS D 194 -3.17 37.15 17.01
C LYS D 194 -2.67 37.06 15.59
N VAL D 195 -2.65 35.85 15.03
CA VAL D 195 -2.26 35.71 13.63
C VAL D 195 -3.12 34.72 12.85
N ASN D 196 -3.88 35.28 11.91
CA ASN D 196 -4.65 34.51 10.95
C ASN D 196 -5.55 33.47 11.58
N SER D 197 -6.03 32.56 10.75
CA SER D 197 -6.97 31.55 11.18
C SER D 197 -6.98 30.47 10.10
N MET D 198 -7.32 29.25 10.47
CA MET D 198 -7.24 28.16 9.52
C MET D 198 -8.55 27.37 9.44
N VAL D 199 -8.87 26.91 8.24
CA VAL D 199 -10.07 26.09 8.03
C VAL D 199 -9.78 24.86 7.20
N ALA D 200 -10.05 23.69 7.77
CA ALA D 200 -9.82 22.43 7.09
C ALA D 200 -11.00 22.04 6.19
N TYR D 201 -10.70 21.71 4.94
CA TYR D 201 -11.71 21.30 3.95
C TYR D 201 -11.43 19.93 3.35
N LYS D 202 -12.41 19.34 2.69
CA LYS D 202 -12.24 18.10 1.92
C LYS D 202 -12.58 18.30 0.44
N ILE D 203 -12.58 17.22 -0.33
CA ILE D 203 -12.99 17.27 -1.73
C ILE D 203 -13.68 15.99 -2.23
N PRO D 204 -14.67 15.47 -1.49
CA PRO D 204 -15.35 14.31 -2.05
C PRO D 204 -15.92 14.62 -3.44
N VAL D 205 -15.79 13.70 -4.39
CA VAL D 205 -16.31 13.92 -5.75
C VAL D 205 -17.25 12.79 -6.19
N SER E 12 -38.10 23.68 -14.17
CA SER E 12 -37.76 25.04 -14.58
C SER E 12 -36.25 25.22 -14.75
N ILE E 13 -35.87 26.06 -15.72
CA ILE E 13 -34.46 26.28 -16.03
C ILE E 13 -34.15 27.73 -16.42
N THR E 14 -32.93 28.15 -16.11
CA THR E 14 -32.53 29.54 -16.24
C THR E 14 -31.31 29.73 -17.15
N LEU E 15 -31.09 30.98 -17.58
CA LEU E 15 -29.90 31.35 -18.33
C LEU E 15 -28.66 30.97 -17.53
N ARG E 16 -28.80 31.05 -16.21
CA ARG E 16 -27.78 30.58 -15.28
C ARG E 16 -27.18 29.26 -15.78
N GLY E 17 -28.05 28.34 -16.15
CA GLY E 17 -27.63 26.99 -16.50
C GLY E 17 -27.80 26.61 -17.96
N SER E 18 -28.81 27.17 -18.63
CA SER E 18 -29.04 26.85 -20.05
C SER E 18 -27.82 27.20 -20.86
N ALA E 19 -27.04 28.15 -20.36
CA ALA E 19 -25.75 28.46 -20.96
C ALA E 19 -24.85 27.24 -20.82
N GLU E 20 -24.83 26.68 -19.61
CA GLU E 20 -24.01 25.51 -19.34
C GLU E 20 -24.43 24.28 -20.14
N ILE E 21 -25.71 23.92 -20.07
CA ILE E 21 -26.22 22.72 -20.74
C ILE E 21 -25.70 22.61 -22.17
N VAL E 22 -25.81 23.71 -22.91
CA VAL E 22 -25.35 23.77 -24.30
C VAL E 22 -23.83 23.64 -24.40
N ALA E 23 -23.12 24.33 -23.50
CA ALA E 23 -21.68 24.17 -23.45
C ALA E 23 -21.32 22.70 -23.23
N GLU E 24 -21.98 22.08 -22.26
CA GLU E 24 -21.76 20.66 -21.97
C GLU E 24 -21.93 19.82 -23.23
N PHE E 25 -23.02 20.09 -23.94
CA PHE E 25 -23.29 19.37 -25.18
C PHE E 25 -22.12 19.43 -26.16
N PHE E 26 -21.59 20.63 -26.36
CA PHE E 26 -20.49 20.81 -27.30
C PHE E 26 -19.25 20.05 -26.89
N SER E 27 -19.04 19.91 -25.59
CA SER E 27 -17.95 19.09 -25.12
C SER E 27 -18.12 17.66 -25.62
N PHE E 28 -19.20 17.00 -25.19
CA PHE E 28 -19.46 15.61 -25.57
C PHE E 28 -19.60 15.42 -27.08
N GLY E 29 -20.30 16.34 -27.72
CA GLY E 29 -20.49 16.27 -29.15
C GLY E 29 -19.15 16.27 -29.87
N ILE E 30 -18.34 17.29 -29.62
CA ILE E 30 -17.05 17.43 -30.28
C ILE E 30 -16.17 16.22 -30.00
N ASN E 31 -16.27 15.71 -28.78
CA ASN E 31 -15.55 14.48 -28.46
C ASN E 31 -16.07 13.35 -29.30
N SER E 32 -17.38 13.10 -29.19
CA SER E 32 -17.98 12.01 -29.91
C SER E 32 -17.81 12.15 -31.43
N ILE E 33 -17.66 13.38 -31.91
CA ILE E 33 -17.38 13.57 -33.34
C ILE E 33 -15.97 13.13 -33.65
N LEU E 34 -15.02 13.65 -32.88
CA LEU E 34 -13.61 13.31 -33.05
C LEU E 34 -13.38 11.81 -32.96
N TYR E 35 -14.05 11.17 -32.02
CA TYR E 35 -13.88 9.75 -31.84
C TYR E 35 -14.51 8.98 -33.00
N GLN E 36 -15.75 9.32 -33.32
CA GLN E 36 -16.48 8.59 -34.35
C GLN E 36 -15.96 8.84 -35.75
N ARG E 37 -14.89 9.61 -35.87
CA ARG E 37 -14.39 10.01 -37.19
C ARG E 37 -13.02 9.46 -37.55
N GLY E 38 -12.17 9.28 -36.55
CA GLY E 38 -10.82 8.81 -36.81
C GLY E 38 -9.85 9.97 -36.79
N ILE E 39 -10.28 11.05 -36.15
CA ILE E 39 -9.45 12.23 -35.95
C ILE E 39 -8.28 11.89 -35.03
N TYR E 40 -8.62 11.37 -33.87
CA TYR E 40 -7.62 10.86 -32.94
C TYR E 40 -7.79 9.35 -32.80
N PRO E 41 -6.70 8.65 -32.49
CA PRO E 41 -6.68 7.19 -32.31
C PRO E 41 -7.78 6.71 -31.37
N SER E 42 -8.25 5.49 -31.59
CA SER E 42 -9.37 4.97 -30.81
C SER E 42 -9.05 4.80 -29.32
N GLU E 43 -7.79 4.49 -29.02
CA GLU E 43 -7.41 4.26 -27.64
C GLU E 43 -7.17 5.58 -26.91
N THR E 44 -7.20 6.68 -27.64
CA THR E 44 -7.07 8.01 -27.06
C THR E 44 -8.16 8.28 -26.04
N PHE E 45 -9.34 7.71 -26.27
CA PHE E 45 -10.53 8.08 -25.52
C PHE E 45 -10.90 7.07 -24.46
N THR E 46 -11.67 7.53 -23.47
CA THR E 46 -12.16 6.64 -22.42
C THR E 46 -13.68 6.59 -22.44
N ARG E 47 -14.20 5.47 -21.97
CA ARG E 47 -15.61 5.16 -22.02
C ARG E 47 -16.33 5.75 -20.82
N VAL E 48 -17.34 6.59 -21.05
CA VAL E 48 -18.02 7.29 -19.95
C VAL E 48 -19.53 7.33 -20.15
N GLN E 49 -20.26 7.62 -19.07
CA GLN E 49 -21.72 7.72 -19.14
C GLN E 49 -22.19 9.17 -19.11
N LYS E 50 -22.94 9.57 -20.12
CA LYS E 50 -23.70 10.82 -20.04
C LYS E 50 -24.87 10.82 -21.00
N TYR E 51 -25.91 11.55 -20.62
CA TYR E 51 -27.11 11.66 -21.43
C TYR E 51 -27.80 10.30 -21.50
N GLY E 52 -27.28 9.34 -20.77
CA GLY E 52 -27.87 8.02 -20.75
C GLY E 52 -27.32 7.11 -21.84
N LEU E 53 -26.32 7.60 -22.56
CA LEU E 53 -25.59 6.76 -23.50
C LEU E 53 -24.21 6.50 -22.95
N THR E 54 -23.40 5.85 -23.77
CA THR E 54 -22.00 5.66 -23.46
C THR E 54 -21.25 6.38 -24.56
N LEU E 55 -20.69 7.54 -24.25
CA LEU E 55 -19.90 8.28 -25.23
C LEU E 55 -18.43 8.15 -24.87
N LEU E 56 -17.56 8.62 -25.76
CA LEU E 56 -16.13 8.63 -25.44
C LEU E 56 -15.58 10.03 -25.38
N VAL E 57 -14.85 10.33 -24.32
CA VAL E 57 -14.16 11.60 -24.21
C VAL E 57 -12.67 11.32 -24.32
N THR E 58 -11.88 12.32 -24.68
CA THR E 58 -10.47 12.11 -24.95
C THR E 58 -9.63 12.09 -23.69
N THR E 59 -8.43 11.53 -23.80
CA THR E 59 -7.49 11.46 -22.68
C THR E 59 -6.29 12.37 -22.90
N ASP E 60 -5.92 12.57 -24.16
CA ASP E 60 -4.78 13.42 -24.50
C ASP E 60 -4.86 14.73 -23.73
N LEU E 61 -3.84 15.01 -22.92
CA LEU E 61 -3.84 16.21 -22.10
C LEU E 61 -3.95 17.47 -22.95
N GLU E 62 -3.25 17.49 -24.07
CA GLU E 62 -3.29 18.63 -25.00
C GLU E 62 -4.72 18.95 -25.42
N LEU E 63 -5.43 17.92 -25.88
CA LEU E 63 -6.80 18.10 -26.35
C LEU E 63 -7.77 18.43 -25.22
N ILE E 64 -7.49 17.96 -24.01
CA ILE E 64 -8.36 18.28 -22.88
C ILE E 64 -8.22 19.76 -22.51
N LYS E 65 -7.00 20.22 -22.30
CA LYS E 65 -6.75 21.63 -22.01
C LYS E 65 -7.39 22.50 -23.09
N TYR E 66 -7.25 22.09 -24.34
CA TYR E 66 -7.84 22.81 -25.47
C TYR E 66 -9.35 22.96 -25.29
N LEU E 67 -10.04 21.82 -25.17
CA LEU E 67 -11.51 21.83 -25.10
C LEU E 67 -12.06 22.51 -23.85
N ASN E 68 -11.39 22.33 -22.71
CA ASN E 68 -11.78 23.06 -21.51
C ASN E 68 -11.88 24.56 -21.78
N ASN E 69 -10.93 25.08 -22.57
CA ASN E 69 -10.91 26.50 -22.92
C ASN E 69 -12.10 26.91 -23.78
N VAL E 70 -12.41 26.09 -24.78
CA VAL E 70 -13.52 26.39 -25.68
C VAL E 70 -14.86 26.17 -25.00
N VAL E 71 -15.00 25.07 -24.27
CA VAL E 71 -16.22 24.82 -23.54
C VAL E 71 -16.44 25.97 -22.56
N GLU E 72 -15.36 26.44 -21.96
CA GLU E 72 -15.45 27.53 -21.00
C GLU E 72 -15.81 28.84 -21.69
N GLN E 73 -15.10 29.17 -22.75
CA GLN E 73 -15.32 30.42 -23.46
C GLN E 73 -16.74 30.49 -24.01
N LEU E 74 -17.28 29.34 -24.40
CA LEU E 74 -18.65 29.28 -24.92
C LEU E 74 -19.67 29.53 -23.84
N LYS E 75 -19.45 28.89 -22.69
CA LYS E 75 -20.30 29.09 -21.52
C LYS E 75 -20.48 30.59 -21.33
N ASP E 76 -19.38 31.32 -21.43
CA ASP E 76 -19.40 32.78 -21.29
C ASP E 76 -20.32 33.40 -22.34
N TRP E 77 -19.96 33.24 -23.60
CA TRP E 77 -20.65 33.94 -24.67
C TRP E 77 -22.10 33.54 -24.82
N LEU E 78 -22.42 32.32 -24.42
CA LEU E 78 -23.80 31.86 -24.50
C LEU E 78 -24.67 32.67 -23.56
N TYR E 79 -24.15 32.90 -22.35
CA TYR E 79 -24.84 33.71 -21.36
C TYR E 79 -25.24 35.05 -21.99
N LYS E 80 -24.32 35.61 -22.78
CA LYS E 80 -24.54 36.93 -23.39
C LYS E 80 -25.27 36.86 -24.73
N CYS E 81 -25.30 35.68 -25.32
CA CYS E 81 -25.89 35.50 -26.65
C CYS E 81 -25.06 36.19 -27.73
N SER E 82 -23.78 35.86 -27.77
CA SER E 82 -22.88 36.45 -28.74
C SER E 82 -22.63 35.49 -29.89
N VAL E 83 -22.62 34.20 -29.57
CA VAL E 83 -22.25 33.16 -30.54
C VAL E 83 -23.46 32.43 -31.15
N GLN E 84 -23.49 32.37 -32.47
CA GLN E 84 -24.60 31.72 -33.17
C GLN E 84 -24.17 30.47 -33.94
N LYS E 85 -22.91 30.40 -34.33
CA LYS E 85 -22.41 29.22 -35.05
C LYS E 85 -21.14 28.64 -34.44
N LEU E 86 -21.10 27.32 -34.37
CA LEU E 86 -19.91 26.59 -33.96
C LEU E 86 -19.71 25.53 -35.02
N VAL E 87 -18.54 25.50 -35.64
CA VAL E 87 -18.30 24.56 -36.71
C VAL E 87 -17.07 23.72 -36.48
N VAL E 88 -17.19 22.42 -36.77
CA VAL E 88 -16.06 21.52 -36.68
C VAL E 88 -15.57 21.20 -38.08
N VAL E 89 -14.42 21.76 -38.44
CA VAL E 89 -13.92 21.56 -39.78
C VAL E 89 -12.88 20.46 -39.84
N ILE E 90 -13.23 19.39 -40.53
CA ILE E 90 -12.34 18.26 -40.67
C ILE E 90 -11.59 18.33 -41.99
N SER E 91 -10.31 18.68 -41.91
CA SER E 91 -9.49 18.90 -43.09
C SER E 91 -8.32 17.93 -43.22
N ASN E 92 -8.07 17.49 -44.44
CA ASN E 92 -6.88 16.72 -44.79
C ASN E 92 -5.58 17.50 -44.48
N ILE E 93 -4.88 17.13 -43.41
CA ILE E 93 -3.70 17.89 -42.99
C ILE E 93 -2.58 17.86 -44.02
N GLU E 94 -2.61 16.85 -44.90
CA GLU E 94 -1.61 16.72 -45.95
C GLU E 94 -1.71 17.85 -46.97
N SER E 95 -2.95 18.20 -47.32
CA SER E 95 -3.20 19.19 -48.37
C SER E 95 -3.75 20.51 -47.84
N GLY E 96 -4.63 20.42 -46.85
CA GLY E 96 -5.32 21.59 -46.34
C GLY E 96 -6.78 21.55 -46.71
N GLU E 97 -7.08 20.82 -47.79
CA GLU E 97 -8.43 20.63 -48.29
C GLU E 97 -9.44 20.24 -47.20
N VAL E 98 -10.70 20.63 -47.41
CA VAL E 98 -11.78 20.32 -46.46
C VAL E 98 -12.57 19.08 -46.90
N LEU E 99 -12.79 18.16 -45.96
CA LEU E 99 -13.44 16.88 -46.29
C LEU E 99 -14.77 16.67 -45.56
N GLU E 100 -14.90 17.27 -44.39
CA GLU E 100 -16.09 17.09 -43.58
C GLU E 100 -16.27 18.35 -42.77
N ARG E 101 -17.53 18.63 -42.46
CA ARG E 101 -17.85 19.90 -41.83
C ARG E 101 -19.13 19.80 -41.01
N TRP E 102 -18.98 19.68 -39.69
CA TRP E 102 -20.12 19.65 -38.79
C TRP E 102 -20.45 21.07 -38.38
N GLN E 103 -21.73 21.44 -38.48
CA GLN E 103 -22.11 22.82 -38.29
C GLN E 103 -23.30 23.01 -37.35
N PHE E 104 -23.06 23.69 -36.24
CA PHE E 104 -24.08 23.88 -35.22
C PHE E 104 -24.61 25.32 -35.19
N ASP E 105 -25.85 25.50 -35.61
CA ASP E 105 -26.53 26.79 -35.51
C ASP E 105 -27.15 26.93 -34.12
N ILE E 106 -27.08 28.15 -33.57
CA ILE E 106 -27.53 28.39 -32.20
C ILE E 106 -28.52 29.55 -32.09
N GLU E 107 -29.79 29.26 -32.32
CA GLU E 107 -30.84 30.27 -32.14
C GLU E 107 -30.95 30.59 -30.65
N CYS E 108 -30.79 31.88 -30.33
CA CYS E 108 -30.74 32.31 -28.93
C CYS E 108 -31.86 33.30 -28.63
N ASP E 109 -32.47 33.18 -27.45
CA ASP E 109 -33.56 34.05 -27.02
C ASP E 109 -33.05 35.19 -26.13
N LYS E 110 -32.69 36.32 -26.76
CA LYS E 110 -32.12 37.47 -26.05
C LYS E 110 -32.97 37.91 -24.85
N THR E 111 -34.29 37.92 -25.03
CA THR E 111 -35.21 38.27 -23.95
C THR E 111 -35.35 37.15 -22.93
N ALA E 112 -34.27 36.89 -22.19
CA ALA E 112 -34.26 35.87 -21.16
C ALA E 112 -33.42 36.32 -19.97
N GLU E 120 -40.11 26.84 -17.66
CA GLU E 120 -40.56 25.50 -17.28
C GLU E 120 -40.16 24.45 -18.31
N LYS E 121 -39.25 23.56 -17.92
CA LYS E 121 -38.85 22.43 -18.76
C LYS E 121 -37.85 21.53 -18.02
N SER E 122 -38.26 20.29 -17.76
CA SER E 122 -37.48 19.37 -16.95
C SER E 122 -36.10 19.09 -17.52
N GLN E 123 -35.15 18.78 -16.64
CA GLN E 123 -33.84 18.32 -17.06
C GLN E 123 -34.00 17.15 -18.01
N LYS E 124 -34.85 16.19 -17.61
CA LYS E 124 -35.16 15.02 -18.40
C LYS E 124 -35.45 15.39 -19.85
N ALA E 125 -36.39 16.32 -20.04
CA ALA E 125 -36.75 16.77 -21.38
C ALA E 125 -35.50 17.04 -22.21
N ILE E 126 -34.77 18.07 -21.82
CA ILE E 126 -33.56 18.51 -22.53
C ILE E 126 -32.48 17.42 -22.63
N GLN E 127 -32.23 16.70 -21.53
CA GLN E 127 -31.21 15.66 -21.54
C GLN E 127 -31.64 14.51 -22.44
N ASP E 128 -32.86 14.60 -22.96
CA ASP E 128 -33.42 13.55 -23.80
C ASP E 128 -33.47 13.95 -25.26
N GLU E 129 -33.77 15.22 -25.53
CA GLU E 129 -33.71 15.70 -26.90
C GLU E 129 -32.29 15.50 -27.40
N ILE E 130 -31.32 15.67 -26.50
CA ILE E 130 -29.92 15.50 -26.85
C ILE E 130 -29.59 14.03 -27.07
N ARG E 131 -30.04 13.19 -26.14
CA ARG E 131 -29.82 11.76 -26.25
C ARG E 131 -30.15 11.31 -27.67
N SER E 132 -31.18 11.90 -28.25
CA SER E 132 -31.60 11.59 -29.62
C SER E 132 -30.75 12.26 -30.69
N VAL E 133 -30.26 13.48 -30.45
CA VAL E 133 -29.33 14.08 -31.38
C VAL E 133 -28.05 13.25 -31.44
N ILE E 134 -27.36 13.14 -30.31
CA ILE E 134 -26.12 12.39 -30.23
C ILE E 134 -26.32 11.02 -30.85
N ARG E 135 -27.44 10.41 -30.50
CA ARG E 135 -27.81 9.09 -31.00
C ARG E 135 -27.81 9.06 -32.53
N GLN E 136 -28.32 10.13 -33.13
CA GLN E 136 -28.42 10.24 -34.58
C GLN E 136 -27.05 10.41 -35.20
N ILE E 137 -26.25 11.29 -34.60
CA ILE E 137 -24.89 11.54 -35.05
C ILE E 137 -24.09 10.25 -35.10
N THR E 138 -24.48 9.32 -34.26
CA THR E 138 -23.83 8.03 -34.19
C THR E 138 -24.19 7.14 -35.38
N ALA E 139 -25.46 7.16 -35.75
CA ALA E 139 -25.99 6.30 -36.80
C ALA E 139 -25.60 6.86 -38.13
N THR E 140 -25.02 8.05 -38.08
CA THR E 140 -24.56 8.77 -39.25
C THR E 140 -23.37 8.05 -39.87
N VAL E 141 -22.75 7.19 -39.07
CA VAL E 141 -21.53 6.51 -39.43
C VAL E 141 -21.57 5.66 -40.70
N THR E 142 -22.73 5.08 -41.00
CA THR E 142 -22.87 4.31 -42.23
C THR E 142 -22.62 5.11 -43.50
N PHE E 143 -23.33 6.22 -43.67
CA PHE E 143 -23.36 6.92 -44.95
C PHE E 143 -22.29 7.99 -45.14
N LEU E 144 -21.64 8.39 -44.05
CA LEU E 144 -20.50 9.29 -44.20
C LEU E 144 -19.36 8.56 -44.90
N PRO E 145 -18.66 9.25 -45.81
CA PRO E 145 -17.50 8.65 -46.47
C PRO E 145 -16.39 8.51 -45.46
N LEU E 146 -15.47 7.57 -45.67
CA LEU E 146 -14.41 7.37 -44.69
C LEU E 146 -13.10 8.15 -44.95
N LEU E 147 -12.65 8.84 -43.92
CA LEU E 147 -11.44 9.61 -43.98
C LEU E 147 -10.27 8.69 -43.77
N GLU E 148 -9.48 8.47 -44.81
CA GLU E 148 -8.34 7.57 -44.69
C GLU E 148 -7.00 8.28 -44.84
N VAL E 149 -7.03 9.54 -45.21
CA VAL E 149 -5.84 10.38 -45.21
C VAL E 149 -5.71 11.06 -43.84
N SER E 150 -4.48 11.38 -43.44
CA SER E 150 -4.26 11.97 -42.12
C SER E 150 -5.02 13.30 -42.03
N CYS E 151 -5.97 13.39 -41.11
CA CYS E 151 -6.76 14.60 -40.99
C CYS E 151 -6.66 15.24 -39.64
N SER E 152 -6.73 16.57 -39.63
CA SER E 152 -6.79 17.33 -38.39
C SER E 152 -8.06 18.14 -38.40
N PHE E 153 -8.55 18.49 -37.21
CA PHE E 153 -9.78 19.26 -37.12
C PHE E 153 -9.50 20.68 -36.69
N ASP E 154 -10.53 21.50 -36.66
CA ASP E 154 -10.40 22.87 -36.21
C ASP E 154 -11.79 23.43 -35.95
N LEU E 155 -11.91 24.23 -34.90
CA LEU E 155 -13.19 24.84 -34.56
C LEU E 155 -13.38 26.19 -35.21
N LEU E 156 -14.62 26.52 -35.54
CA LEU E 156 -14.98 27.88 -35.92
C LEU E 156 -16.01 28.40 -34.93
N ILE E 157 -15.89 29.66 -34.55
CA ILE E 157 -16.95 30.29 -33.78
C ILE E 157 -17.44 31.52 -34.50
N TYR E 158 -18.74 31.61 -34.74
CA TYR E 158 -19.34 32.79 -35.33
C TYR E 158 -19.92 33.67 -34.22
N THR E 159 -19.62 34.97 -34.27
CA THR E 159 -20.05 35.90 -33.23
C THR E 159 -20.19 37.33 -33.75
N ASP E 160 -20.67 38.24 -32.91
CA ASP E 160 -20.89 39.63 -33.32
C ASP E 160 -19.57 40.40 -33.44
N LYS E 161 -19.52 41.34 -34.38
CA LYS E 161 -18.39 42.29 -34.44
C LYS E 161 -18.37 43.07 -33.14
N ASP E 162 -19.54 43.15 -32.51
CA ASP E 162 -19.73 43.91 -31.29
C ASP E 162 -19.30 43.11 -30.06
N LEU E 163 -18.25 42.31 -30.20
CA LEU E 163 -17.74 41.54 -29.07
C LEU E 163 -16.23 41.58 -28.98
N VAL E 164 -15.73 41.52 -27.76
CA VAL E 164 -14.31 41.48 -27.50
C VAL E 164 -13.85 40.04 -27.33
N VAL E 165 -12.95 39.62 -28.21
CA VAL E 165 -12.46 38.25 -28.20
C VAL E 165 -10.99 38.22 -27.83
N PRO E 166 -10.63 37.36 -26.87
CA PRO E 166 -9.24 37.19 -26.42
C PRO E 166 -8.24 37.20 -27.57
N GLU E 167 -7.02 37.64 -27.30
CA GLU E 167 -6.03 37.94 -28.34
C GLU E 167 -5.65 36.77 -29.26
N LYS E 168 -5.68 35.55 -28.73
CA LYS E 168 -5.22 34.39 -29.50
C LYS E 168 -6.05 34.13 -30.77
N TRP E 169 -7.38 34.19 -30.65
CA TRP E 169 -8.23 33.96 -31.81
C TRP E 169 -7.90 34.92 -32.95
N GLU E 170 -8.32 34.59 -34.17
CA GLU E 170 -8.20 35.51 -35.29
C GLU E 170 -9.17 35.17 -36.41
N GLU E 171 -9.59 36.20 -37.15
CA GLU E 171 -10.53 36.04 -38.26
C GLU E 171 -10.10 34.90 -39.17
N SER E 172 -11.07 34.14 -39.68
CA SER E 172 -10.77 33.04 -40.60
C SER E 172 -11.87 32.77 -41.61
N GLY E 173 -11.44 32.42 -42.83
CA GLY E 173 -12.35 32.04 -43.89
C GLY E 173 -13.24 30.93 -43.40
N PRO E 174 -14.45 30.83 -44.00
CA PRO E 174 -15.50 29.85 -43.66
C PRO E 174 -15.10 28.41 -43.95
N GLN E 175 -14.34 28.20 -45.02
CA GLN E 175 -13.84 26.88 -45.36
C GLN E 175 -14.95 25.90 -45.64
N PHE E 176 -15.77 26.22 -46.62
CA PHE E 176 -16.82 25.30 -47.02
C PHE E 176 -16.21 24.26 -47.92
N ILE E 177 -16.97 23.22 -48.22
CA ILE E 177 -16.45 22.12 -49.01
C ILE E 177 -16.68 22.33 -50.49
N THR E 178 -15.57 22.31 -51.23
CA THR E 178 -15.58 22.45 -52.67
C THR E 178 -16.84 21.85 -53.28
N ASN E 179 -16.92 20.53 -53.31
CA ASN E 179 -18.11 19.89 -53.84
C ASN E 179 -18.78 19.08 -52.76
N SER E 180 -19.92 19.55 -52.27
CA SER E 180 -20.46 19.01 -51.02
C SER E 180 -21.85 18.40 -51.07
N GLU E 181 -22.20 17.74 -49.96
CA GLU E 181 -23.51 17.16 -49.77
C GLU E 181 -23.81 17.25 -48.28
N GLU E 182 -24.90 17.91 -47.92
CA GLU E 182 -25.23 18.09 -46.51
C GLU E 182 -26.41 17.20 -46.15
N VAL E 183 -26.57 16.99 -44.84
CA VAL E 183 -27.70 16.23 -44.28
C VAL E 183 -28.13 16.82 -42.95
N ARG E 184 -29.32 17.40 -42.90
CA ARG E 184 -29.77 18.13 -41.73
C ARG E 184 -30.26 17.20 -40.64
N LEU E 185 -29.93 17.53 -39.39
CA LEU E 185 -30.18 16.64 -38.25
C LEU E 185 -31.15 17.23 -37.23
N ARG E 186 -31.51 16.43 -36.23
CA ARG E 186 -32.40 16.87 -35.15
C ARG E 186 -31.86 18.08 -34.41
N SER E 187 -32.75 18.74 -33.68
CA SER E 187 -32.41 20.01 -33.05
C SER E 187 -33.00 20.15 -31.66
N PHE E 188 -32.18 19.98 -30.64
CA PHE E 188 -32.63 20.11 -29.27
C PHE E 188 -32.72 21.58 -28.84
N THR E 189 -33.43 21.84 -27.75
CA THR E 189 -33.68 23.22 -27.31
C THR E 189 -34.05 23.34 -25.83
N THR E 190 -33.39 24.28 -25.15
CA THR E 190 -33.64 24.55 -23.73
C THR E 190 -34.70 25.64 -23.55
N THR E 191 -35.34 26.02 -24.65
CA THR E 191 -36.27 27.16 -24.69
C THR E 191 -35.55 28.51 -24.56
N ILE E 192 -34.28 28.48 -24.17
CA ILE E 192 -33.44 29.68 -24.18
C ILE E 192 -32.38 29.53 -25.26
N HIS E 193 -32.02 28.29 -25.57
CA HIS E 193 -31.08 28.00 -26.65
C HIS E 193 -31.58 26.83 -27.51
N LYS E 194 -31.73 27.07 -28.81
CA LYS E 194 -31.99 25.99 -29.76
C LYS E 194 -30.71 25.70 -30.52
N VAL E 195 -30.41 24.43 -30.75
CA VAL E 195 -29.20 24.06 -31.46
C VAL E 195 -29.48 23.16 -32.67
N ASN E 196 -29.46 23.75 -33.86
CA ASN E 196 -29.61 22.99 -35.09
C ASN E 196 -28.27 22.40 -35.49
N SER E 197 -28.25 21.10 -35.75
CA SER E 197 -27.01 20.43 -36.08
C SER E 197 -27.15 19.81 -37.46
N MET E 198 -26.15 20.00 -38.32
CA MET E 198 -26.17 19.37 -39.63
C MET E 198 -24.75 19.10 -40.12
N VAL E 199 -24.56 17.92 -40.72
CA VAL E 199 -23.26 17.52 -41.19
C VAL E 199 -23.16 17.76 -42.70
N ALA E 200 -21.93 17.84 -43.20
CA ALA E 200 -21.69 18.11 -44.61
C ALA E 200 -20.41 17.38 -45.03
N TYR E 201 -20.54 16.47 -45.98
CA TYR E 201 -19.41 15.66 -46.40
C TYR E 201 -19.02 15.88 -47.86
N LYS E 202 -17.83 15.41 -48.23
CA LYS E 202 -17.37 15.59 -49.60
C LYS E 202 -17.86 14.48 -50.53
N ILE E 203 -18.52 14.86 -51.61
CA ILE E 203 -19.03 13.89 -52.56
C ILE E 203 -17.89 13.19 -53.27
N PRO E 204 -17.81 11.87 -53.13
CA PRO E 204 -16.76 11.01 -53.66
C PRO E 204 -16.34 11.39 -55.09
N VAL E 205 -15.09 11.81 -55.24
CA VAL E 205 -14.49 11.99 -56.56
C VAL E 205 -13.71 10.71 -56.88
N ASN E 206 -13.21 10.61 -58.10
CA ASN E 206 -12.54 9.38 -58.56
C ASN E 206 -13.49 8.19 -58.48
N GLY F 11 -40.72 10.86 -49.49
CA GLY F 11 -41.79 10.01 -49.01
C GLY F 11 -41.36 8.66 -48.43
N SER F 12 -40.66 7.87 -49.23
CA SER F 12 -40.38 6.48 -48.86
C SER F 12 -39.10 5.97 -49.50
N ILE F 13 -38.44 5.04 -48.80
CA ILE F 13 -37.12 4.55 -49.17
C ILE F 13 -37.17 3.44 -50.20
N THR F 14 -36.26 3.46 -51.17
CA THR F 14 -36.25 2.45 -52.22
C THR F 14 -35.12 1.42 -52.07
N LEU F 15 -35.50 0.15 -51.91
CA LEU F 15 -34.55 -0.93 -51.76
C LEU F 15 -34.37 -1.62 -53.11
N ARG F 16 -33.28 -1.34 -53.81
CA ARG F 16 -33.06 -2.00 -55.09
C ARG F 16 -31.99 -3.07 -54.99
N GLY F 17 -32.25 -4.22 -55.60
CA GLY F 17 -31.31 -5.34 -55.60
C GLY F 17 -31.92 -6.71 -55.81
N SER F 18 -31.06 -7.73 -55.77
CA SER F 18 -31.50 -9.12 -55.79
C SER F 18 -32.13 -9.44 -54.45
N ALA F 19 -32.54 -10.68 -54.25
CA ALA F 19 -33.24 -11.01 -53.03
C ALA F 19 -32.32 -11.23 -51.84
N GLU F 20 -31.32 -12.09 -51.99
CA GLU F 20 -30.42 -12.39 -50.88
C GLU F 20 -29.91 -11.08 -50.26
N ILE F 21 -29.95 -10.02 -51.07
CA ILE F 21 -29.47 -8.71 -50.66
C ILE F 21 -30.56 -7.83 -50.06
N VAL F 22 -31.66 -7.62 -50.80
CA VAL F 22 -32.72 -6.72 -50.36
C VAL F 22 -33.18 -7.02 -48.93
N ALA F 23 -33.26 -8.30 -48.56
CA ALA F 23 -33.54 -8.68 -47.18
C ALA F 23 -32.51 -8.06 -46.26
N GLU F 24 -31.23 -8.34 -46.50
CA GLU F 24 -30.15 -7.85 -45.66
C GLU F 24 -30.25 -6.33 -45.48
N PHE F 25 -30.59 -5.63 -46.57
CA PHE F 25 -30.82 -4.19 -46.51
C PHE F 25 -31.93 -3.83 -45.55
N PHE F 26 -33.12 -4.40 -45.80
CA PHE F 26 -34.23 -4.24 -44.87
C PHE F 26 -33.75 -4.40 -43.43
N SER F 27 -33.09 -5.51 -43.13
CA SER F 27 -32.56 -5.73 -41.79
C SER F 27 -31.78 -4.51 -41.30
N PHE F 28 -30.87 -4.00 -42.11
CA PHE F 28 -30.07 -2.87 -41.69
C PHE F 28 -30.90 -1.63 -41.40
N GLY F 29 -31.94 -1.41 -42.21
CA GLY F 29 -32.80 -0.26 -42.05
C GLY F 29 -33.69 -0.35 -40.83
N ILE F 30 -34.55 -1.36 -40.83
CA ILE F 30 -35.41 -1.65 -39.69
C ILE F 30 -34.60 -1.61 -38.41
N ASN F 31 -33.32 -1.89 -38.51
CA ASN F 31 -32.44 -1.77 -37.36
C ASN F 31 -32.17 -0.32 -37.01
N SER F 32 -31.70 0.43 -37.99
CA SER F 32 -31.37 1.83 -37.75
C SER F 32 -32.57 2.56 -37.17
N ILE F 33 -33.76 2.21 -37.66
CA ILE F 33 -34.98 2.86 -37.19
C ILE F 33 -35.15 2.59 -35.71
N LEU F 34 -34.95 1.34 -35.32
CA LEU F 34 -35.05 0.93 -33.92
C LEU F 34 -34.04 1.65 -33.04
N TYR F 35 -32.91 2.02 -33.63
CA TYR F 35 -31.89 2.71 -32.85
C TYR F 35 -32.23 4.17 -32.71
N GLN F 36 -32.38 4.85 -33.84
CA GLN F 36 -32.53 6.29 -33.83
C GLN F 36 -33.84 6.76 -33.23
N ARG F 37 -34.82 5.88 -33.16
CA ARG F 37 -36.08 6.24 -32.56
C ARG F 37 -36.16 5.77 -31.11
N GLY F 38 -35.06 5.25 -30.60
CA GLY F 38 -35.01 4.78 -29.22
C GLY F 38 -36.04 3.73 -28.87
N ILE F 39 -36.60 3.07 -29.89
CA ILE F 39 -37.47 1.94 -29.66
C ILE F 39 -36.86 1.00 -28.60
N TYR F 40 -35.69 0.45 -28.90
CA TYR F 40 -34.88 -0.21 -27.89
C TYR F 40 -33.85 0.78 -27.42
N PRO F 41 -33.22 0.53 -26.28
CA PRO F 41 -32.16 1.37 -25.70
C PRO F 41 -30.94 1.53 -26.60
N SER F 42 -29.93 2.23 -26.13
CA SER F 42 -28.74 2.40 -26.93
C SER F 42 -27.82 1.21 -26.74
N GLU F 43 -27.68 0.82 -25.49
CA GLU F 43 -26.82 -0.28 -25.10
C GLU F 43 -27.32 -1.60 -25.68
N THR F 44 -28.51 -1.57 -26.25
CA THR F 44 -29.10 -2.75 -26.88
C THR F 44 -28.28 -3.13 -28.10
N PHE F 45 -27.72 -2.12 -28.76
CA PHE F 45 -27.13 -2.28 -30.09
C PHE F 45 -25.62 -2.42 -30.05
N THR F 46 -25.03 -2.67 -31.22
CA THR F 46 -23.58 -2.67 -31.36
C THR F 46 -23.19 -2.36 -32.79
N ARG F 47 -21.94 -2.00 -32.98
CA ARG F 47 -21.43 -1.75 -34.31
C ARG F 47 -20.91 -3.06 -34.85
N VAL F 48 -21.22 -3.33 -36.11
CA VAL F 48 -20.68 -4.50 -36.81
C VAL F 48 -20.26 -4.03 -38.21
N GLN F 49 -19.28 -4.69 -38.84
CA GLN F 49 -18.90 -4.33 -40.21
C GLN F 49 -19.55 -5.25 -41.24
N LYS F 50 -20.27 -4.65 -42.17
CA LYS F 50 -20.76 -5.40 -43.31
C LYS F 50 -20.41 -4.59 -44.56
N TYR F 51 -19.89 -5.29 -45.57
CA TYR F 51 -19.40 -4.63 -46.76
C TYR F 51 -18.55 -3.43 -46.36
N GLY F 52 -17.48 -3.66 -45.62
CA GLY F 52 -16.56 -2.59 -45.27
C GLY F 52 -17.16 -1.26 -44.84
N LEU F 53 -18.41 -1.30 -44.37
CA LEU F 53 -19.05 -0.17 -43.71
C LEU F 53 -19.27 -0.55 -42.24
N THR F 54 -19.53 0.44 -41.40
CA THR F 54 -19.92 0.15 -40.03
C THR F 54 -21.43 0.27 -39.97
N LEU F 55 -22.08 -0.65 -39.27
CA LEU F 55 -23.53 -0.63 -39.16
C LEU F 55 -23.99 -0.85 -37.74
N LEU F 56 -25.06 -0.17 -37.37
CA LEU F 56 -25.69 -0.42 -36.08
C LEU F 56 -26.74 -1.49 -36.23
N VAL F 57 -26.68 -2.50 -35.38
CA VAL F 57 -27.64 -3.59 -35.39
C VAL F 57 -27.92 -3.98 -33.96
N THR F 58 -29.09 -4.55 -33.73
CA THR F 58 -29.50 -4.86 -32.38
C THR F 58 -28.91 -6.18 -31.93
N THR F 59 -28.87 -6.37 -30.62
CA THR F 59 -28.32 -7.57 -30.02
C THR F 59 -29.26 -8.12 -28.93
N ASP F 60 -30.50 -7.67 -28.92
CA ASP F 60 -31.51 -8.28 -28.05
C ASP F 60 -31.94 -9.58 -28.72
N LEU F 61 -31.63 -10.69 -28.06
CA LEU F 61 -31.87 -12.00 -28.64
C LEU F 61 -33.33 -12.19 -29.10
N GLU F 62 -34.29 -11.67 -28.33
CA GLU F 62 -35.71 -11.70 -28.75
C GLU F 62 -35.80 -11.28 -30.20
N LEU F 63 -35.40 -10.04 -30.43
CA LEU F 63 -35.51 -9.37 -31.72
C LEU F 63 -34.85 -10.18 -32.81
N ILE F 64 -33.60 -10.60 -32.57
CA ILE F 64 -32.85 -11.33 -33.58
C ILE F 64 -33.60 -12.56 -34.07
N LYS F 65 -34.03 -13.39 -33.13
CA LYS F 65 -34.85 -14.53 -33.45
C LYS F 65 -35.95 -14.09 -34.40
N TYR F 66 -36.75 -13.11 -33.96
CA TYR F 66 -37.92 -12.66 -34.71
C TYR F 66 -37.55 -12.01 -36.03
N LEU F 67 -36.78 -10.94 -35.99
CA LEU F 67 -36.36 -10.23 -37.19
C LEU F 67 -35.76 -11.19 -38.20
N ASN F 68 -35.22 -12.28 -37.68
CA ASN F 68 -34.60 -13.27 -38.53
C ASN F 68 -35.64 -14.10 -39.26
N ASN F 69 -36.50 -14.77 -38.50
CA ASN F 69 -37.54 -15.62 -39.06
C ASN F 69 -38.40 -14.85 -40.06
N VAL F 70 -38.71 -13.60 -39.73
CA VAL F 70 -39.45 -12.77 -40.66
C VAL F 70 -38.59 -12.40 -41.89
N VAL F 71 -37.30 -12.14 -41.72
CA VAL F 71 -36.47 -11.79 -42.87
C VAL F 71 -36.15 -12.99 -43.74
N GLU F 72 -36.00 -14.17 -43.13
CA GLU F 72 -35.71 -15.37 -43.91
C GLU F 72 -36.88 -15.71 -44.81
N GLN F 73 -38.09 -15.62 -44.26
CA GLN F 73 -39.29 -15.91 -45.02
C GLN F 73 -39.45 -14.88 -46.11
N LEU F 74 -38.84 -13.72 -45.89
CA LEU F 74 -38.89 -12.62 -46.86
C LEU F 74 -37.86 -12.83 -47.95
N LYS F 75 -36.66 -13.22 -47.54
CA LYS F 75 -35.60 -13.58 -48.46
C LYS F 75 -36.17 -14.55 -49.47
N ASP F 76 -37.13 -15.37 -49.04
CA ASP F 76 -37.72 -16.40 -49.88
C ASP F 76 -38.73 -15.82 -50.85
N TRP F 77 -39.78 -15.18 -50.34
CA TRP F 77 -40.79 -14.60 -51.22
C TRP F 77 -40.12 -13.72 -52.28
N LEU F 78 -38.92 -13.23 -51.97
CA LEU F 78 -38.23 -12.29 -52.83
C LEU F 78 -37.52 -12.93 -54.03
N TYR F 79 -36.97 -14.13 -53.86
CA TYR F 79 -36.20 -14.75 -54.93
C TYR F 79 -37.03 -14.87 -56.21
N LYS F 80 -38.30 -14.52 -56.12
CA LYS F 80 -39.19 -14.53 -57.27
C LYS F 80 -39.97 -13.21 -57.47
N CYS F 81 -39.68 -12.21 -56.66
CA CYS F 81 -40.27 -10.88 -56.83
C CYS F 81 -41.76 -10.85 -56.58
N SER F 82 -42.18 -11.47 -55.49
CA SER F 82 -43.59 -11.57 -55.17
C SER F 82 -44.02 -10.45 -54.24
N VAL F 83 -43.04 -9.83 -53.59
CA VAL F 83 -43.32 -8.78 -52.61
C VAL F 83 -43.03 -7.36 -53.13
N GLN F 84 -44.07 -6.52 -53.14
CA GLN F 84 -44.01 -5.20 -53.76
C GLN F 84 -43.50 -4.12 -52.82
N LYS F 85 -44.09 -4.04 -51.63
CA LYS F 85 -43.62 -3.07 -50.64
C LYS F 85 -43.75 -3.58 -49.20
N LEU F 86 -42.78 -3.21 -48.37
CA LEU F 86 -42.84 -3.44 -46.92
C LEU F 86 -43.21 -2.12 -46.27
N VAL F 87 -44.10 -2.15 -45.28
CA VAL F 87 -44.39 -0.94 -44.52
C VAL F 87 -44.43 -1.17 -43.04
N VAL F 88 -43.63 -0.40 -42.31
CA VAL F 88 -43.57 -0.48 -40.86
C VAL F 88 -44.45 0.58 -40.25
N VAL F 89 -45.29 0.20 -39.29
CA VAL F 89 -46.23 1.13 -38.71
C VAL F 89 -46.14 1.22 -37.19
N ILE F 90 -45.30 2.13 -36.72
CA ILE F 90 -45.18 2.40 -35.30
C ILE F 90 -46.41 3.13 -34.83
N SER F 91 -47.18 2.49 -33.96
CA SER F 91 -48.38 3.10 -33.45
C SER F 91 -48.42 2.99 -31.94
N ASN F 92 -49.09 3.94 -31.31
CA ASN F 92 -49.29 3.90 -29.87
C ASN F 92 -50.03 2.62 -29.49
N ILE F 93 -49.63 1.99 -28.38
CA ILE F 93 -50.11 0.64 -28.06
C ILE F 93 -51.47 0.62 -27.36
N GLU F 94 -51.75 1.62 -26.55
CA GLU F 94 -53.06 1.74 -25.93
C GLU F 94 -53.92 2.59 -26.85
N SER F 95 -53.36 3.71 -27.26
CA SER F 95 -54.03 4.68 -28.11
C SER F 95 -54.65 3.99 -29.30
N GLY F 96 -53.81 3.35 -30.09
CA GLY F 96 -54.23 2.82 -31.37
C GLY F 96 -53.75 3.75 -32.46
N GLU F 97 -53.71 5.04 -32.15
CA GLU F 97 -53.30 6.04 -33.12
C GLU F 97 -51.93 5.75 -33.68
N VAL F 98 -51.81 5.90 -35.00
CA VAL F 98 -50.53 5.73 -35.65
C VAL F 98 -49.62 6.86 -35.21
N LEU F 99 -48.31 6.62 -35.25
CA LEU F 99 -47.34 7.64 -34.88
C LEU F 99 -46.41 7.99 -36.04
N GLU F 100 -46.15 7.00 -36.89
CA GLU F 100 -45.31 7.22 -38.05
C GLU F 100 -45.29 5.95 -38.89
N ARG F 101 -45.15 6.12 -40.21
CA ARG F 101 -45.01 4.99 -41.11
C ARG F 101 -43.65 5.04 -41.77
N TRP F 102 -43.01 3.88 -41.90
CA TRP F 102 -41.77 3.78 -42.64
C TRP F 102 -42.01 2.83 -43.80
N GLN F 103 -41.98 3.35 -45.02
CA GLN F 103 -42.35 2.56 -46.18
C GLN F 103 -41.15 2.24 -47.06
N PHE F 104 -40.98 0.97 -47.36
CA PHE F 104 -39.91 0.53 -48.24
C PHE F 104 -40.45 0.03 -49.57
N ASP F 105 -40.06 0.69 -50.64
CA ASP F 105 -40.48 0.29 -51.96
C ASP F 105 -39.43 -0.65 -52.51
N ILE F 106 -39.89 -1.72 -53.16
CA ILE F 106 -38.96 -2.74 -53.61
C ILE F 106 -38.69 -2.72 -55.12
N GLU F 107 -37.42 -2.85 -55.45
CA GLU F 107 -36.95 -2.79 -56.82
C GLU F 107 -36.43 -4.19 -57.12
N CYS F 108 -37.32 -5.06 -57.56
CA CYS F 108 -37.02 -6.49 -57.54
C CYS F 108 -36.33 -7.03 -58.78
N ASP F 109 -35.14 -7.62 -58.57
CA ASP F 109 -34.43 -8.34 -59.63
C ASP F 109 -34.46 -9.83 -59.33
N LYS F 110 -35.12 -10.61 -60.18
CA LYS F 110 -35.23 -12.05 -59.98
C LYS F 110 -33.83 -12.69 -59.89
N THR F 111 -33.73 -13.79 -59.15
CA THR F 111 -32.44 -14.47 -58.96
C THR F 111 -32.61 -15.96 -58.68
N SER F 122 -19.52 -4.91 -58.77
CA SER F 122 -18.65 -5.26 -57.65
C SER F 122 -19.23 -4.76 -56.34
N GLN F 123 -18.36 -4.45 -55.38
CA GLN F 123 -18.77 -4.06 -54.04
C GLN F 123 -19.14 -2.60 -53.93
N LYS F 124 -18.45 -1.77 -54.70
CA LYS F 124 -18.71 -0.33 -54.71
C LYS F 124 -20.21 -0.11 -54.85
N ALA F 125 -20.86 -1.02 -55.57
CA ALA F 125 -22.29 -0.92 -55.85
C ALA F 125 -23.11 -0.97 -54.57
N ILE F 126 -23.01 -2.11 -53.90
CA ILE F 126 -23.73 -2.33 -52.66
C ILE F 126 -23.47 -1.19 -51.71
N GLN F 127 -22.19 -0.86 -51.56
CA GLN F 127 -21.80 0.16 -50.61
C GLN F 127 -22.71 1.38 -50.72
N ASP F 128 -22.83 1.91 -51.94
CA ASP F 128 -23.60 3.11 -52.15
C ASP F 128 -25.06 2.91 -51.78
N GLU F 129 -25.60 1.74 -52.11
CA GLU F 129 -26.98 1.44 -51.77
C GLU F 129 -27.27 1.57 -50.28
N ILE F 130 -26.56 0.79 -49.46
CA ILE F 130 -26.76 0.84 -48.02
C ILE F 130 -26.76 2.29 -47.56
N ARG F 131 -25.71 3.02 -47.89
CA ARG F 131 -25.60 4.41 -47.48
C ARG F 131 -26.88 5.17 -47.77
N SER F 132 -27.30 5.21 -49.03
CA SER F 132 -28.46 6.02 -49.39
C SER F 132 -29.63 5.68 -48.48
N VAL F 133 -29.74 4.41 -48.10
CA VAL F 133 -30.83 4.01 -47.22
C VAL F 133 -30.66 4.58 -45.81
N ILE F 134 -29.57 4.22 -45.15
CA ILE F 134 -29.31 4.73 -43.80
C ILE F 134 -29.33 6.24 -43.80
N ARG F 135 -28.76 6.84 -44.83
CA ARG F 135 -28.79 8.28 -44.96
C ARG F 135 -30.22 8.80 -45.04
N GLN F 136 -31.07 8.14 -45.84
CA GLN F 136 -32.48 8.52 -45.94
C GLN F 136 -33.15 8.43 -44.58
N ILE F 137 -33.20 7.22 -44.05
CA ILE F 137 -33.75 6.96 -42.73
C ILE F 137 -33.33 8.03 -41.73
N THR F 138 -32.04 8.35 -41.75
CA THR F 138 -31.49 9.33 -40.81
C THR F 138 -32.05 10.72 -41.03
N ALA F 139 -32.05 11.18 -42.27
CA ALA F 139 -32.51 12.54 -42.55
C ALA F 139 -33.96 12.66 -42.17
N THR F 140 -34.66 11.53 -42.20
CA THR F 140 -36.06 11.49 -41.85
C THR F 140 -36.27 11.69 -40.35
N VAL F 141 -35.63 10.83 -39.55
CA VAL F 141 -35.77 10.90 -38.11
C VAL F 141 -35.60 12.33 -37.62
N THR F 142 -34.99 13.16 -38.45
CA THR F 142 -34.88 14.57 -38.12
C THR F 142 -36.25 15.20 -37.87
N PHE F 143 -37.21 14.92 -38.74
CA PHE F 143 -38.44 15.67 -38.73
C PHE F 143 -39.50 15.11 -37.84
N LEU F 144 -39.25 13.90 -37.33
CA LEU F 144 -40.24 13.23 -36.49
C LEU F 144 -40.18 13.78 -35.07
N PRO F 145 -41.33 13.77 -34.38
CA PRO F 145 -41.40 14.23 -32.99
C PRO F 145 -40.68 13.22 -32.16
N LEU F 146 -40.33 13.56 -30.94
CA LEU F 146 -39.74 12.58 -30.06
C LEU F 146 -40.84 11.58 -29.66
N LEU F 147 -40.49 10.30 -29.56
CA LEU F 147 -41.43 9.31 -29.04
C LEU F 147 -41.39 9.41 -27.54
N GLU F 148 -42.49 9.07 -26.88
CA GLU F 148 -42.53 9.16 -25.42
C GLU F 148 -43.46 8.14 -24.75
N VAL F 149 -44.13 7.33 -25.56
CA VAL F 149 -45.08 6.37 -25.05
C VAL F 149 -44.73 4.94 -25.46
N SER F 150 -45.41 3.96 -24.88
CA SER F 150 -45.23 2.57 -25.29
C SER F 150 -45.73 2.47 -26.72
N CYS F 151 -45.47 1.36 -27.40
CA CYS F 151 -45.92 1.28 -28.78
C CYS F 151 -45.73 -0.07 -29.43
N SER F 152 -46.50 -0.30 -30.48
CA SER F 152 -46.46 -1.54 -31.24
C SER F 152 -45.89 -1.34 -32.65
N PHE F 153 -45.19 -2.36 -33.12
CA PHE F 153 -44.73 -2.42 -34.49
C PHE F 153 -45.70 -3.24 -35.32
N ASP F 154 -45.94 -2.78 -36.54
CA ASP F 154 -46.72 -3.57 -37.47
C ASP F 154 -46.00 -3.61 -38.79
N LEU F 155 -45.46 -4.77 -39.13
CA LEU F 155 -44.82 -4.96 -40.42
C LEU F 155 -45.91 -5.40 -41.36
N LEU F 156 -45.88 -4.86 -42.58
CA LEU F 156 -46.85 -5.24 -43.58
C LEU F 156 -46.11 -5.67 -44.82
N ILE F 157 -46.13 -6.97 -45.10
CA ILE F 157 -45.58 -7.46 -46.33
C ILE F 157 -46.67 -7.41 -47.40
N TYR F 158 -46.46 -6.59 -48.42
CA TYR F 158 -47.42 -6.44 -49.50
C TYR F 158 -47.02 -7.34 -50.67
N THR F 159 -47.89 -8.29 -51.02
CA THR F 159 -47.54 -9.32 -51.99
C THR F 159 -48.53 -9.43 -53.15
N ASP F 160 -48.14 -10.18 -54.18
CA ASP F 160 -49.02 -10.43 -55.31
C ASP F 160 -50.25 -11.16 -54.80
N LYS F 161 -51.41 -10.92 -55.39
CA LYS F 161 -52.62 -11.63 -54.95
C LYS F 161 -52.43 -13.15 -55.02
N ASP F 162 -51.40 -13.59 -55.75
CA ASP F 162 -51.08 -15.02 -55.84
C ASP F 162 -49.85 -15.35 -55.02
N LEU F 163 -49.91 -16.42 -54.22
CA LEU F 163 -48.78 -16.76 -53.36
C LEU F 163 -48.80 -18.10 -52.59
N VAL F 164 -47.59 -18.60 -52.37
CA VAL F 164 -47.32 -19.80 -51.59
C VAL F 164 -47.62 -19.51 -50.13
N VAL F 165 -48.12 -18.31 -49.86
CA VAL F 165 -48.34 -17.83 -48.50
C VAL F 165 -49.17 -18.78 -47.61
N PRO F 166 -48.57 -19.25 -46.51
CA PRO F 166 -49.29 -20.11 -45.54
C PRO F 166 -50.42 -19.32 -44.91
N GLU F 167 -51.49 -19.99 -44.50
CA GLU F 167 -52.67 -19.27 -44.06
C GLU F 167 -52.38 -18.32 -42.89
N LYS F 168 -51.55 -18.76 -41.94
CA LYS F 168 -51.31 -17.99 -40.72
C LYS F 168 -50.65 -16.64 -40.92
N TRP F 169 -49.87 -16.53 -41.98
CA TRP F 169 -49.13 -15.30 -42.22
C TRP F 169 -50.04 -14.12 -42.49
N GLU F 170 -51.23 -14.38 -43.00
CA GLU F 170 -52.12 -13.27 -43.36
C GLU F 170 -53.10 -12.95 -42.24
N GLU F 171 -53.29 -11.65 -42.00
CA GLU F 171 -54.21 -11.17 -40.98
C GLU F 171 -53.61 -11.19 -39.57
N SER F 172 -53.49 -12.38 -38.98
CA SER F 172 -52.97 -12.48 -37.62
C SER F 172 -51.46 -12.25 -37.58
N GLY F 173 -50.74 -12.92 -38.47
CA GLY F 173 -49.29 -12.80 -38.56
C GLY F 173 -48.56 -13.29 -37.33
N PRO F 174 -47.23 -13.47 -37.41
CA PRO F 174 -46.46 -13.91 -36.24
C PRO F 174 -46.08 -12.69 -35.46
N GLN F 175 -45.92 -12.82 -34.16
CA GLN F 175 -45.64 -11.64 -33.33
C GLN F 175 -44.91 -12.01 -32.06
N PHE F 176 -44.40 -10.98 -31.36
CA PHE F 176 -43.80 -11.18 -30.05
C PHE F 176 -44.06 -10.02 -29.10
N ILE F 177 -43.93 -10.29 -27.81
CA ILE F 177 -44.24 -9.32 -26.77
C ILE F 177 -43.02 -9.07 -25.90
N THR F 178 -42.91 -7.87 -25.34
CA THR F 178 -41.90 -7.59 -24.34
C THR F 178 -42.45 -6.64 -23.29
N ASN F 179 -42.90 -7.21 -22.18
CA ASN F 179 -43.46 -6.43 -21.09
C ASN F 179 -42.35 -5.86 -20.22
N SER F 180 -41.12 -6.28 -20.49
CA SER F 180 -39.98 -5.77 -19.73
C SER F 180 -39.77 -4.28 -19.97
N GLU F 181 -39.58 -3.55 -18.89
CA GLU F 181 -39.34 -2.12 -18.94
C GLU F 181 -38.08 -1.81 -19.74
N GLU F 182 -37.77 -0.53 -19.88
CA GLU F 182 -36.54 -0.09 -20.54
C GLU F 182 -36.66 -0.12 -22.06
N VAL F 183 -37.77 -0.65 -22.56
CA VAL F 183 -37.96 -0.77 -24.00
C VAL F 183 -39.32 -0.21 -24.44
N ARG F 184 -39.29 0.75 -25.37
CA ARG F 184 -40.52 1.33 -25.89
C ARG F 184 -41.42 0.29 -26.54
N LEU F 185 -40.80 -0.56 -27.36
CA LEU F 185 -41.55 -1.61 -28.05
C LEU F 185 -42.30 -2.54 -27.07
N ARG F 186 -43.52 -2.90 -27.41
CA ARG F 186 -44.29 -3.80 -26.55
C ARG F 186 -44.80 -5.00 -27.33
N SER F 187 -45.16 -4.78 -28.59
CA SER F 187 -45.57 -5.87 -29.48
C SER F 187 -45.13 -5.60 -30.90
N PHE F 188 -44.48 -6.59 -31.50
CA PHE F 188 -44.03 -6.50 -32.87
C PHE F 188 -44.73 -7.62 -33.61
N THR F 189 -45.49 -7.27 -34.65
CA THR F 189 -46.30 -8.26 -35.36
C THR F 189 -46.23 -8.04 -36.86
N THR F 190 -46.02 -9.13 -37.60
CA THR F 190 -45.97 -9.05 -39.05
C THR F 190 -47.24 -9.60 -39.64
N THR F 191 -47.62 -9.11 -40.82
CA THR F 191 -48.87 -9.50 -41.49
C THR F 191 -48.73 -9.32 -42.99
N ILE F 192 -49.25 -10.27 -43.75
CA ILE F 192 -49.20 -10.16 -45.21
C ILE F 192 -50.48 -9.62 -45.82
N HIS F 193 -50.33 -8.61 -46.70
CA HIS F 193 -51.46 -8.01 -47.38
C HIS F 193 -51.35 -8.19 -48.88
N LYS F 194 -52.07 -9.16 -49.41
CA LYS F 194 -52.03 -9.46 -50.83
C LYS F 194 -52.82 -8.41 -51.60
N VAL F 195 -52.15 -7.66 -52.49
CA VAL F 195 -52.87 -6.72 -53.34
C VAL F 195 -52.38 -6.71 -54.79
N ASN F 196 -53.26 -7.16 -55.68
CA ASN F 196 -53.03 -7.10 -57.12
C ASN F 196 -51.70 -7.67 -57.57
N SER F 197 -51.35 -7.34 -58.80
CA SER F 197 -50.18 -7.88 -59.43
C SER F 197 -49.89 -7.02 -60.64
N MET F 198 -48.63 -6.95 -61.05
CA MET F 198 -48.26 -6.08 -62.17
C MET F 198 -47.49 -6.78 -63.27
N VAL F 199 -47.76 -6.38 -64.51
CA VAL F 199 -47.05 -6.95 -65.65
C VAL F 199 -46.53 -5.87 -66.58
N ALA F 200 -45.21 -5.84 -66.77
CA ALA F 200 -44.56 -4.88 -67.65
C ALA F 200 -44.52 -5.33 -69.11
N TYR F 201 -44.76 -4.42 -70.05
CA TYR F 201 -44.71 -4.82 -71.46
C TYR F 201 -43.90 -3.85 -72.32
N LYS F 202 -42.88 -4.38 -73.01
CA LYS F 202 -42.07 -3.60 -73.94
C LYS F 202 -42.50 -3.87 -75.38
N ILE F 203 -42.24 -2.92 -76.28
CA ILE F 203 -42.63 -3.10 -77.68
C ILE F 203 -41.66 -2.58 -78.74
N PRO F 204 -40.54 -3.29 -78.95
CA PRO F 204 -39.71 -3.08 -80.14
C PRO F 204 -40.20 -3.94 -81.32
N VAL F 205 -40.49 -3.32 -82.46
CA VAL F 205 -41.07 -4.05 -83.61
C VAL F 205 -40.16 -5.16 -84.13
N SER G 12 19.39 -45.28 -3.02
CA SER G 12 18.12 -45.98 -2.95
C SER G 12 17.15 -45.32 -1.95
N ILE G 13 15.86 -45.38 -2.28
CA ILE G 13 14.82 -44.73 -1.47
C ILE G 13 13.54 -45.54 -1.40
N THR G 14 12.85 -45.41 -0.26
CA THR G 14 11.69 -46.23 0.03
C THR G 14 10.43 -45.42 0.29
N LEU G 15 9.27 -46.10 0.25
CA LEU G 15 7.99 -45.50 0.64
C LEU G 15 8.10 -44.95 2.06
N ARG G 16 8.91 -45.62 2.88
CA ARG G 16 9.25 -45.17 4.22
C ARG G 16 9.49 -43.66 4.22
N GLY G 17 10.28 -43.20 3.24
CA GLY G 17 10.70 -41.81 3.21
C GLY G 17 10.18 -41.00 2.04
N SER G 18 9.94 -41.63 0.90
CA SER G 18 9.41 -40.92 -0.25
C SER G 18 8.09 -40.26 0.12
N ALA G 19 7.38 -40.83 1.08
CA ALA G 19 6.19 -40.20 1.62
C ALA G 19 6.59 -38.90 2.28
N GLU G 20 7.67 -38.94 3.04
CA GLU G 20 8.16 -37.77 3.75
C GLU G 20 8.67 -36.69 2.81
N ILE G 21 9.59 -37.05 1.91
CA ILE G 21 10.17 -36.09 0.97
C ILE G 21 9.14 -35.16 0.35
N VAL G 22 8.07 -35.76 -0.16
CA VAL G 22 6.98 -35.00 -0.76
C VAL G 22 6.25 -34.14 0.28
N ALA G 23 5.97 -34.70 1.46
CA ALA G 23 5.39 -33.90 2.53
C ALA G 23 6.28 -32.68 2.82
N GLU G 24 7.58 -32.93 2.97
CA GLU G 24 8.54 -31.86 3.20
C GLU G 24 8.37 -30.76 2.15
N PHE G 25 8.32 -31.18 0.89
CA PHE G 25 8.18 -30.24 -0.21
C PHE G 25 6.98 -29.34 -0.03
N PHE G 26 5.84 -29.91 0.33
CA PHE G 26 4.64 -29.12 0.47
C PHE G 26 4.74 -28.12 1.60
N SER G 27 5.50 -28.45 2.62
CA SER G 27 5.74 -27.49 3.68
C SER G 27 6.45 -26.26 3.12
N PHE G 28 7.65 -26.43 2.58
CA PHE G 28 8.42 -25.32 2.02
C PHE G 28 7.72 -24.61 0.87
N GLY G 29 7.08 -25.38 -0.01
CA GLY G 29 6.37 -24.82 -1.14
C GLY G 29 5.27 -23.89 -0.71
N ILE G 30 4.37 -24.41 0.12
CA ILE G 30 3.27 -23.61 0.64
C ILE G 30 3.76 -22.37 1.39
N ASN G 31 4.86 -22.52 2.12
CA ASN G 31 5.47 -21.38 2.78
C ASN G 31 5.94 -20.40 1.72
N SER G 32 6.81 -20.88 0.84
CA SER G 32 7.38 -20.03 -0.20
C SER G 32 6.31 -19.44 -1.11
N ILE G 33 5.18 -20.12 -1.26
CA ILE G 33 4.06 -19.53 -2.00
C ILE G 33 3.46 -18.38 -1.21
N LEU G 34 3.10 -18.65 0.05
CA LEU G 34 2.52 -17.64 0.93
C LEU G 34 3.39 -16.39 1.07
N TYR G 35 4.70 -16.61 1.16
CA TYR G 35 5.62 -15.51 1.28
C TYR G 35 5.76 -14.75 -0.04
N GLN G 36 5.95 -15.47 -1.12
CA GLN G 36 6.17 -14.83 -2.41
C GLN G 36 4.90 -14.19 -2.97
N ARG G 37 3.81 -14.22 -2.21
CA ARG G 37 2.52 -13.74 -2.73
C ARG G 37 1.97 -12.51 -2.03
N GLY G 38 2.24 -12.39 -0.74
CA GLY G 38 1.74 -11.27 0.02
C GLY G 38 0.53 -11.70 0.81
N ILE G 39 0.46 -13.01 1.04
CA ILE G 39 -0.59 -13.60 1.85
C ILE G 39 -0.41 -13.16 3.29
N TYR G 40 0.79 -13.40 3.80
CA TYR G 40 1.17 -12.92 5.11
C TYR G 40 2.28 -11.90 4.98
N PRO G 41 2.37 -10.96 5.94
CA PRO G 41 3.39 -9.91 5.99
C PRO G 41 4.79 -10.46 5.78
N SER G 42 5.67 -9.66 5.19
CA SER G 42 7.03 -10.12 4.87
C SER G 42 7.88 -10.42 6.10
N GLU G 43 7.60 -9.74 7.20
CA GLU G 43 8.37 -9.94 8.42
C GLU G 43 7.87 -11.15 9.22
N THR G 44 6.74 -11.69 8.78
CA THR G 44 6.19 -12.88 9.37
C THR G 44 7.17 -14.05 9.30
N PHE G 45 7.97 -14.08 8.25
CA PHE G 45 8.77 -15.26 7.93
C PHE G 45 10.22 -15.13 8.32
N THR G 46 10.89 -16.26 8.45
CA THR G 46 12.33 -16.25 8.72
C THR G 46 13.12 -16.93 7.62
N ARG G 47 14.37 -16.51 7.50
CA ARG G 47 15.23 -16.92 6.41
C ARG G 47 15.93 -18.21 6.78
N VAL G 48 15.77 -19.24 5.95
CA VAL G 48 16.32 -20.57 6.25
C VAL G 48 16.92 -21.24 5.02
N GLN G 49 17.73 -22.27 5.24
CA GLN G 49 18.36 -23.01 4.14
C GLN G 49 17.70 -24.36 3.94
N LYS G 50 17.23 -24.62 2.73
CA LYS G 50 16.86 -25.99 2.34
C LYS G 50 16.88 -26.15 0.84
N TYR G 51 17.13 -27.37 0.40
CA TYR G 51 17.19 -27.69 -1.01
C TYR G 51 18.34 -26.93 -1.66
N GLY G 52 19.13 -26.24 -0.85
CA GLY G 52 20.28 -25.51 -1.36
C GLY G 52 19.92 -24.10 -1.78
N LEU G 53 18.69 -23.69 -1.51
CA LEU G 53 18.29 -22.31 -1.71
C LEU G 53 18.10 -21.69 -0.36
N THR G 54 17.61 -20.47 -0.37
CA THR G 54 17.23 -19.78 0.84
C THR G 54 15.74 -19.53 0.71
N LEU G 55 14.92 -20.27 1.43
CA LEU G 55 13.49 -20.04 1.38
C LEU G 55 13.06 -19.35 2.66
N LEU G 56 11.80 -18.92 2.73
CA LEU G 56 11.29 -18.40 3.99
C LEU G 56 10.13 -19.23 4.52
N VAL G 57 10.22 -19.57 5.79
CA VAL G 57 9.13 -20.27 6.46
C VAL G 57 8.52 -19.29 7.45
N THR G 58 7.27 -19.53 7.83
CA THR G 58 6.54 -18.56 8.64
C THR G 58 6.88 -18.68 10.13
N THR G 59 6.55 -17.63 10.88
CA THR G 59 6.82 -17.60 12.31
C THR G 59 5.54 -17.62 13.10
N ASP G 60 4.47 -17.07 12.52
CA ASP G 60 3.16 -17.05 13.18
C ASP G 60 2.81 -18.41 13.77
N LEU G 61 2.63 -18.48 15.08
CA LEU G 61 2.36 -19.75 15.73
C LEU G 61 1.11 -20.43 15.17
N GLU G 62 0.07 -19.64 14.91
CA GLU G 62 -1.16 -20.16 14.36
C GLU G 62 -0.89 -20.91 13.07
N LEU G 63 -0.18 -20.26 12.15
CA LEU G 63 0.11 -20.85 10.85
C LEU G 63 1.08 -22.03 10.94
N ILE G 64 1.93 -22.05 11.96
CA ILE G 64 2.84 -23.17 12.11
C ILE G 64 2.06 -24.39 12.58
N LYS G 65 1.26 -24.25 13.64
CA LYS G 65 0.42 -25.35 14.12
C LYS G 65 -0.45 -25.92 13.00
N TYR G 66 -1.03 -25.01 12.21
CA TYR G 66 -1.83 -25.38 11.05
C TYR G 66 -1.07 -26.29 10.09
N LEU G 67 0.04 -25.80 9.57
CA LEU G 67 0.81 -26.53 8.56
C LEU G 67 1.39 -27.85 9.09
N ASN G 68 1.84 -27.85 10.35
CA ASN G 68 2.31 -29.10 10.95
C ASN G 68 1.26 -30.17 10.82
N ASN G 69 0.00 -29.79 11.00
CA ASN G 69 -1.11 -30.73 10.87
C ASN G 69 -1.29 -31.26 9.45
N VAL G 70 -1.20 -30.36 8.47
CA VAL G 70 -1.39 -30.74 7.08
C VAL G 70 -0.18 -31.51 6.54
N VAL G 71 1.02 -31.03 6.86
CA VAL G 71 2.23 -31.74 6.47
C VAL G 71 2.20 -33.14 7.05
N GLU G 72 1.72 -33.25 8.29
CA GLU G 72 1.65 -34.52 8.98
C GLU G 72 0.59 -35.42 8.35
N GLN G 73 -0.61 -34.88 8.17
CA GLN G 73 -1.71 -35.65 7.62
C GLN G 73 -1.38 -36.17 6.22
N LEU G 74 -0.60 -35.39 5.47
CA LEU G 74 -0.20 -35.76 4.11
C LEU G 74 0.82 -36.90 4.14
N LYS G 75 1.78 -36.77 5.03
CA LYS G 75 2.77 -37.82 5.24
C LYS G 75 2.03 -39.14 5.36
N ASP G 76 0.96 -39.15 6.17
CA ASP G 76 0.12 -40.34 6.34
C ASP G 76 -0.44 -40.83 5.01
N TRP G 77 -1.29 -40.01 4.39
CA TRP G 77 -2.02 -40.42 3.20
C TRP G 77 -1.13 -40.74 2.01
N LEU G 78 0.05 -40.12 1.94
CA LEU G 78 0.98 -40.41 0.86
C LEU G 78 1.46 -41.84 0.95
N TYR G 79 1.79 -42.27 2.17
CA TYR G 79 2.20 -43.64 2.42
C TYR G 79 1.18 -44.60 1.79
N LYS G 80 -0.11 -44.27 1.97
CA LYS G 80 -1.19 -45.13 1.51
C LYS G 80 -1.59 -44.87 0.06
N CYS G 81 -1.18 -43.72 -0.47
CA CYS G 81 -1.57 -43.32 -1.83
C CYS G 81 -3.06 -43.00 -1.91
N SER G 82 -3.50 -42.10 -1.05
CA SER G 82 -4.90 -41.73 -1.00
C SER G 82 -5.11 -40.39 -1.69
N VAL G 83 -4.12 -39.52 -1.57
CA VAL G 83 -4.23 -38.15 -2.05
C VAL G 83 -3.54 -37.92 -3.39
N GLN G 84 -4.27 -37.33 -4.33
CA GLN G 84 -3.72 -37.07 -5.65
C GLN G 84 -3.60 -35.58 -5.97
N LYS G 85 -4.44 -34.76 -5.34
CA LYS G 85 -4.36 -33.30 -5.55
C LYS G 85 -4.25 -32.50 -4.26
N LEU G 86 -3.36 -31.51 -4.28
CA LEU G 86 -3.25 -30.52 -3.23
C LEU G 86 -3.30 -29.14 -3.89
N VAL G 87 -4.26 -28.32 -3.47
CA VAL G 87 -4.45 -27.02 -4.11
C VAL G 87 -4.38 -25.89 -3.10
N VAL G 88 -3.66 -24.84 -3.46
CA VAL G 88 -3.59 -23.62 -2.66
C VAL G 88 -4.47 -22.56 -3.30
N VAL G 89 -5.61 -22.28 -2.68
CA VAL G 89 -6.54 -21.34 -3.25
C VAL G 89 -6.41 -19.97 -2.62
N ILE G 90 -5.97 -19.02 -3.42
CA ILE G 90 -5.78 -17.65 -2.97
C ILE G 90 -6.98 -16.79 -3.33
N SER G 91 -7.78 -16.48 -2.31
CA SER G 91 -9.03 -15.77 -2.52
C SER G 91 -9.08 -14.42 -1.83
N ASN G 92 -9.67 -13.44 -2.51
CA ASN G 92 -9.95 -12.12 -1.95
C ASN G 92 -10.89 -12.23 -0.76
N ILE G 93 -10.38 -12.03 0.45
CA ILE G 93 -11.20 -12.24 1.65
C ILE G 93 -12.38 -11.26 1.75
N GLU G 94 -12.25 -10.14 1.06
CA GLU G 94 -13.29 -9.12 1.05
C GLU G 94 -14.57 -9.62 0.37
N SER G 95 -14.39 -10.34 -0.74
CA SER G 95 -15.51 -10.77 -1.57
C SER G 95 -15.75 -12.29 -1.49
N GLY G 96 -14.66 -13.06 -1.46
CA GLY G 96 -14.75 -14.50 -1.51
C GLY G 96 -14.20 -15.02 -2.83
N GLU G 97 -14.21 -14.14 -3.83
CA GLU G 97 -13.73 -14.43 -5.19
C GLU G 97 -12.34 -15.07 -5.21
N VAL G 98 -12.09 -15.90 -6.22
CA VAL G 98 -10.81 -16.57 -6.34
C VAL G 98 -9.90 -15.83 -7.31
N LEU G 99 -8.64 -15.62 -6.90
CA LEU G 99 -7.72 -14.80 -7.70
C LEU G 99 -6.51 -15.58 -8.19
N GLU G 100 -6.12 -16.59 -7.43
CA GLU G 100 -4.94 -17.34 -7.78
C GLU G 100 -5.14 -18.75 -7.26
N ARG G 101 -4.51 -19.71 -7.91
CA ARG G 101 -4.77 -21.10 -7.61
C ARG G 101 -3.59 -21.99 -7.99
N TRP G 102 -2.83 -22.40 -6.98
CA TRP G 102 -1.68 -23.26 -7.21
C TRP G 102 -2.15 -24.69 -7.07
N GLN G 103 -1.81 -25.52 -8.04
CA GLN G 103 -2.38 -26.88 -8.10
C GLN G 103 -1.35 -27.98 -8.30
N PHE G 104 -1.22 -28.83 -7.30
CA PHE G 104 -0.23 -29.90 -7.32
C PHE G 104 -0.85 -31.29 -7.55
N ASP G 105 -0.60 -31.85 -8.72
CA ASP G 105 -1.04 -33.20 -9.04
C ASP G 105 -0.01 -34.20 -8.54
N ILE G 106 -0.47 -35.32 -8.00
CA ILE G 106 0.41 -36.30 -7.37
C ILE G 106 0.24 -37.71 -7.92
N GLU G 107 0.92 -38.01 -9.02
CA GLU G 107 0.91 -39.37 -9.57
C GLU G 107 1.65 -40.30 -8.61
N CYS G 108 0.96 -41.35 -8.17
CA CYS G 108 1.49 -42.24 -7.15
C CYS G 108 1.60 -43.67 -7.68
N ASP G 109 2.67 -44.36 -7.31
CA ASP G 109 2.92 -45.74 -7.74
C ASP G 109 2.47 -46.74 -6.68
N LYS G 110 1.22 -47.17 -6.76
CA LYS G 110 0.63 -48.08 -5.78
C LYS G 110 1.50 -49.32 -5.53
N THR G 111 2.04 -49.88 -6.61
CA THR G 111 2.91 -51.05 -6.50
C THR G 111 4.30 -50.67 -6.00
N ALA G 112 4.37 -50.27 -4.73
CA ALA G 112 5.62 -49.92 -4.09
C ALA G 112 5.64 -50.37 -2.63
N ARG G 119 14.04 -48.44 -4.19
CA ARG G 119 14.28 -47.77 -5.46
C ARG G 119 15.64 -47.09 -5.51
N GLU G 120 16.32 -47.20 -6.64
CA GLU G 120 17.61 -46.54 -6.82
C GLU G 120 17.48 -45.10 -7.32
N LYS G 121 17.79 -44.14 -6.45
CA LYS G 121 17.81 -42.74 -6.82
C LYS G 121 18.32 -41.89 -5.67
N SER G 122 19.46 -41.23 -5.88
CA SER G 122 20.14 -40.48 -4.83
C SER G 122 19.30 -39.35 -4.24
N GLN G 123 19.56 -39.03 -2.98
CA GLN G 123 18.94 -37.88 -2.35
C GLN G 123 19.18 -36.64 -3.21
N LYS G 124 20.43 -36.48 -3.62
CA LYS G 124 20.86 -35.39 -4.50
C LYS G 124 19.91 -35.22 -5.68
N ALA G 125 19.68 -36.30 -6.41
CA ALA G 125 18.77 -36.28 -7.55
C ALA G 125 17.49 -35.54 -7.16
N ILE G 126 16.71 -36.14 -6.28
CA ILE G 126 15.42 -35.61 -5.87
C ILE G 126 15.50 -34.21 -5.25
N GLN G 127 16.47 -34.00 -4.37
CA GLN G 127 16.61 -32.71 -3.73
C GLN G 127 17.01 -31.65 -4.77
N ASP G 128 17.26 -32.09 -5.99
CA ASP G 128 17.70 -31.20 -7.06
C ASP G 128 16.61 -30.92 -8.07
N GLU G 129 15.81 -31.93 -8.37
CA GLU G 129 14.67 -31.69 -9.23
C GLU G 129 13.82 -30.62 -8.56
N ILE G 130 13.74 -30.67 -7.24
CA ILE G 130 12.94 -29.73 -6.47
C ILE G 130 13.56 -28.34 -6.48
N ARG G 131 14.86 -28.29 -6.24
CA ARG G 131 15.59 -27.03 -6.26
C ARG G 131 15.17 -26.26 -7.51
N SER G 132 14.97 -26.99 -8.61
CA SER G 132 14.56 -26.37 -9.87
C SER G 132 13.07 -26.03 -9.96
N VAL G 133 12.22 -26.85 -9.37
CA VAL G 133 10.81 -26.47 -9.26
C VAL G 133 10.68 -25.19 -8.43
N ILE G 134 11.08 -25.27 -7.16
CA ILE G 134 11.00 -24.12 -6.26
C ILE G 134 11.59 -22.89 -6.94
N ARG G 135 12.73 -23.09 -7.59
CA ARG G 135 13.44 -22.04 -8.29
C ARG G 135 12.55 -21.37 -9.34
N GLN G 136 11.79 -22.20 -10.06
CA GLN G 136 10.90 -21.71 -11.10
C GLN G 136 9.73 -20.92 -10.51
N ILE G 137 9.11 -21.49 -9.48
CA ILE G 137 8.00 -20.84 -8.77
C ILE G 137 8.42 -19.43 -8.33
N THR G 138 9.70 -19.26 -8.09
CA THR G 138 10.22 -17.98 -7.66
C THR G 138 10.27 -16.98 -8.80
N ALA G 139 10.65 -17.46 -9.98
CA ALA G 139 10.83 -16.61 -11.16
C ALA G 139 9.48 -16.30 -11.77
N THR G 140 8.47 -16.98 -11.24
CA THR G 140 7.10 -16.81 -11.65
C THR G 140 6.62 -15.39 -11.29
N VAL G 141 7.33 -14.77 -10.35
CA VAL G 141 6.95 -13.51 -9.74
C VAL G 141 6.73 -12.36 -10.72
N THR G 142 7.49 -12.35 -11.81
CA THR G 142 7.34 -11.31 -12.82
C THR G 142 5.93 -11.27 -13.42
N PHE G 143 5.46 -12.41 -13.95
CA PHE G 143 4.26 -12.42 -14.80
C PHE G 143 2.94 -12.66 -14.08
N LEU G 144 3.00 -13.12 -12.84
CA LEU G 144 1.79 -13.19 -12.04
C LEU G 144 1.29 -11.79 -11.74
N PRO G 145 -0.03 -11.59 -11.80
CA PRO G 145 -0.63 -10.29 -11.47
C PRO G 145 -0.47 -10.07 -9.97
N LEU G 146 -0.47 -8.82 -9.52
CA LEU G 146 -0.27 -8.57 -8.09
C LEU G 146 -1.55 -8.44 -7.27
N LEU G 147 -1.59 -9.16 -6.17
CA LEU G 147 -2.74 -9.17 -5.29
C LEU G 147 -2.62 -7.97 -4.36
N GLU G 148 -3.51 -7.01 -4.51
CA GLU G 148 -3.43 -5.81 -3.68
C GLU G 148 -4.63 -5.65 -2.78
N VAL G 149 -5.64 -6.50 -2.97
CA VAL G 149 -6.73 -6.57 -2.01
C VAL G 149 -6.40 -7.60 -0.92
N SER G 150 -6.94 -7.41 0.27
CA SER G 150 -6.65 -8.32 1.38
C SER G 150 -7.07 -9.75 1.02
N CYS G 151 -6.10 -10.66 0.95
CA CYS G 151 -6.40 -12.03 0.54
C CYS G 151 -6.06 -13.05 1.61
N SER G 152 -6.87 -14.10 1.68
CA SER G 152 -6.59 -15.23 2.55
C SER G 152 -6.48 -16.48 1.70
N PHE G 153 -5.75 -17.47 2.19
CA PHE G 153 -5.57 -18.68 1.42
C PHE G 153 -6.36 -19.82 2.02
N ASP G 154 -6.34 -20.96 1.34
CA ASP G 154 -7.00 -22.14 1.84
C ASP G 154 -6.49 -23.34 1.07
N LEU G 155 -6.33 -24.47 1.76
CA LEU G 155 -5.87 -25.69 1.10
C LEU G 155 -7.03 -26.56 0.63
N LEU G 156 -6.81 -27.29 -0.47
CA LEU G 156 -7.72 -28.35 -0.89
C LEU G 156 -6.95 -29.66 -0.95
N ILE G 157 -7.57 -30.73 -0.47
CA ILE G 157 -6.99 -32.05 -0.66
C ILE G 157 -7.97 -32.92 -1.41
N TYR G 158 -7.51 -33.54 -2.50
CA TYR G 158 -8.33 -34.47 -3.24
C TYR G 158 -7.94 -35.88 -2.85
N THR G 159 -8.94 -36.71 -2.57
CA THR G 159 -8.68 -38.06 -2.07
C THR G 159 -9.83 -39.02 -2.45
N ASP G 160 -9.65 -40.31 -2.15
CA ASP G 160 -10.65 -41.32 -2.47
C ASP G 160 -11.86 -41.24 -1.54
N LYS G 161 -13.05 -41.55 -2.06
CA LYS G 161 -14.22 -41.70 -1.22
C LYS G 161 -13.94 -42.84 -0.24
N ASP G 162 -13.05 -43.73 -0.65
CA ASP G 162 -12.69 -44.91 0.12
C ASP G 162 -11.66 -44.60 1.20
N LEU G 163 -11.77 -43.41 1.80
CA LEU G 163 -10.87 -43.07 2.88
C LEU G 163 -11.59 -42.40 4.04
N VAL G 164 -11.07 -42.64 5.24
CA VAL G 164 -11.60 -42.03 6.45
C VAL G 164 -10.82 -40.75 6.78
N VAL G 165 -11.53 -39.64 6.80
CA VAL G 165 -10.92 -38.35 7.05
C VAL G 165 -11.40 -37.79 8.38
N PRO G 166 -10.46 -37.36 9.24
CA PRO G 166 -10.78 -36.76 10.53
C PRO G 166 -11.97 -35.80 10.47
N GLU G 167 -12.69 -35.67 11.58
CA GLU G 167 -13.98 -34.98 11.59
C GLU G 167 -13.98 -33.52 11.15
N LYS G 168 -12.89 -32.80 11.40
CA LYS G 168 -12.84 -31.37 11.10
C LYS G 168 -13.01 -31.02 9.61
N TRP G 169 -12.33 -31.76 8.72
CA TRP G 169 -12.45 -31.52 7.29
C TRP G 169 -13.90 -31.61 6.84
N GLU G 170 -14.21 -31.06 5.67
CA GLU G 170 -15.53 -31.24 5.06
C GLU G 170 -15.51 -30.97 3.56
N GLU G 171 -16.39 -31.65 2.83
CA GLU G 171 -16.47 -31.51 1.38
C GLU G 171 -16.53 -30.05 0.98
N SER G 172 -15.90 -29.71 -0.14
CA SER G 172 -15.90 -28.33 -0.62
C SER G 172 -15.79 -28.22 -2.14
N GLY G 173 -16.51 -27.26 -2.71
CA GLY G 173 -16.43 -27.00 -4.12
C GLY G 173 -14.99 -26.76 -4.52
N PRO G 174 -14.67 -27.03 -5.79
CA PRO G 174 -13.33 -26.90 -6.39
C PRO G 174 -12.78 -25.46 -6.41
N GLN G 175 -13.66 -24.48 -6.62
CA GLN G 175 -13.26 -23.08 -6.60
C GLN G 175 -12.25 -22.75 -7.68
N PHE G 176 -12.62 -22.99 -8.93
CA PHE G 176 -11.77 -22.61 -10.04
C PHE G 176 -11.93 -21.13 -10.29
N ILE G 177 -11.08 -20.56 -11.12
CA ILE G 177 -11.15 -19.14 -11.35
C ILE G 177 -12.07 -18.79 -12.51
N THR G 178 -13.07 -17.96 -12.22
CA THR G 178 -14.01 -17.46 -13.22
C THR G 178 -13.37 -17.34 -14.60
N ASN G 179 -12.51 -16.34 -14.78
CA ASN G 179 -11.81 -16.18 -16.05
C ASN G 179 -10.31 -16.33 -15.84
N SER G 180 -9.75 -17.44 -16.31
CA SER G 180 -8.41 -17.81 -15.90
C SER G 180 -7.36 -18.02 -16.99
N GLU G 181 -6.12 -18.14 -16.55
CA GLU G 181 -4.98 -18.40 -17.40
C GLU G 181 -4.02 -19.23 -16.57
N GLU G 182 -3.70 -20.43 -17.05
CA GLU G 182 -2.78 -21.29 -16.32
C GLU G 182 -1.43 -21.34 -16.98
N VAL G 183 -0.43 -21.80 -16.23
CA VAL G 183 0.93 -21.99 -16.76
C VAL G 183 1.56 -23.20 -16.10
N ARG G 184 1.84 -24.22 -16.89
CA ARG G 184 2.31 -25.49 -16.36
C ARG G 184 3.80 -25.46 -16.05
N LEU G 185 4.18 -26.07 -14.92
CA LEU G 185 5.54 -25.96 -14.41
C LEU G 185 6.27 -27.31 -14.38
N ARG G 186 7.55 -27.28 -14.00
CA ARG G 186 8.33 -28.51 -13.86
C ARG G 186 7.73 -29.49 -12.85
N SER G 187 8.18 -30.74 -12.94
CA SER G 187 7.60 -31.82 -12.16
C SER G 187 8.65 -32.78 -11.62
N PHE G 188 8.94 -32.70 -10.33
CA PHE G 188 9.91 -33.60 -9.71
C PHE G 188 9.28 -34.94 -9.36
N THR G 189 10.13 -35.94 -9.12
CA THR G 189 9.65 -37.30 -8.87
C THR G 189 10.64 -38.18 -8.12
N THR G 190 10.13 -38.89 -7.12
CA THR G 190 10.93 -39.80 -6.30
C THR G 190 10.86 -41.22 -6.84
N THR G 191 10.27 -41.37 -8.02
CA THR G 191 10.00 -42.68 -8.64
C THR G 191 8.87 -43.42 -7.93
N ILE G 192 8.49 -42.95 -6.75
CA ILE G 192 7.32 -43.48 -6.06
C ILE G 192 6.22 -42.42 -6.05
N HIS G 193 6.64 -41.16 -6.09
CA HIS G 193 5.72 -40.03 -6.18
C HIS G 193 6.19 -39.01 -7.22
N LYS G 194 5.34 -38.70 -8.19
CA LYS G 194 5.60 -37.60 -9.10
C LYS G 194 4.68 -36.46 -8.72
N VAL G 195 5.20 -35.24 -8.77
CA VAL G 195 4.41 -34.06 -8.41
C VAL G 195 4.40 -33.00 -9.51
N ASN G 196 3.30 -32.96 -10.28
CA ASN G 196 3.11 -31.92 -11.27
C ASN G 196 2.58 -30.66 -10.62
N SER G 197 3.24 -29.54 -10.90
CA SER G 197 2.87 -28.27 -10.31
C SER G 197 2.52 -27.28 -11.41
N MET G 198 1.40 -26.60 -11.24
CA MET G 198 1.00 -25.57 -12.20
C MET G 198 0.16 -24.49 -11.55
N VAL G 199 0.46 -23.25 -11.90
CA VAL G 199 -0.23 -22.10 -11.31
C VAL G 199 -1.32 -21.62 -12.26
N ALA G 200 -2.28 -20.90 -11.69
CA ALA G 200 -3.41 -20.39 -12.45
C ALA G 200 -3.85 -19.05 -11.89
N TYR G 201 -3.79 -18.01 -12.72
CA TYR G 201 -4.09 -16.68 -12.25
C TYR G 201 -5.30 -16.06 -12.95
N LYS G 202 -5.83 -14.99 -12.37
CA LYS G 202 -7.00 -14.33 -12.96
C LYS G 202 -6.58 -13.31 -14.03
N ILE G 203 -7.16 -13.44 -15.22
CA ILE G 203 -6.85 -12.54 -16.33
C ILE G 203 -7.40 -11.14 -16.08
N PRO G 204 -6.49 -10.15 -16.02
CA PRO G 204 -6.80 -8.75 -15.69
C PRO G 204 -8.09 -8.25 -16.35
N HIS H 10 8.00 -25.29 -27.23
CA HIS H 10 8.53 -25.11 -28.57
C HIS H 10 8.27 -23.69 -29.07
N GLY H 11 8.74 -23.39 -30.28
CA GLY H 11 8.65 -22.04 -30.81
C GLY H 11 9.73 -21.17 -30.21
N SER H 12 9.65 -19.88 -30.52
CA SER H 12 10.66 -18.89 -30.16
C SER H 12 9.98 -17.58 -29.74
N ILE H 13 10.65 -16.82 -28.90
CA ILE H 13 10.10 -15.64 -28.25
C ILE H 13 10.23 -14.39 -29.09
N THR H 14 9.18 -13.57 -29.13
CA THR H 14 9.21 -12.37 -29.96
C THR H 14 9.38 -11.07 -29.16
N LEU H 15 10.48 -10.38 -29.42
CA LEU H 15 10.79 -9.11 -28.76
C LEU H 15 10.35 -7.92 -29.61
N ARG H 16 9.18 -7.36 -29.34
CA ARG H 16 8.75 -6.20 -30.11
C ARG H 16 8.98 -4.90 -29.38
N GLY H 17 9.49 -3.91 -30.09
CA GLY H 17 9.69 -2.59 -29.52
C GLY H 17 10.73 -1.73 -30.22
N SER H 18 10.96 -0.52 -29.69
CA SER H 18 12.05 0.33 -30.15
C SER H 18 13.35 -0.29 -29.68
N ALA H 19 14.47 0.38 -29.94
CA ALA H 19 15.77 -0.21 -29.60
C ALA H 19 16.14 -0.07 -28.12
N GLU H 20 16.09 1.16 -27.60
CA GLU H 20 16.48 1.39 -26.22
C GLU H 20 15.76 0.39 -25.32
N ILE H 21 14.64 -0.12 -25.82
CA ILE H 21 13.80 -1.06 -25.07
C ILE H 21 14.16 -2.51 -25.34
N VAL H 22 14.17 -2.90 -26.61
CA VAL H 22 14.35 -4.30 -26.98
C VAL H 22 15.62 -4.89 -26.33
N ALA H 23 16.66 -4.08 -26.23
CA ALA H 23 17.85 -4.50 -25.49
C ALA H 23 17.47 -4.85 -24.05
N GLU H 24 16.87 -3.90 -23.36
CA GLU H 24 16.52 -4.10 -21.96
C GLU H 24 15.72 -5.38 -21.78
N PHE H 25 14.82 -5.66 -22.72
CA PHE H 25 14.03 -6.88 -22.70
C PHE H 25 14.94 -8.09 -22.78
N PHE H 26 15.75 -8.15 -23.82
CA PHE H 26 16.74 -9.21 -23.97
C PHE H 26 17.46 -9.43 -22.65
N SER H 27 18.00 -8.37 -22.05
CA SER H 27 18.66 -8.46 -20.77
C SER H 27 17.80 -9.20 -19.74
N PHE H 28 16.52 -8.81 -19.65
CA PHE H 28 15.62 -9.46 -18.70
C PHE H 28 15.44 -10.95 -18.97
N GLY H 29 15.35 -11.30 -20.24
CA GLY H 29 15.17 -12.69 -20.63
C GLY H 29 16.41 -13.54 -20.40
N ILE H 30 17.49 -13.18 -21.10
CA ILE H 30 18.76 -13.87 -20.93
C ILE H 30 19.10 -14.01 -19.46
N ASN H 31 18.56 -13.10 -18.64
CA ASN H 31 18.71 -13.23 -17.21
C ASN H 31 17.86 -14.35 -16.64
N SER H 32 16.57 -14.29 -16.90
CA SER H 32 15.63 -15.32 -16.41
C SER H 32 16.10 -16.72 -16.79
N ILE H 33 16.61 -16.85 -18.01
CA ILE H 33 17.12 -18.14 -18.46
C ILE H 33 18.28 -18.61 -17.58
N LEU H 34 19.20 -17.69 -17.28
CA LEU H 34 20.33 -18.01 -16.42
C LEU H 34 19.89 -18.42 -15.03
N TYR H 35 18.76 -17.88 -14.58
CA TYR H 35 18.26 -18.23 -13.25
C TYR H 35 17.55 -19.56 -13.24
N GLN H 36 16.53 -19.69 -14.09
CA GLN H 36 15.70 -20.89 -14.09
C GLN H 36 16.43 -22.15 -14.55
N ARG H 37 17.52 -21.98 -15.27
CA ARG H 37 18.30 -23.12 -15.72
C ARG H 37 19.49 -23.39 -14.80
N GLY H 38 19.57 -22.64 -13.72
CA GLY H 38 20.64 -22.83 -12.75
C GLY H 38 22.04 -22.67 -13.35
N ILE H 39 22.14 -22.03 -14.50
CA ILE H 39 23.43 -21.70 -15.08
C ILE H 39 24.33 -21.11 -13.99
N TYR H 40 23.92 -19.98 -13.43
CA TYR H 40 24.51 -19.47 -12.19
C TYR H 40 23.64 -19.91 -11.03
N PRO H 41 24.17 -19.85 -9.82
CA PRO H 41 23.46 -20.22 -8.59
C PRO H 41 22.20 -19.38 -8.35
N SER H 42 21.52 -19.60 -7.24
CA SER H 42 20.34 -18.81 -6.90
C SER H 42 20.75 -17.53 -6.22
N GLU H 43 21.68 -17.65 -5.29
CA GLU H 43 22.20 -16.52 -4.52
C GLU H 43 22.98 -15.54 -5.39
N THR H 44 23.22 -15.92 -6.63
CA THR H 44 23.86 -15.04 -7.60
C THR H 44 22.97 -13.85 -7.93
N PHE H 45 21.67 -14.09 -7.92
CA PHE H 45 20.69 -13.13 -8.44
C PHE H 45 20.04 -12.30 -7.35
N THR H 46 19.20 -11.35 -7.77
CA THR H 46 18.38 -10.56 -6.85
C THR H 46 17.15 -10.02 -7.55
N ARG H 47 16.18 -9.62 -6.75
CA ARG H 47 14.98 -9.02 -7.30
C ARG H 47 15.22 -7.54 -7.41
N VAL H 48 14.83 -6.98 -8.55
CA VAL H 48 14.90 -5.54 -8.76
C VAL H 48 13.57 -5.19 -9.34
N GLN H 49 13.03 -4.02 -9.02
CA GLN H 49 11.79 -3.69 -9.66
C GLN H 49 11.95 -2.54 -10.64
N LYS H 50 11.34 -2.71 -11.80
CA LYS H 50 11.36 -1.71 -12.86
C LYS H 50 10.09 -1.84 -13.67
N TYR H 51 9.45 -0.71 -13.98
CA TYR H 51 8.17 -0.72 -14.70
C TYR H 51 7.08 -1.31 -13.82
N GLY H 52 7.25 -1.20 -12.51
CA GLY H 52 6.23 -1.67 -11.60
C GLY H 52 6.18 -3.18 -11.48
N LEU H 53 7.13 -3.85 -12.13
CA LEU H 53 7.23 -5.28 -12.04
C LEU H 53 8.43 -5.66 -11.21
N THR H 54 8.46 -6.88 -10.70
CA THR H 54 9.65 -7.41 -10.04
C THR H 54 10.37 -8.27 -11.06
N LEU H 55 11.69 -8.16 -11.11
CA LEU H 55 12.48 -8.94 -12.07
C LEU H 55 13.69 -9.58 -11.42
N LEU H 56 14.03 -10.78 -11.86
CA LEU H 56 15.24 -11.41 -11.38
C LEU H 56 16.35 -11.06 -12.33
N VAL H 57 17.46 -10.59 -11.79
CA VAL H 57 18.61 -10.25 -12.61
C VAL H 57 19.85 -10.65 -11.86
N THR H 58 20.94 -10.87 -12.59
CA THR H 58 22.15 -11.40 -11.96
C THR H 58 22.94 -10.29 -11.35
N THR H 59 23.82 -10.66 -10.43
CA THR H 59 24.66 -9.70 -9.72
C THR H 59 26.11 -10.16 -9.68
N ASP H 60 26.46 -11.15 -10.51
CA ASP H 60 27.86 -11.53 -10.65
C ASP H 60 28.52 -10.50 -11.54
N LEU H 61 29.47 -9.78 -10.96
CA LEU H 61 30.07 -8.64 -11.65
C LEU H 61 30.63 -9.02 -13.03
N GLU H 62 31.22 -10.22 -13.14
CA GLU H 62 31.71 -10.71 -14.42
C GLU H 62 30.64 -10.50 -15.47
N LEU H 63 29.52 -11.15 -15.22
CA LEU H 63 28.40 -11.21 -16.15
C LEU H 63 27.94 -9.81 -16.53
N ILE H 64 27.72 -8.96 -15.53
CA ILE H 64 27.19 -7.63 -15.75
C ILE H 64 28.06 -6.88 -16.73
N LYS H 65 29.36 -6.85 -16.45
CA LYS H 65 30.31 -6.25 -17.37
C LYS H 65 30.04 -6.77 -18.77
N TYR H 66 30.08 -8.08 -18.92
CA TYR H 66 29.94 -8.69 -20.23
C TYR H 66 28.57 -8.45 -20.85
N LEU H 67 27.53 -8.93 -20.17
CA LEU H 67 26.16 -8.78 -20.66
C LEU H 67 25.89 -7.35 -21.03
N ASN H 68 26.60 -6.43 -20.38
CA ASN H 68 26.42 -5.02 -20.63
C ASN H 68 27.03 -4.60 -21.95
N ASN H 69 28.34 -4.84 -22.09
CA ASN H 69 29.06 -4.47 -23.30
C ASN H 69 28.39 -5.06 -24.54
N VAL H 70 27.95 -6.30 -24.42
CA VAL H 70 27.23 -6.94 -25.50
C VAL H 70 25.84 -6.31 -25.74
N VAL H 71 25.15 -5.93 -24.67
CA VAL H 71 23.85 -5.31 -24.84
C VAL H 71 23.94 -3.87 -25.33
N GLU H 72 24.97 -3.15 -24.91
CA GLU H 72 25.14 -1.78 -25.35
C GLU H 72 25.40 -1.75 -26.85
N GLN H 73 26.27 -2.64 -27.30
CA GLN H 73 26.60 -2.71 -28.72
C GLN H 73 25.37 -3.13 -29.50
N LEU H 74 24.47 -3.82 -28.83
CA LEU H 74 23.23 -4.29 -29.44
C LEU H 74 22.20 -3.17 -29.47
N LYS H 75 22.11 -2.42 -28.38
CA LYS H 75 21.27 -1.25 -28.31
C LYS H 75 21.58 -0.36 -29.51
N ASP H 76 22.82 -0.40 -29.96
CA ASP H 76 23.28 0.43 -31.06
C ASP H 76 22.82 -0.12 -32.41
N TRP H 77 23.26 -1.33 -32.75
CA TRP H 77 22.86 -1.94 -34.01
C TRP H 77 21.35 -1.86 -34.19
N LEU H 78 20.64 -1.76 -33.08
CA LEU H 78 19.18 -1.78 -33.11
C LEU H 78 18.53 -0.46 -33.50
N TYR H 79 19.12 0.66 -33.12
CA TYR H 79 18.50 1.95 -33.36
C TYR H 79 18.22 2.15 -34.86
N LYS H 80 18.69 1.21 -35.67
CA LYS H 80 18.46 1.24 -37.11
C LYS H 80 17.89 -0.06 -37.69
N CYS H 81 17.60 -1.03 -36.83
CA CYS H 81 16.93 -2.27 -37.25
C CYS H 81 17.81 -3.14 -38.12
N SER H 82 19.06 -3.31 -37.71
CA SER H 82 20.02 -4.06 -38.49
C SER H 82 20.06 -5.50 -38.04
N VAL H 83 19.56 -5.76 -36.83
CA VAL H 83 19.61 -7.10 -36.26
C VAL H 83 18.25 -7.83 -36.30
N GLN H 84 18.24 -8.98 -36.96
CA GLN H 84 17.02 -9.72 -37.23
C GLN H 84 16.65 -10.68 -36.10
N LYS H 85 17.59 -11.51 -35.67
CA LYS H 85 17.34 -12.42 -34.56
C LYS H 85 18.57 -12.69 -33.69
N LEU H 86 18.34 -12.83 -32.40
CA LEU H 86 19.36 -13.28 -31.48
C LEU H 86 19.08 -14.73 -31.15
N VAL H 87 20.12 -15.56 -31.10
CA VAL H 87 19.96 -16.93 -30.63
C VAL H 87 21.01 -17.37 -29.63
N VAL H 88 20.55 -17.85 -28.50
CA VAL H 88 21.41 -18.34 -27.44
C VAL H 88 21.53 -19.86 -27.55
N VAL H 89 22.76 -20.36 -27.53
CA VAL H 89 22.99 -21.79 -27.69
C VAL H 89 23.78 -22.44 -26.55
N ILE H 90 23.05 -22.88 -25.53
CA ILE H 90 23.65 -23.61 -24.43
C ILE H 90 24.09 -24.96 -24.92
N SER H 91 25.39 -25.19 -24.91
CA SER H 91 25.91 -26.48 -25.34
C SER H 91 26.89 -27.01 -24.31
N ASN H 92 26.98 -28.34 -24.23
CA ASN H 92 27.96 -29.00 -23.38
C ASN H 92 29.36 -28.52 -23.75
N ILE H 93 30.20 -28.30 -22.76
CA ILE H 93 31.50 -27.65 -23.00
C ILE H 93 32.60 -28.58 -23.48
N GLU H 94 32.57 -29.82 -23.01
CA GLU H 94 33.52 -30.83 -23.49
C GLU H 94 32.89 -31.55 -24.67
N SER H 95 31.65 -31.97 -24.45
CA SER H 95 30.87 -32.68 -25.45
C SER H 95 30.91 -31.97 -26.79
N GLY H 96 30.41 -30.74 -26.82
CA GLY H 96 30.23 -30.03 -28.06
C GLY H 96 28.75 -30.05 -28.39
N GLU H 97 28.10 -31.16 -28.05
CA GLU H 97 26.69 -31.34 -28.34
C GLU H 97 25.86 -30.18 -27.79
N VAL H 98 24.95 -29.70 -28.60
CA VAL H 98 24.01 -28.68 -28.16
C VAL H 98 23.10 -29.28 -27.09
N LEU H 99 22.55 -28.44 -26.23
CA LEU H 99 21.65 -28.89 -25.18
C LEU H 99 20.29 -28.22 -25.30
N GLU H 100 20.29 -27.00 -25.81
CA GLU H 100 19.06 -26.25 -26.01
C GLU H 100 19.35 -24.92 -26.69
N ARG H 101 18.41 -24.46 -27.49
CA ARG H 101 18.54 -23.16 -28.13
C ARG H 101 17.43 -22.25 -27.62
N TRP H 102 17.77 -21.00 -27.37
CA TRP H 102 16.77 -20.00 -27.03
C TRP H 102 16.81 -18.91 -28.10
N GLN H 103 15.73 -18.82 -28.88
CA GLN H 103 15.72 -17.93 -30.03
C GLN H 103 14.80 -16.73 -29.82
N PHE H 104 15.37 -15.55 -30.02
CA PHE H 104 14.60 -14.33 -29.93
C PHE H 104 14.40 -13.70 -31.30
N ASP H 105 13.14 -13.58 -31.72
CA ASP H 105 12.82 -12.93 -32.98
C ASP H 105 12.55 -11.47 -32.69
N ILE H 106 13.10 -10.60 -33.54
CA ILE H 106 13.02 -9.16 -33.28
C ILE H 106 11.98 -8.43 -34.14
N GLU H 107 11.20 -7.58 -33.50
CA GLU H 107 10.14 -6.83 -34.15
C GLU H 107 10.60 -5.39 -34.12
N CYS H 108 11.35 -4.98 -35.13
CA CYS H 108 12.11 -3.75 -35.04
C CYS H 108 11.37 -2.48 -35.46
N ASP H 109 11.28 -1.52 -34.53
CA ASP H 109 10.77 -0.18 -34.83
C ASP H 109 11.90 0.84 -34.76
N LYS H 110 12.20 1.46 -35.90
CA LYS H 110 13.30 2.42 -35.96
C LYS H 110 13.06 3.55 -34.98
N THR H 111 14.16 4.14 -34.48
CA THR H 111 14.05 5.23 -33.51
C THR H 111 15.25 6.17 -33.57
N SER H 122 1.58 4.28 -23.32
CA SER H 122 2.04 4.51 -21.96
C SER H 122 2.83 3.33 -21.41
N GLN H 123 2.72 3.10 -20.10
CA GLN H 123 3.50 2.06 -19.41
C GLN H 123 2.81 0.70 -19.47
N LYS H 124 1.48 0.73 -19.42
CA LYS H 124 0.70 -0.50 -19.50
C LYS H 124 1.23 -1.36 -20.64
N ALA H 125 1.70 -0.71 -21.70
CA ALA H 125 2.19 -1.39 -22.88
C ALA H 125 3.41 -2.26 -22.57
N ILE H 126 4.47 -1.61 -22.13
CA ILE H 126 5.71 -2.29 -21.81
C ILE H 126 5.43 -3.41 -20.84
N GLN H 127 4.65 -3.10 -19.81
CA GLN H 127 4.35 -4.08 -18.78
C GLN H 127 3.98 -5.43 -19.39
N ASP H 128 2.99 -5.40 -20.27
CA ASP H 128 2.48 -6.62 -20.86
C ASP H 128 3.56 -7.33 -21.67
N GLU H 129 4.37 -6.56 -22.39
CA GLU H 129 5.45 -7.16 -23.16
C GLU H 129 6.38 -7.99 -22.31
N ILE H 130 6.97 -7.39 -21.29
CA ILE H 130 7.91 -8.09 -20.40
C ILE H 130 7.29 -9.40 -19.94
N ARG H 131 6.09 -9.30 -19.36
CA ARG H 131 5.39 -10.49 -18.90
C ARG H 131 5.38 -11.59 -19.93
N SER H 132 4.83 -11.32 -21.12
CA SER H 132 4.69 -12.37 -22.12
C SER H 132 6.03 -13.06 -22.33
N VAL H 133 7.12 -12.30 -22.27
CA VAL H 133 8.45 -12.88 -22.45
C VAL H 133 8.86 -13.80 -21.30
N ILE H 134 8.94 -13.26 -20.09
CA ILE H 134 9.23 -14.08 -18.92
C ILE H 134 8.28 -15.26 -18.81
N ARG H 135 6.99 -15.02 -19.04
CA ARG H 135 6.02 -16.09 -19.03
C ARG H 135 6.36 -17.16 -20.07
N GLN H 136 6.71 -16.74 -21.28
CA GLN H 136 7.13 -17.69 -22.31
C GLN H 136 8.33 -18.49 -21.85
N ILE H 137 9.44 -17.79 -21.62
CA ILE H 137 10.65 -18.40 -21.10
C ILE H 137 10.37 -19.42 -20.00
N THR H 138 9.50 -19.03 -19.07
CA THR H 138 9.16 -19.91 -17.94
C THR H 138 8.42 -21.17 -18.36
N ALA H 139 7.37 -21.03 -19.16
CA ALA H 139 6.59 -22.19 -19.58
C ALA H 139 7.46 -23.17 -20.35
N THR H 140 8.51 -22.64 -20.98
CA THR H 140 9.46 -23.44 -21.73
C THR H 140 10.35 -24.26 -20.81
N VAL H 141 11.07 -23.60 -19.92
CA VAL H 141 11.94 -24.31 -18.98
C VAL H 141 11.20 -25.52 -18.38
N THR H 142 9.87 -25.53 -18.45
CA THR H 142 9.11 -26.69 -17.99
C THR H 142 9.54 -27.96 -18.72
N PHE H 143 9.69 -27.87 -20.03
CA PHE H 143 9.84 -29.06 -20.85
C PHE H 143 11.28 -29.49 -21.04
N LEU H 144 12.21 -28.65 -20.63
CA LEU H 144 13.61 -28.98 -20.77
C LEU H 144 14.08 -29.93 -19.68
N PRO H 145 15.07 -30.77 -20.02
CA PRO H 145 15.63 -31.73 -19.07
C PRO H 145 16.39 -30.91 -18.08
N LEU H 146 16.71 -31.49 -16.93
CA LEU H 146 17.57 -30.81 -15.99
C LEU H 146 18.98 -30.75 -16.59
N LEU H 147 19.68 -29.64 -16.38
CA LEU H 147 21.08 -29.56 -16.77
C LEU H 147 21.89 -30.22 -15.68
N GLU H 148 23.04 -30.79 -16.04
CA GLU H 148 23.85 -31.47 -15.03
C GLU H 148 25.35 -31.42 -15.31
N VAL H 149 25.73 -30.79 -16.41
CA VAL H 149 27.12 -30.73 -16.82
C VAL H 149 27.60 -29.29 -16.97
N SER H 150 28.91 -29.11 -17.12
CA SER H 150 29.47 -27.79 -17.42
C SER H 150 28.94 -27.40 -18.80
N CYS H 151 29.10 -26.15 -19.19
CA CYS H 151 28.56 -25.75 -20.48
C CYS H 151 28.95 -24.36 -20.94
N SER H 152 28.84 -24.14 -22.25
CA SER H 152 29.18 -22.87 -22.85
C SER H 152 27.95 -22.17 -23.42
N PHE H 153 27.99 -20.85 -23.36
CA PHE H 153 26.99 -20.01 -23.99
C PHE H 153 27.50 -19.53 -25.33
N ASP H 154 26.61 -19.49 -26.32
CA ASP H 154 26.96 -18.91 -27.59
C ASP H 154 25.84 -17.99 -28.03
N LEU H 155 26.10 -16.70 -27.98
CA LEU H 155 25.14 -15.72 -28.42
C LEU H 155 25.39 -15.53 -29.90
N LEU H 156 24.33 -15.48 -30.68
CA LEU H 156 24.44 -15.26 -32.11
C LEU H 156 23.63 -14.04 -32.52
N ILE H 157 24.31 -12.96 -32.84
CA ILE H 157 23.61 -11.80 -33.34
C ILE H 157 23.51 -11.97 -34.85
N TYR H 158 22.28 -12.09 -35.34
CA TYR H 158 22.03 -12.21 -36.77
C TYR H 158 21.70 -10.87 -37.40
N THR H 159 22.53 -10.42 -38.33
CA THR H 159 22.44 -9.06 -38.87
C THR H 159 22.33 -8.99 -40.39
N ASP H 160 22.04 -7.80 -40.89
CA ASP H 160 21.95 -7.57 -42.33
C ASP H 160 23.33 -7.67 -42.96
N LYS H 161 23.34 -7.78 -44.28
CA LYS H 161 24.60 -7.88 -45.02
C LYS H 161 25.42 -6.57 -44.96
N ASP H 162 24.72 -5.44 -44.95
CA ASP H 162 25.39 -4.15 -44.96
C ASP H 162 26.12 -3.86 -43.65
N LEU H 163 25.51 -4.28 -42.54
CA LEU H 163 25.98 -3.90 -41.22
C LEU H 163 27.48 -4.12 -41.04
N VAL H 164 28.04 -3.43 -40.05
CA VAL H 164 29.48 -3.28 -39.92
C VAL H 164 29.98 -3.51 -38.48
N VAL H 165 30.43 -4.74 -38.20
CA VAL H 165 30.97 -5.11 -36.88
C VAL H 165 32.25 -4.35 -36.61
N PRO H 166 32.18 -3.30 -35.77
CA PRO H 166 33.40 -2.53 -35.58
C PRO H 166 34.60 -3.44 -35.37
N GLU H 167 35.75 -3.02 -35.89
CA GLU H 167 37.01 -3.69 -35.61
C GLU H 167 37.30 -3.50 -34.13
N LYS H 168 36.57 -2.58 -33.51
CA LYS H 168 36.69 -2.35 -32.08
C LYS H 168 35.89 -3.38 -31.28
N TRP H 169 34.86 -3.97 -31.90
CA TRP H 169 34.15 -5.10 -31.29
C TRP H 169 34.80 -6.42 -31.69
N GLU H 170 36.11 -6.37 -31.93
CA GLU H 170 36.94 -7.54 -32.21
C GLU H 170 36.62 -8.24 -33.52
N GLU H 171 35.36 -8.20 -33.94
CA GLU H 171 34.89 -9.04 -35.03
C GLU H 171 34.77 -10.48 -34.52
N SER H 172 35.54 -10.79 -33.48
CA SER H 172 35.40 -12.03 -32.71
C SER H 172 34.75 -11.69 -31.39
N GLY H 173 33.75 -12.45 -30.98
CA GLY H 173 33.00 -12.14 -29.78
C GLY H 173 33.81 -12.25 -28.52
N PRO H 174 33.97 -11.13 -27.78
CA PRO H 174 34.64 -11.21 -26.49
C PRO H 174 34.07 -12.37 -25.70
N GLN H 175 34.95 -13.26 -25.29
CA GLN H 175 34.54 -14.37 -24.46
C GLN H 175 35.29 -14.23 -23.15
N PHE H 176 34.60 -14.49 -22.05
CA PHE H 176 35.28 -14.63 -20.78
C PHE H 176 35.22 -16.10 -20.34
N ILE H 177 35.99 -16.44 -19.32
CA ILE H 177 35.95 -17.79 -18.78
C ILE H 177 35.71 -17.69 -17.29
N THR H 178 34.94 -18.63 -16.77
CA THR H 178 34.81 -18.75 -15.33
C THR H 178 35.10 -20.18 -14.90
N ASN H 179 36.35 -20.41 -14.53
CA ASN H 179 36.78 -21.73 -14.08
C ASN H 179 36.36 -21.96 -12.63
N SER H 180 35.87 -20.91 -11.99
CA SER H 180 35.40 -21.06 -10.62
C SER H 180 34.20 -22.00 -10.50
N GLU H 181 34.28 -22.89 -9.52
CA GLU H 181 33.23 -23.86 -9.26
C GLU H 181 31.93 -23.13 -8.89
N GLU H 182 30.87 -23.90 -8.66
CA GLU H 182 29.59 -23.36 -8.21
C GLU H 182 28.77 -22.78 -9.35
N VAL H 183 29.36 -22.72 -10.53
CA VAL H 183 28.69 -22.16 -11.70
C VAL H 183 28.77 -23.08 -12.91
N ARG H 184 27.61 -23.44 -13.45
CA ARG H 184 27.54 -24.27 -14.65
C ARG H 184 28.28 -23.65 -15.82
N LEU H 185 28.04 -22.36 -16.05
CA LEU H 185 28.65 -21.65 -17.16
C LEU H 185 30.19 -21.70 -17.08
N ARG H 186 30.83 -21.89 -18.23
CA ARG H 186 32.29 -21.94 -18.25
C ARG H 186 32.84 -20.96 -19.26
N SER H 187 32.14 -20.79 -20.37
CA SER H 187 32.53 -19.80 -21.37
C SER H 187 31.30 -19.21 -22.03
N PHE H 188 31.28 -17.89 -22.08
CA PHE H 188 30.19 -17.17 -22.73
C PHE H 188 30.82 -16.38 -23.85
N THR H 189 30.37 -16.60 -25.08
CA THR H 189 30.96 -15.96 -26.23
C THR H 189 29.91 -15.50 -27.22
N THR H 190 30.04 -14.27 -27.70
CA THR H 190 29.11 -13.74 -28.67
C THR H 190 29.75 -13.69 -30.05
N THR H 191 28.94 -13.75 -31.09
CA THR H 191 29.42 -13.81 -32.46
C THR H 191 28.36 -13.30 -33.42
N ILE H 192 28.78 -12.52 -34.41
CA ILE H 192 27.82 -11.98 -35.37
C ILE H 192 27.75 -12.79 -36.64
N HIS H 193 26.52 -13.12 -37.06
CA HIS H 193 26.29 -13.86 -38.29
C HIS H 193 25.45 -13.06 -39.28
N LYS H 194 26.13 -12.44 -40.24
CA LYS H 194 25.45 -11.63 -41.24
C LYS H 194 24.75 -12.51 -42.26
N VAL H 195 23.43 -12.39 -42.35
CA VAL H 195 22.67 -13.14 -43.35
C VAL H 195 21.57 -12.32 -44.03
N ASN H 196 21.79 -12.02 -45.31
CA ASN H 196 20.78 -11.39 -46.14
C ASN H 196 20.22 -10.10 -45.57
N SER H 197 19.10 -9.68 -46.15
CA SER H 197 18.48 -8.42 -45.83
C SER H 197 17.07 -8.46 -46.40
N MET H 198 16.16 -7.73 -45.79
CA MET H 198 14.78 -7.77 -46.22
C MET H 198 14.21 -6.40 -46.52
N VAL H 199 13.35 -6.34 -47.54
CA VAL H 199 12.67 -5.10 -47.86
C VAL H 199 11.17 -5.29 -48.04
N ALA H 200 10.39 -4.55 -47.26
CA ALA H 200 8.93 -4.63 -47.33
C ALA H 200 8.37 -3.72 -48.42
N TYR H 201 7.51 -4.28 -49.27
CA TYR H 201 6.88 -3.54 -50.38
C TYR H 201 5.36 -3.61 -50.34
N LYS H 202 4.70 -2.73 -51.09
CA LYS H 202 3.23 -2.79 -51.26
C LYS H 202 2.86 -2.97 -52.74
N ILE H 203 1.56 -2.92 -53.04
CA ILE H 203 1.09 -2.96 -54.43
C ILE H 203 -0.20 -2.16 -54.69
N PRO H 204 -0.24 -0.89 -54.22
CA PRO H 204 -1.44 -0.13 -54.59
C PRO H 204 -1.65 -0.12 -56.10
N VAL H 205 -2.89 -0.27 -56.56
CA VAL H 205 -3.18 -0.25 -58.00
C VAL H 205 -4.25 0.78 -58.35
N SER I 12 6.74 -36.53 -60.90
CA SER I 12 7.87 -35.61 -60.98
C SER I 12 7.43 -34.18 -61.31
N ILE I 13 8.13 -33.19 -60.75
CA ILE I 13 7.77 -31.77 -60.92
C ILE I 13 8.99 -30.86 -61.04
N THR I 14 8.82 -29.77 -61.79
CA THR I 14 9.93 -28.89 -62.14
C THR I 14 9.71 -27.46 -61.69
N LEU I 15 10.79 -26.67 -61.70
CA LEU I 15 10.70 -25.24 -61.44
C LEU I 15 9.74 -24.60 -62.45
N ARG I 16 9.71 -25.19 -63.64
CA ARG I 16 8.75 -24.81 -64.67
C ARG I 16 7.37 -24.57 -64.05
N GLY I 17 6.94 -25.50 -63.20
CA GLY I 17 5.61 -25.46 -62.64
C GLY I 17 5.51 -25.23 -61.14
N SER I 18 6.52 -25.66 -60.40
CA SER I 18 6.50 -25.45 -58.95
C SER I 18 6.40 -23.98 -58.65
N ALA I 19 6.88 -23.16 -59.58
CA ALA I 19 6.69 -21.72 -59.47
C ALA I 19 5.20 -21.43 -59.56
N GLU I 20 4.54 -22.07 -60.50
CA GLU I 20 3.12 -21.85 -60.70
C GLU I 20 2.30 -22.36 -59.52
N ILE I 21 2.50 -23.60 -59.12
CA ILE I 21 1.72 -24.21 -58.04
C ILE I 21 1.60 -23.27 -56.84
N VAL I 22 2.72 -22.70 -56.44
CA VAL I 22 2.74 -21.78 -55.29
C VAL I 22 1.99 -20.48 -55.61
N ALA I 23 2.18 -19.95 -56.81
CA ALA I 23 1.41 -18.79 -57.25
C ALA I 23 -0.09 -19.06 -57.17
N GLU I 24 -0.49 -20.21 -57.71
CA GLU I 24 -1.89 -20.64 -57.66
C GLU I 24 -2.40 -20.63 -56.23
N PHE I 25 -1.62 -21.19 -55.32
CA PHE I 25 -2.00 -21.22 -53.92
C PHE I 25 -2.32 -19.83 -53.38
N PHE I 26 -1.44 -18.88 -53.65
CA PHE I 26 -1.63 -17.53 -53.15
C PHE I 26 -2.89 -16.88 -53.68
N SER I 27 -3.26 -17.22 -54.90
CA SER I 27 -4.50 -16.72 -55.45
C SER I 27 -5.66 -17.21 -54.56
N PHE I 28 -5.84 -18.52 -54.47
CA PHE I 28 -6.94 -19.09 -53.70
C PHE I 28 -6.88 -18.72 -52.22
N GLY I 29 -5.68 -18.76 -51.65
CA GLY I 29 -5.49 -18.44 -50.24
C GLY I 29 -5.94 -17.02 -49.94
N ILE I 30 -5.41 -16.07 -50.70
CA ILE I 30 -5.74 -14.66 -50.51
C ILE I 30 -7.24 -14.44 -50.70
N ASN I 31 -7.82 -15.15 -51.65
CA ASN I 31 -9.26 -15.08 -51.87
C ASN I 31 -9.99 -15.63 -50.66
N SER I 32 -9.66 -16.86 -50.30
CA SER I 32 -10.28 -17.51 -49.15
C SER I 32 -10.04 -16.74 -47.85
N ILE I 33 -8.93 -16.03 -47.75
CA ILE I 33 -8.71 -15.19 -46.57
C ILE I 33 -9.68 -14.02 -46.59
N LEU I 34 -9.68 -13.27 -47.70
CA LEU I 34 -10.57 -12.13 -47.88
C LEU I 34 -12.04 -12.48 -47.61
N TYR I 35 -12.49 -13.70 -47.94
CA TYR I 35 -13.92 -14.04 -47.86
C TYR I 35 -14.43 -14.30 -46.45
N GLN I 36 -13.61 -14.98 -45.67
CA GLN I 36 -14.09 -15.48 -44.40
C GLN I 36 -14.16 -14.39 -43.34
N ARG I 37 -13.07 -13.65 -43.17
CA ARG I 37 -12.96 -12.74 -42.07
C ARG I 37 -13.96 -11.61 -42.17
N GLY I 38 -14.16 -11.12 -43.38
CA GLY I 38 -15.02 -9.98 -43.60
C GLY I 38 -16.50 -10.33 -43.51
N ILE I 39 -16.82 -11.63 -43.62
CA ILE I 39 -18.19 -12.12 -43.82
C ILE I 39 -18.90 -11.49 -45.05
N TYR I 40 -18.10 -10.98 -46.00
CA TYR I 40 -18.61 -10.24 -47.18
C TYR I 40 -19.63 -11.02 -47.99
N PRO I 41 -20.24 -10.35 -48.98
CA PRO I 41 -21.38 -10.98 -49.66
C PRO I 41 -20.95 -12.23 -50.42
N SER I 42 -21.58 -13.39 -50.19
CA SER I 42 -21.16 -14.54 -50.97
C SER I 42 -21.18 -14.11 -52.44
N GLU I 43 -22.25 -13.43 -52.84
CA GLU I 43 -22.35 -12.94 -54.21
C GLU I 43 -21.04 -12.29 -54.67
N THR I 44 -20.40 -11.53 -53.79
CA THR I 44 -19.09 -10.95 -54.10
C THR I 44 -18.14 -12.05 -54.57
N PHE I 45 -18.17 -13.18 -53.86
CA PHE I 45 -17.30 -14.31 -54.15
C PHE I 45 -18.07 -15.51 -54.65
N THR I 46 -17.74 -15.99 -55.84
CA THR I 46 -18.45 -17.13 -56.39
C THR I 46 -17.87 -18.46 -55.91
N ARG I 47 -18.73 -19.48 -55.91
CA ARG I 47 -18.40 -20.79 -55.37
C ARG I 47 -17.71 -21.63 -56.45
N VAL I 48 -16.51 -22.11 -56.17
CA VAL I 48 -15.74 -22.87 -57.15
C VAL I 48 -15.02 -24.06 -56.53
N GLN I 49 -14.57 -24.99 -57.39
CA GLN I 49 -13.87 -26.18 -56.92
C GLN I 49 -12.37 -26.09 -57.19
N LYS I 50 -11.57 -26.23 -56.14
CA LYS I 50 -10.15 -26.48 -56.32
C LYS I 50 -9.53 -27.14 -55.11
N TYR I 51 -8.48 -27.91 -55.34
CA TYR I 51 -7.79 -28.62 -54.28
C TYR I 51 -8.72 -29.65 -53.65
N GLY I 52 -9.90 -29.80 -54.22
CA GLY I 52 -10.84 -30.79 -53.74
C GLY I 52 -11.75 -30.22 -52.67
N LEU I 53 -11.64 -28.93 -52.43
CA LEU I 53 -12.57 -28.24 -51.54
C LEU I 53 -13.46 -27.37 -52.37
N THR I 54 -14.28 -26.59 -51.68
CA THR I 54 -15.08 -25.57 -52.32
C THR I 54 -14.62 -24.26 -51.72
N LEU I 55 -13.85 -23.48 -52.48
CA LEU I 55 -13.39 -22.18 -52.01
C LEU I 55 -14.17 -21.11 -52.72
N LEU I 56 -14.00 -19.87 -52.29
CA LEU I 56 -14.64 -18.77 -52.99
C LEU I 56 -13.61 -17.78 -53.52
N VAL I 57 -13.77 -17.45 -54.80
CA VAL I 57 -12.94 -16.44 -55.44
C VAL I 57 -13.82 -15.22 -55.69
N THR I 58 -13.20 -14.07 -55.83
CA THR I 58 -13.97 -12.83 -55.91
C THR I 58 -14.50 -12.58 -57.32
N THR I 59 -15.47 -11.68 -57.42
CA THR I 59 -16.06 -11.32 -58.69
C THR I 59 -15.73 -9.90 -59.09
N ASP I 60 -15.56 -9.04 -58.10
CA ASP I 60 -15.23 -7.64 -58.34
C ASP I 60 -14.10 -7.53 -59.37
N LEU I 61 -14.38 -6.86 -60.50
CA LEU I 61 -13.40 -6.75 -61.56
C LEU I 61 -12.11 -6.09 -61.06
N GLU I 62 -12.25 -5.05 -60.24
CA GLU I 62 -11.10 -4.35 -59.69
C GLU I 62 -10.17 -5.31 -58.97
N LEU I 63 -10.73 -6.11 -58.07
CA LEU I 63 -9.94 -7.04 -57.29
C LEU I 63 -9.37 -8.18 -58.14
N ILE I 64 -10.07 -8.55 -59.21
CA ILE I 64 -9.55 -9.60 -60.08
C ILE I 64 -8.31 -9.10 -60.84
N LYS I 65 -8.45 -7.96 -61.51
CA LYS I 65 -7.31 -7.37 -62.22
C LYS I 65 -6.12 -7.21 -61.28
N TYR I 66 -6.39 -6.77 -60.06
CA TYR I 66 -5.37 -6.62 -59.03
C TYR I 66 -4.62 -7.93 -58.81
N LEU I 67 -5.36 -8.95 -58.41
CA LEU I 67 -4.76 -10.23 -58.05
C LEU I 67 -4.06 -10.91 -59.24
N ASN I 68 -4.64 -10.82 -60.43
CA ASN I 68 -3.97 -11.35 -61.60
C ASN I 68 -2.56 -10.81 -61.73
N ASN I 69 -2.39 -9.53 -61.40
CA ASN I 69 -1.08 -8.89 -61.44
C ASN I 69 -0.10 -9.44 -60.42
N VAL I 70 -0.58 -9.64 -59.19
CA VAL I 70 0.27 -10.16 -58.12
C VAL I 70 0.55 -11.65 -58.30
N VAL I 71 -0.47 -12.42 -58.65
CA VAL I 71 -0.27 -13.84 -58.92
C VAL I 71 0.73 -13.99 -60.05
N GLU I 72 0.63 -13.12 -61.05
CA GLU I 72 1.53 -13.16 -62.19
C GLU I 72 2.94 -12.75 -61.79
N GLN I 73 3.08 -11.63 -61.10
CA GLN I 73 4.38 -11.13 -60.70
C GLN I 73 5.12 -12.12 -59.80
N LEU I 74 4.36 -12.84 -58.99
CA LEU I 74 4.94 -13.85 -58.10
C LEU I 74 5.45 -15.05 -58.86
N LYS I 75 4.64 -15.50 -59.82
CA LYS I 75 5.02 -16.58 -60.70
C LYS I 75 6.42 -16.28 -61.22
N ASP I 76 6.64 -15.03 -61.64
CA ASP I 76 7.94 -14.60 -62.13
C ASP I 76 9.02 -14.77 -61.08
N TRP I 77 8.88 -14.05 -59.98
CA TRP I 77 9.92 -14.01 -58.96
C TRP I 77 10.19 -15.34 -58.30
N LEU I 78 9.17 -16.21 -58.25
CA LEU I 78 9.36 -17.53 -57.67
C LEU I 78 10.33 -18.34 -58.49
N TYR I 79 10.17 -18.27 -59.82
CA TYR I 79 11.08 -18.93 -60.74
C TYR I 79 12.51 -18.58 -60.38
N LYS I 80 12.73 -17.30 -60.08
CA LYS I 80 14.07 -16.78 -59.80
C LYS I 80 14.49 -16.93 -58.34
N CYS I 81 13.52 -17.17 -57.46
CA CYS I 81 13.79 -17.24 -56.03
C CYS I 81 14.20 -15.89 -55.48
N SER I 82 13.37 -14.88 -55.72
CA SER I 82 13.64 -13.54 -55.24
C SER I 82 12.80 -13.24 -54.00
N VAL I 83 11.59 -13.79 -53.95
CA VAL I 83 10.63 -13.49 -52.90
C VAL I 83 10.56 -14.56 -51.80
N GLN I 84 10.67 -14.12 -50.55
CA GLN I 84 10.63 -15.05 -49.41
C GLN I 84 9.42 -14.85 -48.50
N LYS I 85 8.88 -13.63 -48.47
CA LYS I 85 7.70 -13.36 -47.65
C LYS I 85 6.57 -12.71 -48.43
N LEU I 86 5.35 -13.19 -48.18
CA LEU I 86 4.15 -12.57 -48.71
C LEU I 86 3.24 -12.35 -47.52
N VAL I 87 2.83 -11.11 -47.28
CA VAL I 87 2.01 -10.82 -46.11
C VAL I 87 0.69 -10.16 -46.46
N VAL I 88 -0.39 -10.64 -45.84
CA VAL I 88 -1.70 -10.02 -46.00
C VAL I 88 -2.01 -9.17 -44.77
N VAL I 89 -1.95 -7.85 -44.91
CA VAL I 89 -2.17 -6.98 -43.77
C VAL I 89 -3.58 -6.45 -43.74
N ILE I 90 -4.33 -6.88 -42.74
CA ILE I 90 -5.72 -6.44 -42.56
C ILE I 90 -5.81 -5.27 -41.57
N SER I 91 -6.03 -4.09 -42.11
CA SER I 91 -6.02 -2.86 -41.32
C SER I 91 -7.36 -2.14 -41.31
N ASN I 92 -7.70 -1.61 -40.14
CA ASN I 92 -8.88 -0.77 -39.96
C ASN I 92 -8.72 0.48 -40.81
N ILE I 93 -9.47 0.57 -41.92
CA ILE I 93 -9.33 1.72 -42.84
C ILE I 93 -9.71 3.07 -42.19
N GLU I 94 -10.50 3.02 -41.13
CA GLU I 94 -10.93 4.21 -40.41
C GLU I 94 -9.74 4.89 -39.74
N SER I 95 -8.85 4.08 -39.16
CA SER I 95 -7.74 4.60 -38.36
C SER I 95 -6.39 4.39 -39.03
N GLY I 96 -6.20 3.24 -39.66
CA GLY I 96 -4.92 2.87 -40.23
C GLY I 96 -4.31 1.71 -39.46
N GLU I 97 -4.73 1.59 -38.20
CA GLU I 97 -4.26 0.54 -37.30
C GLU I 97 -4.31 -0.86 -37.91
N VAL I 98 -3.40 -1.73 -37.46
CA VAL I 98 -3.37 -3.11 -37.95
C VAL I 98 -4.11 -4.08 -37.00
N LEU I 99 -4.95 -4.93 -37.56
CA LEU I 99 -5.79 -5.80 -36.74
C LEU I 99 -5.52 -7.30 -36.96
N GLU I 100 -5.08 -7.63 -38.17
CA GLU I 100 -4.83 -9.01 -38.50
C GLU I 100 -3.72 -9.05 -39.52
N ARG I 101 -2.96 -10.13 -39.52
CA ARG I 101 -1.76 -10.19 -40.33
C ARG I 101 -1.38 -11.62 -40.68
N TRP I 102 -1.71 -12.03 -41.91
CA TRP I 102 -1.39 -13.36 -42.41
C TRP I 102 -0.03 -13.31 -43.06
N GLN I 103 0.85 -14.24 -42.68
CA GLN I 103 2.24 -14.17 -43.08
C GLN I 103 2.79 -15.48 -43.66
N PHE I 104 3.15 -15.44 -44.93
CA PHE I 104 3.61 -16.63 -45.62
C PHE I 104 5.10 -16.60 -45.89
N ASP I 105 5.85 -17.44 -45.18
CA ASP I 105 7.28 -17.59 -45.39
C ASP I 105 7.53 -18.57 -46.54
N ILE I 106 8.53 -18.29 -47.38
CA ILE I 106 8.76 -19.08 -48.58
C ILE I 106 10.21 -19.58 -48.69
N GLU I 107 10.51 -20.69 -48.04
CA GLU I 107 11.83 -21.30 -48.18
C GLU I 107 11.99 -21.84 -49.60
N CYS I 108 13.04 -21.38 -50.28
CA CYS I 108 13.24 -21.70 -51.69
C CYS I 108 14.57 -22.42 -51.91
N ASP I 109 14.56 -23.41 -52.80
CA ASP I 109 15.75 -24.22 -53.09
C ASP I 109 16.44 -23.71 -54.36
N LYS I 110 17.38 -22.77 -54.18
CA LYS I 110 18.10 -22.13 -55.30
C LYS I 110 18.70 -23.15 -56.28
N THR I 111 19.28 -24.22 -55.73
CA THR I 111 19.86 -25.29 -56.55
C THR I 111 18.78 -26.18 -57.14
N ALA I 112 18.00 -25.62 -58.06
CA ALA I 112 16.94 -26.35 -58.75
C ALA I 112 16.86 -25.91 -60.22
N ARG I 119 12.11 -33.28 -60.04
CA ARG I 119 11.83 -33.79 -58.70
C ARG I 119 10.69 -34.79 -58.69
N GLU I 120 10.84 -35.86 -57.92
CA GLU I 120 9.78 -36.85 -57.79
C GLU I 120 8.79 -36.50 -56.69
N LYS I 121 7.57 -36.16 -57.08
CA LYS I 121 6.49 -35.91 -56.13
C LYS I 121 5.18 -35.64 -56.87
N SER I 122 4.22 -36.52 -56.66
CA SER I 122 2.96 -36.48 -57.40
C SER I 122 2.19 -35.17 -57.20
N GLN I 123 1.41 -34.80 -58.20
CA GLN I 123 0.49 -33.67 -58.08
C GLN I 123 -0.38 -33.87 -56.85
N LYS I 124 -0.94 -35.07 -56.72
CA LYS I 124 -1.76 -35.46 -55.58
C LYS I 124 -1.13 -35.04 -54.27
N ALA I 125 0.12 -35.45 -54.06
CA ALA I 125 0.85 -35.10 -52.85
C ALA I 125 0.66 -33.63 -52.53
N ILE I 126 1.24 -32.79 -53.37
CA ILE I 126 1.22 -31.34 -53.17
C ILE I 126 -0.20 -30.77 -53.10
N GLN I 127 -1.07 -31.20 -54.00
CA GLN I 127 -2.45 -30.70 -54.01
C GLN I 127 -3.19 -31.14 -52.75
N ASP I 128 -2.53 -31.97 -51.94
CA ASP I 128 -3.14 -32.48 -50.74
C ASP I 128 -2.58 -31.85 -49.47
N GLU I 129 -1.28 -31.58 -49.46
CA GLU I 129 -0.71 -30.85 -48.34
C GLU I 129 -1.45 -29.53 -48.23
N ILE I 130 -1.78 -28.95 -49.38
CA ILE I 130 -2.49 -27.68 -49.44
C ILE I 130 -3.93 -27.83 -48.95
N ARG I 131 -4.60 -28.85 -49.45
CA ARG I 131 -5.97 -29.10 -49.06
C ARG I 131 -6.05 -29.02 -47.54
N SER I 132 -4.99 -29.48 -46.87
CA SER I 132 -4.95 -29.45 -45.41
C SER I 132 -4.57 -28.08 -44.85
N VAL I 133 -3.70 -27.35 -45.53
CA VAL I 133 -3.43 -25.98 -45.10
C VAL I 133 -4.72 -25.17 -45.19
N ILE I 134 -5.23 -25.02 -46.40
CA ILE I 134 -6.46 -24.26 -46.63
C ILE I 134 -7.54 -24.67 -45.65
N ARG I 135 -7.67 -25.99 -45.49
CA ARG I 135 -8.65 -26.56 -44.59
C ARG I 135 -8.47 -25.99 -43.18
N GLN I 136 -7.21 -25.85 -42.77
CA GLN I 136 -6.89 -25.35 -41.42
C GLN I 136 -7.26 -23.88 -41.30
N ILE I 137 -6.86 -23.11 -42.30
CA ILE I 137 -7.16 -21.67 -42.36
C ILE I 137 -8.65 -21.40 -42.30
N THR I 138 -9.40 -22.16 -43.09
CA THR I 138 -10.85 -22.05 -43.09
C THR I 138 -11.35 -22.17 -41.66
N ALA I 139 -10.95 -23.25 -41.00
CA ALA I 139 -11.30 -23.39 -39.60
C ALA I 139 -10.88 -22.10 -38.90
N THR I 140 -9.62 -21.71 -39.06
CA THR I 140 -9.10 -20.59 -38.30
C THR I 140 -10.03 -19.39 -38.32
N VAL I 141 -10.43 -18.94 -39.51
CA VAL I 141 -11.20 -17.71 -39.62
C VAL I 141 -12.27 -17.61 -38.55
N THR I 142 -13.02 -18.69 -38.36
CA THR I 142 -14.13 -18.71 -37.43
C THR I 142 -13.76 -18.26 -36.01
N PHE I 143 -12.51 -18.51 -35.60
CA PHE I 143 -12.05 -18.08 -34.27
C PHE I 143 -11.34 -16.71 -34.20
N LEU I 144 -10.58 -16.34 -35.23
CA LEU I 144 -9.88 -15.04 -35.21
C LEU I 144 -10.86 -13.95 -34.78
N PRO I 145 -10.48 -13.11 -33.79
CA PRO I 145 -11.42 -12.10 -33.28
C PRO I 145 -12.15 -11.53 -34.46
N LEU I 146 -13.37 -11.03 -34.27
CA LEU I 146 -14.13 -10.58 -35.43
C LEU I 146 -13.92 -9.11 -35.75
N LEU I 147 -13.65 -8.83 -37.01
CA LEU I 147 -13.45 -7.47 -37.50
C LEU I 147 -14.78 -6.85 -37.80
N GLU I 148 -15.18 -5.87 -37.00
CA GLU I 148 -16.48 -5.27 -37.21
C GLU I 148 -16.39 -3.81 -37.62
N VAL I 149 -15.17 -3.26 -37.60
CA VAL I 149 -14.94 -1.94 -38.19
C VAL I 149 -14.54 -2.09 -39.66
N SER I 150 -14.81 -1.06 -40.46
CA SER I 150 -14.53 -1.14 -41.90
C SER I 150 -13.04 -1.37 -42.14
N CYS I 151 -12.69 -2.49 -42.73
CA CYS I 151 -11.29 -2.81 -42.93
C CYS I 151 -10.93 -2.96 -44.38
N SER I 152 -9.70 -2.58 -44.72
CA SER I 152 -9.17 -2.84 -46.05
C SER I 152 -7.90 -3.64 -45.89
N PHE I 153 -7.53 -4.37 -46.94
CA PHE I 153 -6.33 -5.19 -46.86
C PHE I 153 -5.21 -4.60 -47.69
N ASP I 154 -4.04 -5.23 -47.63
CA ASP I 154 -2.91 -4.81 -48.42
C ASP I 154 -1.87 -5.92 -48.41
N LEU I 155 -1.24 -6.15 -49.56
CA LEU I 155 -0.18 -7.16 -49.64
C LEU I 155 1.19 -6.59 -49.33
N LEU I 156 2.06 -7.42 -48.75
CA LEU I 156 3.47 -7.11 -48.65
C LEU I 156 4.26 -8.19 -49.39
N ILE I 157 5.29 -7.79 -50.12
CA ILE I 157 6.21 -8.77 -50.69
C ILE I 157 7.62 -8.46 -50.20
N TYR I 158 8.28 -9.47 -49.65
CA TYR I 158 9.67 -9.33 -49.24
C TYR I 158 10.57 -9.93 -50.31
N THR I 159 11.62 -9.20 -50.67
CA THR I 159 12.50 -9.63 -51.75
C THR I 159 13.91 -9.06 -51.59
N ASP I 160 14.82 -9.47 -52.47
CA ASP I 160 16.22 -9.02 -52.41
C ASP I 160 16.37 -7.58 -52.88
N LYS I 161 17.31 -6.85 -52.29
CA LYS I 161 17.69 -5.54 -52.80
C LYS I 161 18.20 -5.73 -54.22
N ASP I 162 18.70 -6.94 -54.47
CA ASP I 162 19.31 -7.30 -55.74
C ASP I 162 18.26 -7.66 -56.79
N LEU I 163 17.12 -6.97 -56.76
CA LEU I 163 16.08 -7.22 -57.75
C LEU I 163 15.47 -5.93 -58.27
N VAL I 164 15.05 -5.99 -59.53
CA VAL I 164 14.39 -4.87 -60.17
C VAL I 164 12.88 -5.03 -60.06
N VAL I 165 12.23 -4.09 -59.41
CA VAL I 165 10.80 -4.15 -59.20
C VAL I 165 10.11 -3.04 -59.98
N PRO I 166 9.07 -3.39 -60.75
CA PRO I 166 8.28 -2.42 -61.53
C PRO I 166 8.01 -1.12 -60.75
N GLU I 167 7.86 -0.01 -61.48
CA GLU I 167 7.84 1.32 -60.88
C GLU I 167 6.74 1.58 -59.84
N LYS I 168 5.59 0.94 -60.00
CA LYS I 168 4.45 1.21 -59.11
C LYS I 168 4.72 0.87 -57.63
N TRP I 169 5.32 -0.30 -57.36
CA TRP I 169 5.62 -0.69 -55.99
C TRP I 169 6.47 0.37 -55.30
N GLU I 170 6.51 0.33 -53.97
CA GLU I 170 7.43 1.18 -53.21
C GLU I 170 7.67 0.64 -51.80
N GLU I 171 8.85 0.91 -51.26
CA GLU I 171 9.24 0.46 -49.94
C GLU I 171 8.15 0.79 -48.92
N SER I 172 7.93 -0.12 -47.97
CA SER I 172 6.93 0.09 -46.93
C SER I 172 7.28 -0.57 -45.59
N GLY I 173 6.93 0.11 -44.51
CA GLY I 173 7.11 -0.44 -43.18
C GLY I 173 6.42 -1.78 -43.08
N PRO I 174 6.91 -2.63 -42.17
CA PRO I 174 6.43 -3.99 -41.91
C PRO I 174 4.98 -4.05 -41.39
N GLN I 175 4.63 -3.08 -40.57
CA GLN I 175 3.26 -2.99 -40.06
C GLN I 175 2.89 -4.19 -39.23
N PHE I 176 3.66 -4.44 -38.17
CA PHE I 176 3.32 -5.50 -37.25
C PHE I 176 2.22 -5.02 -36.34
N ILE I 177 1.64 -5.94 -35.57
CA ILE I 177 0.53 -5.56 -34.70
C ILE I 177 1.00 -5.13 -33.32
N THR I 178 0.63 -3.90 -32.97
CA THR I 178 0.92 -3.32 -31.66
C THR I 178 0.98 -4.38 -30.56
N ASN I 179 -0.16 -4.90 -30.16
CA ASN I 179 -0.19 -5.96 -29.17
C ASN I 179 -0.76 -7.22 -29.79
N SER I 180 0.07 -8.22 -30.02
CA SER I 180 -0.33 -9.35 -30.87
C SER I 180 -0.28 -10.74 -30.26
N GLU I 181 -0.87 -11.67 -30.99
CA GLU I 181 -0.86 -13.08 -30.64
C GLU I 181 -0.86 -13.87 -31.94
N GLU I 182 0.18 -14.67 -32.15
CA GLU I 182 0.30 -15.43 -33.38
C GLU I 182 -0.07 -16.89 -33.16
N VAL I 183 -0.36 -17.59 -34.26
CA VAL I 183 -0.61 -19.03 -34.24
C VAL I 183 -0.07 -19.71 -35.47
N ARG I 184 0.95 -20.55 -35.32
CA ARG I 184 1.65 -21.10 -36.47
C ARG I 184 0.87 -22.26 -37.08
N LEU I 185 0.86 -22.33 -38.41
CA LEU I 185 0.03 -23.28 -39.14
C LEU I 185 0.85 -24.29 -39.96
N ARG I 186 0.17 -25.25 -40.57
CA ARG I 186 0.81 -26.25 -41.43
C ARG I 186 1.58 -25.64 -42.58
N SER I 187 2.46 -26.43 -43.17
CA SER I 187 3.38 -25.94 -44.18
C SER I 187 3.58 -26.92 -45.33
N PHE I 188 2.97 -26.63 -46.48
CA PHE I 188 3.11 -27.49 -47.65
C PHE I 188 4.41 -27.20 -48.39
N THR I 189 4.81 -28.12 -49.26
CA THR I 189 6.09 -28.02 -49.96
C THR I 189 6.16 -28.83 -51.25
N THR I 190 6.67 -28.20 -52.31
CA THR I 190 6.83 -28.84 -53.60
C THR I 190 8.23 -29.43 -53.76
N THR I 191 8.98 -29.42 -52.65
CA THR I 191 10.39 -29.82 -52.63
C THR I 191 11.29 -28.78 -53.32
N ILE I 192 10.67 -27.85 -54.04
CA ILE I 192 11.41 -26.71 -54.59
C ILE I 192 10.98 -25.43 -53.86
N HIS I 193 9.74 -25.44 -53.37
CA HIS I 193 9.22 -24.34 -52.58
C HIS I 193 8.49 -24.86 -51.34
N LYS I 194 8.91 -24.41 -50.15
CA LYS I 194 8.16 -24.68 -48.92
C LYS I 194 7.46 -23.40 -48.51
N VAL I 195 6.22 -23.52 -48.04
CA VAL I 195 5.47 -22.33 -47.64
C VAL I 195 4.92 -22.45 -46.22
N ASN I 196 5.61 -21.80 -45.28
CA ASN I 196 5.12 -21.72 -43.91
C ASN I 196 4.07 -20.62 -43.78
N SER I 197 2.94 -20.96 -43.19
CA SER I 197 1.87 -20.01 -43.06
C SER I 197 1.54 -19.85 -41.59
N MET I 198 1.38 -18.61 -41.15
CA MET I 198 0.99 -18.35 -39.77
C MET I 198 0.22 -17.05 -39.66
N VAL I 199 -0.86 -17.08 -38.89
CA VAL I 199 -1.71 -15.91 -38.72
C VAL I 199 -1.35 -15.18 -37.44
N ALA I 200 -1.72 -13.90 -37.37
CA ALA I 200 -1.43 -13.08 -36.21
C ALA I 200 -2.56 -12.08 -35.98
N TYR I 201 -3.20 -12.15 -34.81
CA TYR I 201 -4.35 -11.30 -34.54
C TYR I 201 -4.14 -10.37 -33.36
N LYS I 202 -5.00 -9.36 -33.25
CA LYS I 202 -4.87 -8.40 -32.17
C LYS I 202 -5.56 -8.88 -30.90
N ILE I 203 -4.81 -8.89 -29.81
CA ILE I 203 -5.35 -9.33 -28.53
C ILE I 203 -6.36 -8.32 -28.00
N PRO I 204 -7.62 -8.77 -27.81
CA PRO I 204 -8.76 -7.96 -27.38
C PRO I 204 -8.45 -7.00 -26.23
N VAL I 205 -8.84 -5.72 -26.32
CA VAL I 205 -8.56 -4.80 -25.22
C VAL I 205 -9.82 -4.19 -24.58
N GLY J 11 -0.56 -31.89 -25.43
CA GLY J 11 -1.55 -31.11 -24.72
C GLY J 11 -2.89 -31.80 -24.53
N SER J 12 -3.82 -31.09 -23.88
CA SER J 12 -5.23 -31.45 -23.93
C SER J 12 -6.12 -30.25 -23.65
N ILE J 13 -7.27 -30.22 -24.31
CA ILE J 13 -8.18 -29.09 -24.32
C ILE J 13 -9.13 -29.08 -23.13
N THR J 14 -9.36 -27.92 -22.54
CA THR J 14 -10.23 -27.84 -21.38
C THR J 14 -11.60 -27.23 -21.67
N LEU J 15 -12.65 -28.02 -21.45
CA LEU J 15 -14.02 -27.59 -21.67
C LEU J 15 -14.65 -27.14 -20.37
N ARG J 16 -14.70 -25.83 -20.12
CA ARG J 16 -15.32 -25.34 -18.90
C ARG J 16 -16.71 -24.77 -19.13
N GLY J 17 -17.64 -25.11 -18.24
CA GLY J 17 -19.01 -24.62 -18.33
C GLY J 17 -20.06 -25.51 -17.67
N SER J 18 -21.32 -25.09 -17.79
CA SER J 18 -22.45 -25.90 -17.34
C SER J 18 -22.60 -27.08 -18.29
N ALA J 19 -23.63 -27.89 -18.11
CA ALA J 19 -23.78 -29.07 -18.94
C ALA J 19 -24.40 -28.78 -20.31
N GLU J 20 -25.54 -28.10 -20.33
CA GLU J 20 -26.23 -27.82 -21.59
C GLU J 20 -25.25 -27.21 -22.58
N ILE J 21 -24.19 -26.62 -22.05
CA ILE J 21 -23.18 -25.95 -22.85
C ILE J 21 -22.01 -26.88 -23.22
N VAL J 22 -21.38 -27.49 -22.22
CA VAL J 22 -20.17 -28.29 -22.44
C VAL J 22 -20.39 -29.33 -23.55
N ALA J 23 -21.58 -29.92 -23.59
CA ALA J 23 -21.93 -30.79 -24.69
C ALA J 23 -21.77 -30.05 -26.01
N GLU J 24 -22.49 -28.94 -26.16
CA GLU J 24 -22.46 -28.16 -27.40
C GLU J 24 -21.03 -27.85 -27.82
N PHE J 25 -20.18 -27.54 -26.85
CA PHE J 25 -18.76 -27.30 -27.13
C PHE J 25 -18.10 -28.53 -27.70
N PHE J 26 -18.22 -29.65 -26.99
CA PHE J 26 -17.73 -30.91 -27.50
C PHE J 26 -18.13 -31.10 -28.96
N SER J 27 -19.43 -30.99 -29.23
CA SER J 27 -19.92 -31.09 -30.60
C SER J 27 -19.11 -30.22 -31.57
N PHE J 28 -18.89 -28.97 -31.21
CA PHE J 28 -18.16 -28.06 -32.08
C PHE J 28 -16.73 -28.53 -32.31
N GLY J 29 -16.11 -29.08 -31.27
CA GLY J 29 -14.73 -29.53 -31.36
C GLY J 29 -14.58 -30.79 -32.17
N ILE J 30 -15.23 -31.85 -31.70
CA ILE J 30 -15.24 -33.13 -32.41
C ILE J 30 -15.58 -32.89 -33.87
N ASN J 31 -16.31 -31.81 -34.14
CA ASN J 31 -16.61 -31.45 -35.52
C ASN J 31 -15.39 -30.88 -36.23
N SER J 32 -14.79 -29.85 -35.64
CA SER J 32 -13.60 -29.24 -36.23
C SER J 32 -12.53 -30.28 -36.52
N ILE J 33 -12.39 -31.25 -35.61
CA ILE J 33 -11.38 -32.30 -35.77
C ILE J 33 -11.68 -33.12 -37.01
N LEU J 34 -12.95 -33.48 -37.17
CA LEU J 34 -13.39 -34.21 -38.36
C LEU J 34 -13.13 -33.43 -39.65
N TYR J 35 -13.19 -32.10 -39.57
CA TYR J 35 -12.97 -31.29 -40.76
C TYR J 35 -11.49 -31.15 -41.07
N GLN J 36 -10.73 -30.64 -40.11
CA GLN J 36 -9.32 -30.36 -40.34
C GLN J 36 -8.45 -31.59 -40.57
N ARG J 37 -8.93 -32.76 -40.14
CA ARG J 37 -8.17 -33.97 -40.34
C ARG J 37 -8.69 -34.74 -41.55
N GLY J 38 -9.64 -34.15 -42.27
CA GLY J 38 -10.16 -34.77 -43.47
C GLY J 38 -10.80 -36.13 -43.24
N ILE J 39 -11.16 -36.42 -42.00
CA ILE J 39 -11.90 -37.64 -41.69
C ILE J 39 -13.06 -37.79 -42.67
N TYR J 40 -13.98 -36.83 -42.66
CA TYR J 40 -14.96 -36.70 -43.74
C TYR J 40 -14.43 -35.68 -44.71
N PRO J 41 -14.99 -35.65 -45.92
CA PRO J 41 -14.63 -34.68 -46.97
C PRO J 41 -14.84 -33.22 -46.57
N SER J 42 -14.58 -32.30 -47.49
CA SER J 42 -14.81 -30.89 -47.20
C SER J 42 -16.25 -30.53 -47.45
N GLU J 43 -16.77 -31.02 -48.56
CA GLU J 43 -18.13 -30.76 -48.98
C GLU J 43 -19.14 -31.40 -48.03
N THR J 44 -18.64 -32.21 -47.11
CA THR J 44 -19.49 -32.83 -46.09
C THR J 44 -20.04 -31.78 -45.15
N PHE J 45 -19.26 -30.72 -44.92
CA PHE J 45 -19.54 -29.77 -43.86
C PHE J 45 -20.23 -28.51 -44.36
N THR J 46 -20.59 -27.63 -43.44
CA THR J 46 -21.09 -26.31 -43.79
C THR J 46 -20.82 -25.32 -42.66
N ARG J 47 -20.93 -24.03 -43.00
CA ARG J 47 -20.78 -23.00 -42.00
C ARG J 47 -22.14 -22.73 -41.40
N VAL J 48 -22.20 -22.62 -40.09
CA VAL J 48 -23.42 -22.26 -39.40
C VAL J 48 -22.99 -21.23 -38.39
N GLN J 49 -23.83 -20.25 -38.12
CA GLN J 49 -23.40 -19.32 -37.12
C GLN J 49 -24.25 -19.42 -35.86
N LYS J 50 -23.56 -19.43 -34.73
CA LYS J 50 -24.20 -19.47 -33.43
C LYS J 50 -23.33 -18.73 -32.41
N TYR J 51 -23.95 -17.91 -31.56
CA TYR J 51 -23.20 -17.09 -30.61
C TYR J 51 -22.38 -16.04 -31.34
N GLY J 52 -22.86 -15.64 -32.52
CA GLY J 52 -22.21 -14.59 -33.27
C GLY J 52 -20.91 -15.03 -33.90
N LEU J 53 -20.62 -16.32 -33.78
CA LEU J 53 -19.43 -16.87 -34.42
C LEU J 53 -19.83 -17.71 -35.62
N THR J 54 -18.88 -17.96 -36.51
CA THR J 54 -19.12 -18.91 -37.59
C THR J 54 -18.48 -20.22 -37.16
N LEU J 55 -19.15 -21.34 -37.41
CA LEU J 55 -18.63 -22.66 -37.03
C LEU J 55 -18.78 -23.66 -38.14
N LEU J 56 -17.78 -24.52 -38.28
CA LEU J 56 -17.89 -25.62 -39.22
C LEU J 56 -18.49 -26.81 -38.50
N VAL J 57 -19.52 -27.39 -39.11
CA VAL J 57 -20.16 -28.57 -38.55
C VAL J 57 -20.51 -29.49 -39.70
N THR J 58 -20.66 -30.77 -39.40
CA THR J 58 -20.90 -31.74 -40.45
C THR J 58 -22.38 -31.80 -40.80
N THR J 59 -22.65 -32.33 -41.98
CA THR J 59 -24.02 -32.45 -42.47
C THR J 59 -24.27 -33.83 -43.05
N ASP J 60 -23.39 -34.79 -42.76
CA ASP J 60 -23.66 -36.18 -43.10
C ASP J 60 -24.67 -36.71 -42.10
N LEU J 61 -25.85 -37.03 -42.58
CA LEU J 61 -26.94 -37.44 -41.70
C LEU J 61 -26.57 -38.60 -40.76
N GLU J 62 -25.79 -39.57 -41.24
CA GLU J 62 -25.27 -40.63 -40.39
C GLU J 62 -24.75 -40.05 -39.09
N LEU J 63 -23.71 -39.23 -39.26
CA LEU J 63 -22.96 -38.61 -38.17
C LEU J 63 -23.86 -37.84 -37.20
N ILE J 64 -24.72 -36.98 -37.76
CA ILE J 64 -25.61 -36.18 -36.94
C ILE J 64 -26.45 -37.04 -36.00
N LYS J 65 -27.14 -38.02 -36.56
CA LYS J 65 -27.87 -39.00 -35.76
C LYS J 65 -27.00 -39.46 -34.62
N TYR J 66 -25.84 -40.03 -34.96
CA TYR J 66 -24.95 -40.62 -33.97
C TYR J 66 -24.39 -39.59 -33.00
N LEU J 67 -23.67 -38.60 -33.52
CA LEU J 67 -23.07 -37.56 -32.68
C LEU J 67 -24.10 -36.95 -31.76
N ASN J 68 -25.36 -37.01 -32.19
CA ASN J 68 -26.45 -36.48 -31.42
C ASN J 68 -26.81 -37.35 -30.23
N ASN J 69 -27.18 -38.60 -30.52
CA ASN J 69 -27.53 -39.54 -29.48
C ASN J 69 -26.44 -39.63 -28.42
N VAL J 70 -25.19 -39.68 -28.85
CA VAL J 70 -24.06 -39.70 -27.93
C VAL J 70 -23.93 -38.37 -27.15
N VAL J 71 -24.17 -37.24 -27.80
CA VAL J 71 -24.07 -35.96 -27.10
C VAL J 71 -25.25 -35.72 -26.16
N GLU J 72 -26.43 -36.19 -26.53
CA GLU J 72 -27.61 -36.03 -25.69
C GLU J 72 -27.43 -36.81 -24.39
N GLN J 73 -26.96 -38.05 -24.52
CA GLN J 73 -26.74 -38.89 -23.36
C GLN J 73 -25.64 -38.27 -22.49
N LEU J 74 -24.78 -37.48 -23.13
CA LEU J 74 -23.68 -36.84 -22.44
C LEU J 74 -24.16 -35.57 -21.74
N LYS J 75 -25.01 -34.82 -22.43
CA LYS J 75 -25.66 -33.65 -21.85
C LYS J 75 -26.29 -34.05 -20.53
N ASP J 76 -26.73 -35.30 -20.46
CA ASP J 76 -27.40 -35.82 -19.29
C ASP J 76 -26.41 -36.13 -18.17
N TRP J 77 -25.50 -37.06 -18.41
CA TRP J 77 -24.51 -37.41 -17.39
C TRP J 77 -23.86 -36.17 -16.83
N LEU J 78 -23.87 -35.10 -17.62
CA LEU J 78 -23.18 -33.89 -17.23
C LEU J 78 -23.95 -33.04 -16.23
N TYR J 79 -25.27 -32.99 -16.33
CA TYR J 79 -26.06 -32.09 -15.46
C TYR J 79 -25.79 -32.36 -13.99
N LYS J 80 -24.98 -33.38 -13.72
CA LYS J 80 -24.57 -33.72 -12.36
C LYS J 80 -23.07 -33.91 -12.18
N CYS J 81 -22.30 -33.68 -13.24
CA CYS J 81 -20.84 -33.71 -13.14
C CYS J 81 -20.30 -35.09 -12.87
N SER J 82 -20.79 -36.06 -13.63
CA SER J 82 -20.41 -37.44 -13.42
C SER J 82 -19.27 -37.80 -14.36
N VAL J 83 -19.08 -37.00 -15.40
CA VAL J 83 -18.07 -37.30 -16.42
C VAL J 83 -16.84 -36.41 -16.31
N GLN J 84 -15.69 -37.05 -16.13
CA GLN J 84 -14.44 -36.36 -15.85
C GLN J 84 -13.69 -35.96 -17.11
N LYS J 85 -13.48 -36.91 -18.02
CA LYS J 85 -12.84 -36.59 -19.28
C LYS J 85 -13.35 -37.39 -20.49
N LEU J 86 -13.42 -36.74 -21.64
CA LEU J 86 -13.70 -37.41 -22.90
C LEU J 86 -12.40 -37.58 -23.64
N VAL J 87 -12.17 -38.73 -24.25
CA VAL J 87 -11.00 -38.90 -25.11
C VAL J 87 -11.34 -39.57 -26.43
N VAL J 88 -10.95 -38.91 -27.51
CA VAL J 88 -11.14 -39.43 -28.86
C VAL J 88 -9.86 -40.11 -29.33
N VAL J 89 -9.98 -41.33 -29.86
CA VAL J 89 -8.81 -42.09 -30.28
C VAL J 89 -8.88 -42.56 -31.72
N ILE J 90 -8.38 -41.71 -32.61
CA ILE J 90 -8.27 -42.05 -34.01
C ILE J 90 -7.19 -43.10 -34.17
N SER J 91 -7.56 -44.29 -34.58
CA SER J 91 -6.58 -45.33 -34.80
C SER J 91 -6.81 -45.96 -36.17
N ASN J 92 -5.73 -46.50 -36.73
CA ASN J 92 -5.79 -47.24 -37.98
C ASN J 92 -6.74 -48.44 -37.83
N ILE J 93 -7.54 -48.69 -38.86
CA ILE J 93 -8.65 -49.66 -38.72
C ILE J 93 -8.24 -51.11 -38.92
N GLU J 94 -7.24 -51.35 -39.77
CA GLU J 94 -6.71 -52.69 -39.93
C GLU J 94 -5.55 -52.83 -38.98
N SER J 95 -4.69 -51.83 -39.00
CA SER J 95 -3.47 -51.79 -38.18
C SER J 95 -3.80 -52.10 -36.73
N GLY J 96 -4.65 -51.26 -36.16
CA GLY J 96 -4.91 -51.32 -34.73
C GLY J 96 -4.14 -50.20 -34.07
N GLU J 97 -2.96 -49.89 -34.62
CA GLU J 97 -2.10 -48.85 -34.07
C GLU J 97 -2.84 -47.52 -33.94
N VAL J 98 -2.66 -46.88 -32.80
CA VAL J 98 -3.24 -45.56 -32.60
C VAL J 98 -2.54 -44.59 -33.53
N LEU J 99 -3.21 -43.50 -33.87
CA LEU J 99 -2.64 -42.47 -34.74
C LEU J 99 -2.57 -41.12 -34.05
N GLU J 100 -3.51 -40.88 -33.15
CA GLU J 100 -3.54 -39.64 -32.39
C GLU J 100 -4.67 -39.67 -31.38
N ARG J 101 -4.46 -39.02 -30.24
CA ARG J 101 -5.51 -38.91 -29.24
C ARG J 101 -5.91 -37.46 -29.09
N TRP J 102 -7.20 -37.21 -28.94
CA TRP J 102 -7.67 -35.86 -28.65
C TRP J 102 -8.39 -35.91 -27.31
N GLN J 103 -7.81 -35.25 -26.30
CA GLN J 103 -8.33 -35.37 -24.96
C GLN J 103 -9.01 -34.12 -24.48
N PHE J 104 -10.24 -34.26 -24.01
CA PHE J 104 -10.98 -33.15 -23.46
C PHE J 104 -11.15 -33.28 -21.95
N ASP J 105 -10.59 -32.33 -21.22
CA ASP J 105 -10.73 -32.30 -19.77
C ASP J 105 -11.93 -31.45 -19.42
N ILE J 106 -12.73 -31.94 -18.49
CA ILE J 106 -13.98 -31.26 -18.17
C ILE J 106 -13.94 -30.44 -16.87
N GLU J 107 -14.47 -29.23 -16.95
CA GLU J 107 -14.51 -28.32 -15.83
C GLU J 107 -15.97 -28.17 -15.45
N CYS J 108 -16.44 -29.05 -14.58
CA CYS J 108 -17.88 -29.24 -14.41
C CYS J 108 -18.54 -28.33 -13.39
N ASP J 109 -19.53 -27.57 -13.86
CA ASP J 109 -20.38 -26.76 -12.99
C ASP J 109 -21.79 -27.36 -12.97
N LYS J 110 -22.22 -27.85 -11.81
CA LYS J 110 -23.53 -28.47 -11.67
C LYS J 110 -24.62 -27.50 -12.10
N THR J 111 -25.74 -28.02 -12.60
CA THR J 111 -26.84 -27.19 -13.06
C THR J 111 -28.19 -27.90 -12.97
N SER J 122 -22.62 -12.98 -19.41
CA SER J 122 -23.34 -12.77 -20.65
C SER J 122 -22.80 -13.66 -21.78
N GLN J 123 -22.88 -13.16 -23.01
CA GLN J 123 -22.46 -13.93 -24.19
C GLN J 123 -20.97 -13.82 -24.48
N LYS J 124 -20.39 -12.66 -24.16
CA LYS J 124 -18.96 -12.45 -24.32
C LYS J 124 -18.19 -13.62 -23.75
N ALA J 125 -18.73 -14.18 -22.66
CA ALA J 125 -18.12 -15.30 -21.97
C ALA J 125 -17.97 -16.53 -22.87
N ILE J 126 -19.11 -17.07 -23.29
CA ILE J 126 -19.14 -18.23 -24.16
C ILE J 126 -18.27 -18.02 -25.37
N GLN J 127 -18.43 -16.87 -26.00
CA GLN J 127 -17.68 -16.56 -27.19
C GLN J 127 -16.22 -16.93 -27.04
N ASP J 128 -15.59 -16.40 -25.99
CA ASP J 128 -14.17 -16.62 -25.77
C ASP J 128 -13.87 -18.10 -25.57
N GLU J 129 -14.74 -18.79 -24.86
CA GLU J 129 -14.55 -20.23 -24.65
C GLU J 129 -14.42 -20.98 -25.98
N ILE J 130 -15.44 -20.89 -26.82
CA ILE J 130 -15.44 -21.60 -28.10
C ILE J 130 -14.14 -21.36 -28.81
N ARG J 131 -13.81 -20.09 -29.01
CA ARG J 131 -12.59 -19.74 -29.68
C ARG J 131 -11.40 -20.51 -29.14
N SER J 132 -11.14 -20.40 -27.84
CA SER J 132 -9.94 -21.02 -27.27
C SER J 132 -9.89 -22.49 -27.68
N VAL J 133 -11.05 -23.12 -27.75
CA VAL J 133 -11.10 -24.53 -28.12
C VAL J 133 -10.74 -24.76 -29.58
N ILE J 134 -11.52 -24.18 -30.49
CA ILE J 134 -11.22 -24.31 -31.92
C ILE J 134 -9.79 -23.86 -32.19
N ARG J 135 -9.36 -22.77 -31.55
CA ARG J 135 -8.01 -22.30 -31.72
C ARG J 135 -7.01 -23.35 -31.27
N GLN J 136 -7.27 -23.97 -30.13
CA GLN J 136 -6.39 -25.03 -29.64
C GLN J 136 -6.33 -26.17 -30.65
N ILE J 137 -7.48 -26.78 -30.87
CA ILE J 137 -7.62 -27.85 -31.87
C ILE J 137 -6.86 -27.54 -33.14
N THR J 138 -7.00 -26.31 -33.61
CA THR J 138 -6.37 -25.88 -34.86
C THR J 138 -4.85 -25.83 -34.75
N ALA J 139 -4.33 -25.21 -33.70
CA ALA J 139 -2.89 -25.10 -33.55
C ALA J 139 -2.27 -26.47 -33.46
N THR J 140 -3.07 -27.43 -33.00
CA THR J 140 -2.61 -28.80 -32.84
C THR J 140 -2.48 -29.52 -34.17
N VAL J 141 -3.57 -29.51 -34.94
CA VAL J 141 -3.56 -30.16 -36.24
C VAL J 141 -2.33 -29.75 -37.04
N THR J 142 -1.69 -28.66 -36.64
CA THR J 142 -0.45 -28.25 -37.27
C THR J 142 0.63 -29.32 -37.17
N PHE J 143 0.77 -29.91 -36.01
CA PHE J 143 1.91 -30.78 -35.77
C PHE J 143 1.68 -32.24 -36.09
N LEU J 144 0.43 -32.59 -36.39
CA LEU J 144 0.09 -33.96 -36.73
C LEU J 144 0.48 -34.27 -38.17
N PRO J 145 0.83 -35.53 -38.43
CA PRO J 145 1.20 -35.98 -39.75
C PRO J 145 -0.07 -35.98 -40.55
N LEU J 146 0.05 -36.03 -41.87
CA LEU J 146 -1.14 -36.18 -42.68
C LEU J 146 -1.69 -37.60 -42.47
N LEU J 147 -3.02 -37.73 -42.42
CA LEU J 147 -3.65 -39.03 -42.39
C LEU J 147 -3.68 -39.55 -43.83
N GLU J 148 -3.64 -40.86 -44.01
CA GLU J 148 -3.66 -41.41 -45.37
C GLU J 148 -4.32 -42.78 -45.47
N VAL J 149 -4.78 -43.31 -44.33
CA VAL J 149 -5.36 -44.63 -44.30
C VAL J 149 -6.80 -44.61 -43.76
N SER J 150 -7.51 -45.73 -43.89
CA SER J 150 -8.83 -45.83 -43.28
C SER J 150 -8.62 -45.76 -41.78
N CYS J 151 -9.69 -45.61 -41.01
CA CYS J 151 -9.51 -45.51 -39.57
C CYS J 151 -10.79 -45.52 -38.76
N SER J 152 -10.64 -45.84 -37.48
CA SER J 152 -11.77 -45.92 -36.56
C SER J 152 -11.69 -44.86 -35.48
N PHE J 153 -12.85 -44.39 -35.07
CA PHE J 153 -12.96 -43.48 -33.95
C PHE J 153 -13.31 -44.25 -32.71
N ASP J 154 -12.72 -43.85 -31.59
CA ASP J 154 -13.12 -44.43 -30.32
C ASP J 154 -13.32 -43.31 -29.33
N LEU J 155 -14.57 -43.06 -28.98
CA LEU J 155 -14.88 -42.09 -27.96
C LEU J 155 -14.83 -42.81 -26.62
N LEU J 156 -14.23 -42.16 -25.64
CA LEU J 156 -14.16 -42.73 -24.30
C LEU J 156 -14.75 -41.76 -23.30
N ILE J 157 -15.94 -42.07 -22.80
CA ILE J 157 -16.49 -41.26 -21.75
C ILE J 157 -15.97 -41.80 -20.43
N TYR J 158 -15.21 -40.99 -19.72
CA TYR J 158 -14.67 -41.36 -18.42
C TYR J 158 -15.55 -40.85 -17.29
N THR J 159 -16.10 -41.77 -16.49
CA THR J 159 -17.10 -41.40 -15.51
C THR J 159 -16.78 -41.88 -14.09
N ASP J 160 -17.53 -41.37 -13.12
CA ASP J 160 -17.38 -41.77 -11.74
C ASP J 160 -17.66 -43.27 -11.65
N LYS J 161 -16.96 -43.97 -10.78
CA LYS J 161 -17.21 -45.41 -10.64
C LYS J 161 -18.69 -45.68 -10.34
N ASP J 162 -19.41 -44.63 -9.92
CA ASP J 162 -20.84 -44.75 -9.66
C ASP J 162 -21.66 -44.09 -10.76
N LEU J 163 -22.70 -44.78 -11.25
CA LEU J 163 -23.49 -44.25 -12.36
C LEU J 163 -24.79 -44.97 -12.79
N VAL J 164 -25.71 -44.15 -13.29
CA VAL J 164 -26.96 -44.59 -13.87
C VAL J 164 -26.70 -45.33 -15.17
N VAL J 165 -25.42 -45.48 -15.49
CA VAL J 165 -24.99 -46.05 -16.76
C VAL J 165 -25.63 -47.40 -17.11
N PRO J 166 -26.37 -47.45 -18.24
CA PRO J 166 -26.98 -48.71 -18.72
C PRO J 166 -25.88 -49.68 -19.09
N GLU J 167 -26.17 -50.97 -19.01
CA GLU J 167 -25.13 -51.97 -19.18
C GLU J 167 -24.41 -51.83 -20.52
N LYS J 168 -25.18 -51.63 -21.58
CA LYS J 168 -24.64 -51.65 -22.94
C LYS J 168 -23.61 -50.58 -23.25
N TRP J 169 -23.70 -49.45 -22.56
CA TRP J 169 -22.80 -48.34 -22.80
C TRP J 169 -21.35 -48.65 -22.47
N GLU J 170 -21.12 -49.58 -21.55
CA GLU J 170 -19.74 -49.88 -21.15
C GLU J 170 -19.18 -51.06 -21.92
N GLU J 171 -17.92 -50.92 -22.33
CA GLU J 171 -17.22 -51.96 -23.08
C GLU J 171 -17.57 -52.00 -24.58
N SER J 172 -18.75 -52.50 -24.93
CA SER J 172 -19.16 -52.58 -26.33
C SER J 172 -19.50 -51.22 -26.94
N GLY J 173 -20.32 -50.45 -26.22
CA GLY J 173 -20.68 -49.11 -26.64
C GLY J 173 -21.49 -49.09 -27.92
N PRO J 174 -22.13 -47.95 -28.24
CA PRO J 174 -22.90 -47.83 -29.48
C PRO J 174 -21.96 -47.42 -30.57
N GLN J 175 -22.20 -47.84 -31.79
CA GLN J 175 -21.28 -47.53 -32.88
C GLN J 175 -21.97 -47.49 -34.23
N PHE J 176 -21.27 -46.99 -35.24
CA PHE J 176 -21.77 -47.03 -36.61
C PHE J 176 -20.66 -47.25 -37.63
N ILE J 177 -21.05 -47.74 -38.80
CA ILE J 177 -20.12 -48.10 -39.86
C ILE J 177 -20.39 -47.29 -41.12
N THR J 178 -19.35 -47.02 -41.90
CA THR J 178 -19.51 -46.43 -43.21
C THR J 178 -18.52 -47.03 -44.19
N ASN J 179 -18.96 -48.02 -44.95
CA ASN J 179 -18.12 -48.68 -45.94
C ASN J 179 -18.05 -47.86 -47.22
N SER J 180 -18.87 -46.82 -47.29
CA SER J 180 -18.86 -45.95 -48.47
C SER J 180 -17.53 -45.21 -48.60
N GLU J 181 -16.99 -45.23 -49.82
CA GLU J 181 -15.74 -44.58 -50.15
C GLU J 181 -15.87 -43.08 -49.88
N GLU J 182 -14.77 -42.36 -50.11
CA GLU J 182 -14.76 -40.90 -50.00
C GLU J 182 -14.65 -40.42 -48.55
N VAL J 183 -14.70 -41.36 -47.62
CA VAL J 183 -14.64 -41.04 -46.20
C VAL J 183 -13.60 -41.88 -45.45
N ARG J 184 -12.64 -41.21 -44.82
CA ARG J 184 -11.62 -41.90 -44.02
C ARG J 184 -12.22 -42.75 -42.92
N LEU J 185 -13.18 -42.19 -42.21
CA LEU J 185 -13.84 -42.88 -41.11
C LEU J 185 -14.50 -44.18 -41.58
N ARG J 186 -14.36 -45.24 -40.79
CA ARG J 186 -14.96 -46.51 -41.14
C ARG J 186 -15.85 -47.02 -40.02
N SER J 187 -15.43 -46.79 -38.79
CA SER J 187 -16.23 -47.15 -37.62
C SER J 187 -16.06 -46.12 -36.52
N PHE J 188 -17.17 -45.67 -35.98
CA PHE J 188 -17.15 -44.73 -34.88
C PHE J 188 -17.89 -45.41 -33.73
N THR J 189 -17.19 -45.57 -32.60
CA THR J 189 -17.77 -46.30 -31.48
C THR J 189 -17.48 -45.61 -30.16
N THR J 190 -18.51 -45.48 -29.32
CA THR J 190 -18.36 -44.88 -28.01
C THR J 190 -18.39 -45.95 -26.93
N THR J 191 -17.73 -45.66 -25.80
CA THR J 191 -17.59 -46.62 -24.71
C THR J 191 -17.33 -45.88 -23.41
N ILE J 192 -17.98 -46.31 -22.33
CA ILE J 192 -17.79 -45.68 -21.04
C ILE J 192 -16.77 -46.39 -20.17
N HIS J 193 -15.84 -45.62 -19.61
CA HIS J 193 -14.82 -46.17 -18.71
C HIS J 193 -14.92 -45.54 -17.33
N LYS J 194 -15.52 -46.27 -16.41
CA LYS J 194 -15.70 -45.76 -15.06
C LYS J 194 -14.40 -45.86 -14.30
N VAL J 195 -13.89 -44.72 -13.84
CA VAL J 195 -12.69 -44.74 -13.01
C VAL J 195 -12.75 -43.76 -11.83
N ASN J 196 -12.80 -44.33 -10.64
CA ASN J 196 -12.72 -43.56 -9.40
C ASN J 196 -13.71 -42.42 -9.30
N SER J 197 -13.45 -41.54 -8.34
CA SER J 197 -14.33 -40.43 -8.02
C SER J 197 -13.52 -39.47 -7.18
N MET J 198 -13.88 -38.19 -7.23
CA MET J 198 -13.12 -37.18 -6.51
C MET J 198 -13.98 -36.32 -5.61
N VAL J 199 -13.42 -35.96 -4.46
CA VAL J 199 -14.11 -35.07 -3.52
C VAL J 199 -13.22 -33.93 -3.05
N ALA J 200 -13.66 -32.70 -3.30
CA ALA J 200 -12.92 -31.52 -2.91
C ALA J 200 -13.21 -31.13 -1.46
N TYR J 201 -12.16 -30.91 -0.68
CA TYR J 201 -12.27 -30.54 0.73
C TYR J 201 -11.54 -29.23 1.06
N LYS J 202 -11.83 -28.65 2.22
CA LYS J 202 -11.10 -27.48 2.73
C LYS J 202 -10.44 -27.80 4.08
N ILE J 203 -9.85 -26.79 4.70
CA ILE J 203 -9.27 -26.92 6.04
C ILE J 203 -9.35 -25.63 6.88
N PRO J 204 -10.52 -24.99 6.95
CA PRO J 204 -10.56 -23.82 7.85
C PRO J 204 -10.14 -24.21 9.26
N VAL J 205 -9.34 -23.39 9.93
CA VAL J 205 -8.92 -23.67 11.30
C VAL J 205 -9.23 -22.54 12.25
N SER K 12 -34.83 6.48 51.90
CA SER K 12 -35.09 5.10 52.28
C SER K 12 -34.40 4.11 51.34
N ILE K 13 -33.96 2.98 51.90
CA ILE K 13 -33.22 1.97 51.13
C ILE K 13 -33.57 0.55 51.54
N THR K 14 -33.49 -0.36 50.58
CA THR K 14 -33.95 -1.74 50.77
C THR K 14 -32.86 -2.76 50.49
N LEU K 15 -33.10 -4.00 50.94
CA LEU K 15 -32.21 -5.12 50.64
C LEU K 15 -32.08 -5.27 49.13
N ARG K 16 -33.14 -4.92 48.43
CA ARG K 16 -33.15 -4.83 46.98
C ARG K 16 -31.84 -4.23 46.48
N GLY K 17 -31.44 -3.12 47.09
CA GLY K 17 -30.30 -2.34 46.63
C GLY K 17 -29.11 -2.30 47.57
N SER K 18 -29.35 -2.37 48.87
CA SER K 18 -28.25 -2.38 49.82
C SER K 18 -27.32 -3.52 49.53
N ALA K 19 -27.84 -4.58 48.92
CA ALA K 19 -27.00 -5.67 48.46
C ALA K 19 -26.08 -5.14 47.36
N GLU K 20 -26.66 -4.35 46.46
CA GLU K 20 -25.90 -3.78 45.36
C GLU K 20 -24.86 -2.77 45.83
N ILE K 21 -25.28 -1.77 46.61
CA ILE K 21 -24.38 -0.73 47.07
C ILE K 21 -23.05 -1.28 47.56
N VAL K 22 -23.13 -2.31 48.40
CA VAL K 22 -21.93 -2.95 48.95
C VAL K 22 -21.15 -3.69 47.86
N ALA K 23 -21.83 -4.41 46.99
CA ALA K 23 -21.16 -5.01 45.83
C ALA K 23 -20.40 -3.94 45.03
N GLU K 24 -21.08 -2.84 44.72
CA GLU K 24 -20.47 -1.73 44.00
C GLU K 24 -19.18 -1.33 44.68
N PHE K 25 -19.25 -1.15 45.99
CA PHE K 25 -18.10 -0.74 46.77
C PHE K 25 -16.91 -1.66 46.55
N PHE K 26 -17.15 -2.96 46.61
CA PHE K 26 -16.06 -3.90 46.45
C PHE K 26 -15.45 -3.83 45.07
N SER K 27 -16.24 -3.48 44.07
CA SER K 27 -15.68 -3.32 42.74
C SER K 27 -14.64 -2.20 42.77
N PHE K 28 -15.07 -0.99 43.11
CA PHE K 28 -14.17 0.17 43.14
C PHE K 28 -13.03 0.02 44.13
N GLY K 29 -13.33 -0.54 45.30
CA GLY K 29 -12.33 -0.75 46.32
C GLY K 29 -11.21 -1.66 45.84
N ILE K 30 -11.58 -2.84 45.37
CA ILE K 30 -10.61 -3.80 44.85
C ILE K 30 -9.82 -3.22 43.68
N ASN K 31 -10.49 -2.44 42.84
CA ASN K 31 -9.79 -1.74 41.78
C ASN K 31 -8.80 -0.76 42.38
N SER K 32 -9.32 0.17 43.19
CA SER K 32 -8.48 1.18 43.79
C SER K 32 -7.37 0.59 44.66
N ILE K 33 -7.58 -0.63 45.18
CA ILE K 33 -6.52 -1.31 45.91
C ILE K 33 -5.45 -1.79 44.95
N LEU K 34 -5.87 -2.55 43.93
CA LEU K 34 -4.95 -3.03 42.92
C LEU K 34 -4.14 -1.92 42.26
N TYR K 35 -4.80 -0.80 41.98
CA TYR K 35 -4.11 0.33 41.36
C TYR K 35 -3.15 1.01 42.32
N GLN K 36 -3.63 1.31 43.52
CA GLN K 36 -2.81 2.00 44.51
C GLN K 36 -1.68 1.13 45.06
N ARG K 37 -1.52 -0.08 44.55
CA ARG K 37 -0.54 -0.99 45.13
C ARG K 37 0.60 -1.38 44.20
N GLY K 38 0.31 -1.43 42.90
CA GLY K 38 1.33 -1.81 41.94
C GLY K 38 1.13 -3.26 41.55
N ILE K 39 -0.08 -3.74 41.80
CA ILE K 39 -0.47 -5.07 41.39
C ILE K 39 -0.46 -5.18 39.87
N TYR K 40 -1.17 -4.26 39.24
CA TYR K 40 -1.17 -4.14 37.79
C TYR K 40 -0.57 -2.80 37.40
N PRO K 41 0.03 -2.73 36.21
CA PRO K 41 0.66 -1.53 35.68
C PRO K 41 -0.25 -0.32 35.78
N SER K 42 0.33 0.86 35.89
CA SER K 42 -0.43 2.09 36.09
C SER K 42 -1.29 2.45 34.89
N GLU K 43 -0.84 2.07 33.69
CA GLU K 43 -1.58 2.42 32.49
C GLU K 43 -2.70 1.43 32.20
N THR K 44 -2.72 0.35 32.97
CA THR K 44 -3.79 -0.63 32.88
C THR K 44 -5.16 -0.01 33.12
N PHE K 45 -5.20 1.02 33.96
CA PHE K 45 -6.46 1.54 34.48
C PHE K 45 -6.90 2.83 33.81
N THR K 46 -8.20 3.13 33.91
CA THR K 46 -8.71 4.38 33.37
C THR K 46 -9.32 5.22 34.48
N ARG K 47 -9.32 6.52 34.25
CA ARG K 47 -9.74 7.51 35.22
C ARG K 47 -11.25 7.72 35.14
N VAL K 48 -11.95 7.52 36.26
CA VAL K 48 -13.41 7.61 36.28
C VAL K 48 -13.93 8.31 37.53
N GLN K 49 -15.19 8.75 37.47
CA GLN K 49 -15.80 9.42 38.61
C GLN K 49 -16.77 8.51 39.34
N LYS K 50 -16.56 8.33 40.64
CA LYS K 50 -17.60 7.74 41.48
C LYS K 50 -17.41 8.11 42.94
N TYR K 51 -18.53 8.16 43.66
CA TYR K 51 -18.51 8.50 45.06
C TYR K 51 -18.03 9.93 45.23
N GLY K 52 -17.84 10.63 44.11
CA GLY K 52 -17.42 12.01 44.18
C GLY K 52 -15.91 12.15 44.23
N LEU K 53 -15.21 11.04 44.07
CA LEU K 53 -13.77 11.11 43.90
C LEU K 53 -13.44 10.75 42.46
N THR K 54 -12.15 10.60 42.21
CA THR K 54 -11.69 10.10 40.94
C THR K 54 -10.92 8.84 41.25
N LEU K 55 -11.51 7.69 40.94
CA LEU K 55 -10.84 6.42 41.19
C LEU K 55 -10.40 5.84 39.86
N LEU K 56 -9.62 4.79 39.90
CA LEU K 56 -9.24 4.11 38.66
C LEU K 56 -9.75 2.68 38.64
N VAL K 57 -10.39 2.32 37.53
CA VAL K 57 -10.81 0.96 37.31
C VAL K 57 -9.95 0.39 36.21
N THR K 58 -9.86 -0.93 36.16
CA THR K 58 -8.93 -1.57 35.23
C THR K 58 -9.49 -1.68 33.82
N THR K 59 -8.59 -1.93 32.85
CA THR K 59 -8.99 -2.05 31.46
C THR K 59 -8.78 -3.46 30.97
N ASP K 60 -7.80 -4.15 31.52
CA ASP K 60 -7.50 -5.53 31.15
C ASP K 60 -8.78 -6.35 31.07
N LEU K 61 -9.08 -6.90 29.91
CA LEU K 61 -10.31 -7.66 29.73
C LEU K 61 -10.40 -8.85 30.70
N GLU K 62 -9.27 -9.54 30.89
CA GLU K 62 -9.22 -10.67 31.80
C GLU K 62 -9.69 -10.29 33.20
N LEU K 63 -9.12 -9.20 33.73
CA LEU K 63 -9.45 -8.74 35.07
C LEU K 63 -10.88 -8.18 35.17
N ILE K 64 -11.40 -7.65 34.06
CA ILE K 64 -12.76 -7.15 34.09
C ILE K 64 -13.74 -8.31 34.18
N LYS K 65 -13.61 -9.29 33.28
CA LYS K 65 -14.46 -10.49 33.31
C LYS K 65 -14.41 -11.15 34.70
N TYR K 66 -13.20 -11.22 35.26
CA TYR K 66 -12.99 -11.76 36.59
C TYR K 66 -13.85 -11.02 37.62
N LEU K 67 -13.65 -9.71 37.75
CA LEU K 67 -14.34 -8.93 38.77
C LEU K 67 -15.85 -8.90 38.58
N ASN K 68 -16.30 -8.81 37.34
CA ASN K 68 -17.73 -8.87 37.07
C ASN K 68 -18.36 -10.09 37.71
N ASN K 69 -17.64 -11.21 37.66
CA ASN K 69 -18.12 -12.45 38.27
C ASN K 69 -18.21 -12.37 39.79
N VAL K 70 -17.19 -11.80 40.42
CA VAL K 70 -17.14 -11.68 41.88
C VAL K 70 -18.11 -10.63 42.39
N VAL K 71 -18.14 -9.48 41.73
CA VAL K 71 -19.09 -8.43 42.09
C VAL K 71 -20.50 -8.98 41.97
N GLU K 72 -20.72 -9.78 40.93
CA GLU K 72 -22.04 -10.38 40.68
C GLU K 72 -22.35 -11.42 41.75
N GLN K 73 -21.43 -12.34 41.97
CA GLN K 73 -21.66 -13.42 42.93
C GLN K 73 -21.90 -12.88 44.34
N LEU K 74 -21.27 -11.75 44.65
CA LEU K 74 -21.43 -11.11 45.95
C LEU K 74 -22.81 -10.48 46.08
N LYS K 75 -23.22 -9.78 45.04
CA LYS K 75 -24.54 -9.20 44.99
C LYS K 75 -25.55 -10.27 45.41
N ASP K 76 -25.40 -11.47 44.86
CA ASP K 76 -26.26 -12.60 45.21
C ASP K 76 -26.22 -12.91 46.70
N TRP K 77 -25.04 -13.31 47.18
CA TRP K 77 -24.89 -13.77 48.56
C TRP K 77 -25.19 -12.72 49.60
N LEU K 78 -24.99 -11.45 49.26
CA LEU K 78 -25.30 -10.36 50.18
C LEU K 78 -26.81 -10.31 50.45
N TYR K 79 -27.58 -10.46 49.39
CA TYR K 79 -29.04 -10.51 49.49
C TYR K 79 -29.42 -11.52 50.56
N LYS K 80 -28.75 -12.67 50.53
CA LYS K 80 -29.06 -13.78 51.43
C LYS K 80 -28.36 -13.69 52.78
N CYS K 81 -27.32 -12.88 52.85
CA CYS K 81 -26.51 -12.76 54.06
C CYS K 81 -25.71 -14.03 54.32
N SER K 82 -24.95 -14.45 53.31
CA SER K 82 -24.16 -15.66 53.41
C SER K 82 -22.71 -15.33 53.69
N VAL K 83 -22.27 -14.21 53.14
CA VAL K 83 -20.86 -13.81 53.17
C VAL K 83 -20.55 -12.75 54.23
N GLN K 84 -19.55 -13.02 55.07
CA GLN K 84 -19.18 -12.10 56.13
C GLN K 84 -17.79 -11.51 55.95
N LYS K 85 -16.91 -12.24 55.27
CA LYS K 85 -15.56 -11.75 55.01
C LYS K 85 -15.15 -11.76 53.54
N LEU K 86 -14.54 -10.68 53.09
CA LEU K 86 -13.92 -10.59 51.77
C LEU K 86 -12.49 -10.11 51.97
N VAL K 87 -11.51 -10.89 51.49
CA VAL K 87 -10.12 -10.55 51.73
C VAL K 87 -9.34 -10.46 50.45
N VAL K 88 -8.52 -9.43 50.35
CA VAL K 88 -7.61 -9.27 49.21
C VAL K 88 -6.21 -9.64 49.64
N VAL K 89 -5.73 -10.79 49.19
CA VAL K 89 -4.42 -11.26 49.60
C VAL K 89 -3.36 -10.94 48.57
N ILE K 90 -2.45 -10.07 48.96
CA ILE K 90 -1.36 -9.66 48.09
C ILE K 90 -0.10 -10.46 48.38
N SER K 91 0.20 -11.39 47.49
CA SER K 91 1.31 -12.32 47.69
C SER K 91 2.41 -12.19 46.62
N ASN K 92 3.66 -12.30 47.08
CA ASN K 92 4.82 -12.35 46.21
C ASN K 92 4.75 -13.58 45.31
N ILE K 93 4.46 -13.38 44.03
CA ILE K 93 4.26 -14.51 43.11
C ILE K 93 5.53 -15.35 42.93
N GLU K 94 6.68 -14.77 43.23
CA GLU K 94 7.96 -15.46 43.11
C GLU K 94 8.07 -16.58 44.13
N SER K 95 7.62 -16.32 45.35
CA SER K 95 7.77 -17.26 46.46
C SER K 95 6.45 -17.90 46.91
N GLY K 96 5.39 -17.11 46.92
CA GLY K 96 4.10 -17.55 47.41
C GLY K 96 3.78 -16.82 48.70
N GLU K 97 4.82 -16.34 49.37
CA GLU K 97 4.71 -15.61 50.63
C GLU K 97 3.67 -14.48 50.60
N VAL K 98 3.07 -14.18 51.75
CA VAL K 98 2.08 -13.12 51.85
C VAL K 98 2.68 -11.82 52.37
N LEU K 99 2.36 -10.71 51.70
CA LEU K 99 3.00 -9.44 52.01
C LEU K 99 2.00 -8.40 52.49
N GLU K 100 0.78 -8.50 52.01
CA GLU K 100 -0.23 -7.51 52.31
C GLU K 100 -1.57 -8.20 52.29
N ARG K 101 -2.51 -7.70 53.08
CA ARG K 101 -3.76 -8.38 53.28
C ARG K 101 -4.86 -7.41 53.69
N TRP K 102 -5.71 -7.06 52.72
CA TRP K 102 -6.83 -6.19 52.99
C TRP K 102 -8.04 -7.04 53.37
N GLN K 103 -8.70 -6.68 54.48
CA GLN K 103 -9.73 -7.55 55.04
C GLN K 103 -11.02 -6.81 55.37
N PHE K 104 -12.08 -7.18 54.67
CA PHE K 104 -13.37 -6.54 54.85
C PHE K 104 -14.38 -7.41 55.59
N ASP K 105 -14.70 -7.01 56.82
CA ASP K 105 -15.72 -7.68 57.61
C ASP K 105 -17.10 -7.12 57.26
N ILE K 106 -18.09 -8.00 57.19
CA ILE K 106 -19.43 -7.62 56.74
C ILE K 106 -20.53 -8.00 57.72
N GLU K 107 -20.78 -7.14 58.71
CA GLU K 107 -21.88 -7.35 59.63
C GLU K 107 -23.20 -7.17 58.89
N CYS K 108 -24.04 -8.19 58.92
CA CYS K 108 -25.27 -8.22 58.14
C CYS K 108 -26.49 -8.34 59.04
N ASP K 109 -27.55 -7.62 58.70
CA ASP K 109 -28.80 -7.63 59.49
C ASP K 109 -29.82 -8.60 58.89
N LYS K 110 -29.79 -9.85 59.34
CA LYS K 110 -30.67 -10.90 58.79
C LYS K 110 -32.14 -10.49 58.79
N THR K 111 -32.59 -9.85 59.86
CA THR K 111 -33.97 -9.38 59.95
C THR K 111 -34.19 -8.13 59.11
N ALA K 112 -34.15 -8.30 57.79
CA ALA K 112 -34.37 -7.20 56.85
C ALA K 112 -35.13 -7.71 55.64
N ARG K 119 -35.73 1.02 54.94
CA ARG K 119 -34.88 1.76 55.89
C ARG K 119 -34.71 3.21 55.47
N GLU K 120 -34.76 4.11 56.44
CA GLU K 120 -34.53 5.53 56.17
C GLU K 120 -33.06 5.90 56.22
N LYS K 121 -32.49 6.23 55.08
CA LYS K 121 -31.12 6.70 54.99
C LYS K 121 -30.77 7.10 53.55
N SER K 122 -30.48 8.38 53.35
CA SER K 122 -30.27 8.93 52.01
C SER K 122 -29.10 8.28 51.27
N GLN K 123 -29.19 8.27 49.95
CA GLN K 123 -28.09 7.82 49.11
C GLN K 123 -26.83 8.60 49.50
N LYS K 124 -27.00 9.92 49.61
CA LYS K 124 -25.93 10.82 50.01
C LYS K 124 -25.19 10.31 51.24
N ALA K 125 -25.93 10.00 52.29
CA ALA K 125 -25.33 9.47 53.51
C ALA K 125 -24.32 8.39 53.16
N ILE K 126 -24.83 7.26 52.67
CA ILE K 126 -24.02 6.09 52.37
C ILE K 126 -22.92 6.37 51.35
N GLN K 127 -23.25 7.08 50.28
CA GLN K 127 -22.27 7.38 49.26
C GLN K 127 -21.19 8.29 49.84
N ASP K 128 -21.39 8.72 51.08
CA ASP K 128 -20.48 9.66 51.71
C ASP K 128 -19.62 8.99 52.75
N GLU K 129 -20.21 8.07 53.50
CA GLU K 129 -19.41 7.31 54.43
C GLU K 129 -18.31 6.63 53.65
N ILE K 130 -18.65 6.19 52.44
CA ILE K 130 -17.70 5.48 51.57
C ILE K 130 -16.63 6.43 51.06
N ARG K 131 -17.07 7.58 50.58
CA ARG K 131 -16.14 8.59 50.10
C ARG K 131 -15.02 8.74 51.11
N SER K 132 -15.36 8.65 52.39
CA SER K 132 -14.37 8.77 53.46
C SER K 132 -13.55 7.51 53.69
N VAL K 133 -14.16 6.34 53.56
CA VAL K 133 -13.38 5.11 53.60
C VAL K 133 -12.36 5.09 52.45
N ILE K 134 -12.84 5.10 51.22
CA ILE K 134 -11.96 5.10 50.04
C ILE K 134 -10.87 6.15 50.20
N ARG K 135 -11.29 7.33 50.65
CA ARG K 135 -10.38 8.45 50.86
C ARG K 135 -9.25 8.06 51.79
N GLN K 136 -9.58 7.33 52.84
CA GLN K 136 -8.61 6.92 53.84
C GLN K 136 -7.64 5.88 53.27
N ILE K 137 -8.20 4.88 52.59
CA ILE K 137 -7.41 3.85 51.94
C ILE K 137 -6.37 4.48 51.03
N THR K 138 -6.68 5.66 50.50
CA THR K 138 -5.79 6.38 49.61
C THR K 138 -4.61 6.99 50.36
N ALA K 139 -4.89 7.53 51.56
CA ALA K 139 -3.89 8.23 52.37
C ALA K 139 -3.03 7.21 53.06
N THR K 140 -3.46 5.97 52.97
CA THR K 140 -2.74 4.84 53.54
C THR K 140 -1.39 4.66 52.84
N VAL K 141 -1.26 5.26 51.68
CA VAL K 141 -0.13 5.04 50.79
C VAL K 141 1.21 5.40 51.40
N THR K 142 1.23 6.41 52.27
CA THR K 142 2.47 6.79 52.93
C THR K 142 3.13 5.67 53.74
N PHE K 143 2.36 5.09 54.67
CA PHE K 143 2.93 4.21 55.69
C PHE K 143 3.00 2.73 55.30
N LEU K 144 2.28 2.36 54.24
CA LEU K 144 2.40 1.00 53.75
C LEU K 144 3.78 0.79 53.14
N PRO K 145 4.38 -0.37 53.40
CA PRO K 145 5.69 -0.67 52.81
C PRO K 145 5.49 -0.85 51.33
N LEU K 146 6.53 -0.65 50.52
CA LEU K 146 6.37 -0.79 49.07
C LEU K 146 6.72 -2.17 48.50
N LEU K 147 5.79 -2.70 47.71
CA LEU K 147 5.96 -4.00 47.11
C LEU K 147 6.80 -3.83 45.87
N GLU K 148 8.01 -4.36 45.87
CA GLU K 148 8.87 -4.19 44.71
C GLU K 148 9.21 -5.51 44.03
N VAL K 149 8.80 -6.61 44.64
CA VAL K 149 8.87 -7.90 43.98
C VAL K 149 7.56 -8.15 43.22
N SER K 150 7.63 -8.93 42.15
CA SER K 150 6.44 -9.20 41.34
C SER K 150 5.36 -9.86 42.18
N CYS K 151 4.23 -9.19 42.34
CA CYS K 151 3.17 -9.72 43.20
C CYS K 151 1.88 -9.94 42.45
N SER K 152 1.16 -10.99 42.85
CA SER K 152 -0.17 -11.26 42.32
C SER K 152 -1.15 -11.24 43.48
N PHE K 153 -2.41 -10.98 43.19
CA PHE K 153 -3.40 -10.92 44.26
C PHE K 153 -4.34 -12.09 44.18
N ASP K 154 -5.22 -12.19 45.16
CA ASP K 154 -6.21 -13.25 45.17
C ASP K 154 -7.29 -12.88 46.17
N LEU K 155 -8.53 -13.18 45.83
CA LEU K 155 -9.65 -12.92 46.73
C LEU K 155 -9.97 -14.10 47.66
N LEU K 156 -10.42 -13.79 48.88
CA LEU K 156 -11.01 -14.80 49.76
C LEU K 156 -12.45 -14.40 50.06
N ILE K 157 -13.34 -15.38 50.06
CA ILE K 157 -14.70 -15.15 50.53
C ILE K 157 -15.01 -16.09 51.68
N TYR K 158 -15.45 -15.52 52.79
CA TYR K 158 -15.88 -16.32 53.93
C TYR K 158 -17.40 -16.45 53.90
N THR K 159 -17.90 -17.66 54.08
CA THR K 159 -19.33 -17.90 54.01
C THR K 159 -19.74 -19.12 54.84
N ASP K 160 -21.04 -19.38 54.92
CA ASP K 160 -21.57 -20.49 55.70
C ASP K 160 -21.33 -21.84 55.02
N LYS K 161 -21.11 -22.87 55.83
CA LYS K 161 -21.06 -24.24 55.31
C LYS K 161 -22.43 -24.54 54.69
N ASP K 162 -23.43 -23.83 55.18
CA ASP K 162 -24.81 -24.03 54.76
C ASP K 162 -25.11 -23.29 53.47
N LEU K 163 -24.13 -23.24 52.57
CA LEU K 163 -24.34 -22.58 51.29
C LEU K 163 -23.76 -23.38 50.13
N VAL K 164 -24.43 -23.27 48.99
CA VAL K 164 -24.00 -23.93 47.76
C VAL K 164 -23.17 -22.98 46.92
N VAL K 165 -21.92 -23.36 46.69
CA VAL K 165 -21.00 -22.51 45.96
C VAL K 165 -20.64 -23.16 44.64
N PRO K 166 -20.74 -22.41 43.54
CA PRO K 166 -20.39 -22.88 42.20
C PRO K 166 -19.10 -23.72 42.17
N GLU K 167 -19.01 -24.65 41.23
CA GLU K 167 -17.97 -25.68 41.25
C GLU K 167 -16.53 -25.17 41.23
N LYS K 168 -16.29 -24.04 40.57
CA LYS K 168 -14.92 -23.55 40.40
C LYS K 168 -14.21 -23.22 41.72
N TRP K 169 -14.89 -22.54 42.65
CA TRP K 169 -14.29 -22.20 43.94
C TRP K 169 -13.81 -23.45 44.66
N GLU K 170 -12.92 -23.27 45.64
CA GLU K 170 -12.52 -24.38 46.51
C GLU K 170 -11.93 -23.89 47.82
N GLU K 171 -12.11 -24.69 48.87
CA GLU K 171 -11.61 -24.35 50.20
C GLU K 171 -10.15 -23.90 50.14
N SER K 172 -9.80 -22.90 50.95
CA SER K 172 -8.43 -22.44 51.00
C SER K 172 -8.00 -21.89 52.36
N GLY K 173 -6.74 -22.13 52.71
CA GLY K 173 -6.17 -21.64 53.94
C GLY K 173 -6.33 -20.14 53.99
N PRO K 174 -6.38 -19.58 55.20
CA PRO K 174 -6.56 -18.14 55.49
C PRO K 174 -5.42 -17.25 54.99
N GLN K 175 -4.19 -17.76 55.04
CA GLN K 175 -3.02 -17.06 54.52
C GLN K 175 -2.81 -15.75 55.24
N PHE K 176 -2.60 -15.82 56.54
CA PHE K 176 -2.29 -14.62 57.30
C PHE K 176 -0.83 -14.33 57.11
N ILE K 177 -0.40 -13.17 57.58
CA ILE K 177 0.99 -12.78 57.38
C ILE K 177 1.87 -13.23 58.53
N THR K 178 2.90 -13.99 58.17
CA THR K 178 3.90 -14.47 59.12
C THR K 178 4.12 -13.48 60.25
N ASN K 179 4.80 -12.38 59.96
CA ASN K 179 5.01 -11.36 60.97
C ASN K 179 4.34 -10.07 60.56
N SER K 180 3.26 -9.71 61.23
CA SER K 180 2.37 -8.67 60.69
C SER K 180 2.12 -7.46 61.58
N GLU K 181 1.48 -6.46 60.97
CA GLU K 181 1.09 -5.26 61.65
C GLU K 181 -0.18 -4.79 60.97
N GLU K 182 -1.27 -4.68 61.72
CA GLU K 182 -2.53 -4.25 61.13
C GLU K 182 -2.85 -2.81 61.51
N VAL K 183 -3.77 -2.21 60.76
CA VAL K 183 -4.28 -0.86 61.05
C VAL K 183 -5.75 -0.76 60.70
N ARG K 184 -6.59 -0.54 61.69
CA ARG K 184 -8.03 -0.61 61.49
C ARG K 184 -8.57 0.69 60.93
N LEU K 185 -9.51 0.59 59.98
CA LEU K 185 -10.00 1.75 59.20
C LEU K 185 -11.47 2.06 59.44
N ARG K 186 -11.96 3.14 58.84
CA ARG K 186 -13.35 3.51 58.97
C ARG K 186 -14.29 2.45 58.44
N SER K 187 -15.56 2.56 58.82
CA SER K 187 -16.54 1.53 58.51
C SER K 187 -17.91 2.10 58.12
N PHE K 188 -18.23 2.03 56.84
CA PHE K 188 -19.50 2.54 56.36
C PHE K 188 -20.60 1.52 56.55
N THR K 189 -21.85 1.97 56.47
CA THR K 189 -22.99 1.11 56.75
C THR K 189 -24.30 1.58 56.13
N THR K 190 -25.03 0.66 55.52
CA THR K 190 -26.31 0.95 54.88
C THR K 190 -27.46 0.66 55.83
N THR K 191 -27.13 0.40 57.08
CA THR K 191 -28.09 -0.04 58.10
C THR K 191 -28.58 -1.47 57.87
N ILE K 192 -28.30 -2.01 56.69
CA ILE K 192 -28.56 -3.43 56.43
C ILE K 192 -27.24 -4.18 56.30
N HIS K 193 -26.21 -3.44 55.86
CA HIS K 193 -24.85 -3.99 55.77
C HIS K 193 -23.84 -3.00 56.36
N LYS K 194 -23.06 -3.46 57.34
CA LYS K 194 -21.92 -2.68 57.80
C LYS K 194 -20.65 -3.33 57.26
N VAL K 195 -19.69 -2.51 56.84
CA VAL K 195 -18.43 -3.03 56.29
C VAL K 195 -17.21 -2.47 56.99
N ASN K 196 -16.63 -3.26 57.90
CA ASN K 196 -15.38 -2.90 58.55
C ASN K 196 -14.20 -3.23 57.66
N SER K 197 -13.32 -2.26 57.46
CA SER K 197 -12.19 -2.45 56.58
C SER K 197 -10.91 -2.23 57.38
N MET K 198 -9.95 -3.12 57.22
CA MET K 198 -8.66 -2.96 57.89
C MET K 198 -7.54 -3.63 57.11
N VAL K 199 -6.43 -2.93 56.99
CA VAL K 199 -5.31 -3.43 56.22
C VAL K 199 -4.29 -4.09 57.14
N ALA K 200 -3.44 -4.93 56.57
CA ALA K 200 -2.42 -5.63 57.34
C ALA K 200 -1.18 -5.85 56.50
N TYR K 201 -0.05 -5.28 56.93
CA TYR K 201 1.16 -5.33 56.13
C TYR K 201 2.28 -6.09 56.81
N LYS K 202 3.32 -6.44 56.05
CA LYS K 202 4.46 -7.18 56.60
C LYS K 202 5.50 -6.25 57.23
N ILE K 203 5.82 -6.50 58.49
CA ILE K 203 6.80 -5.70 59.20
C ILE K 203 8.18 -5.92 58.61
N PRO K 204 8.78 -4.85 58.09
CA PRO K 204 10.09 -4.87 57.42
C PRO K 204 11.10 -5.78 58.12
N VAL K 205 11.50 -6.83 57.40
CA VAL K 205 12.51 -7.77 57.86
C VAL K 205 13.88 -7.32 57.41
N GLY L 11 -5.52 10.51 72.88
CA GLY L 11 -4.21 10.03 72.48
C GLY L 11 -3.52 10.97 71.50
N SER L 12 -2.25 11.26 71.74
CA SER L 12 -1.58 12.34 71.00
C SER L 12 -0.26 11.94 70.35
N ILE L 13 0.01 12.55 69.20
CA ILE L 13 1.13 12.17 68.34
C ILE L 13 2.44 12.84 68.74
N THR L 14 3.53 12.09 68.73
CA THR L 14 4.81 12.66 69.15
C THR L 14 5.76 12.98 68.00
N LEU L 15 6.10 14.26 67.86
CA LEU L 15 7.01 14.73 66.82
C LEU L 15 8.42 14.88 67.34
N ARG L 16 9.28 13.88 67.09
CA ARG L 16 10.66 13.97 67.55
C ARG L 16 11.63 14.33 66.44
N GLY L 17 12.54 15.24 66.75
CA GLY L 17 13.55 15.66 65.80
C GLY L 17 14.15 17.05 66.05
N SER L 18 15.02 17.48 65.14
CA SER L 18 15.56 18.84 65.16
C SER L 18 14.46 19.79 64.71
N ALA L 19 14.76 21.06 64.57
CA ALA L 19 13.71 22.01 64.20
C ALA L 19 13.39 22.07 62.70
N GLU L 20 14.41 22.21 61.87
CA GLU L 20 14.18 22.29 60.44
C GLU L 20 13.29 21.13 60.01
N ILE L 21 13.30 20.06 60.81
CA ILE L 21 12.55 18.84 60.50
C ILE L 21 11.16 18.83 61.13
N VAL L 22 11.09 19.04 62.44
CA VAL L 22 9.83 18.94 63.16
C VAL L 22 8.75 19.81 62.53
N ALA L 23 9.12 20.97 62.03
CA ALA L 23 8.19 21.79 61.27
C ALA L 23 7.65 20.99 60.08
N GLU L 24 8.57 20.50 59.24
CA GLU L 24 8.19 19.77 58.04
C GLU L 24 7.22 18.63 58.38
N PHE L 25 7.48 17.93 59.48
CA PHE L 25 6.59 16.88 59.96
C PHE L 25 5.21 17.43 60.23
N PHE L 26 5.14 18.44 61.08
CA PHE L 26 3.89 19.10 61.36
C PHE L 26 3.15 19.36 60.06
N SER L 27 3.81 20.00 59.10
CA SER L 27 3.19 20.28 57.82
C SER L 27 2.56 19.03 57.21
N PHE L 28 3.31 17.92 57.24
CA PHE L 28 2.81 16.68 56.67
C PHE L 28 1.58 16.16 57.39
N GLY L 29 1.57 16.29 58.70
CA GLY L 29 0.43 15.84 59.50
C GLY L 29 -0.80 16.70 59.35
N ILE L 30 -0.69 17.96 59.74
CA ILE L 30 -1.78 18.93 59.57
C ILE L 30 -2.34 18.84 58.15
N ASN L 31 -1.53 18.39 57.21
CA ASN L 31 -2.01 18.17 55.87
C ASN L 31 -2.88 16.94 55.80
N SER L 32 -2.35 15.80 56.22
CA SER L 32 -3.10 14.53 56.21
C SER L 32 -4.45 14.66 56.91
N ILE L 33 -4.47 15.40 58.02
CA ILE L 33 -5.70 15.64 58.74
C ILE L 33 -6.71 16.36 57.84
N LEU L 34 -6.24 17.41 57.16
CA LEU L 34 -7.08 18.17 56.24
C LEU L 34 -7.65 17.31 55.13
N TYR L 35 -6.90 16.28 54.73
CA TYR L 35 -7.35 15.41 53.67
C TYR L 35 -8.34 14.38 54.16
N GLN L 36 -7.93 13.61 55.16
CA GLN L 36 -8.75 12.51 55.62
C GLN L 36 -10.04 12.96 56.31
N ARG L 37 -10.06 14.20 56.78
CA ARG L 37 -11.27 14.72 57.42
C ARG L 37 -12.10 15.53 56.44
N GLY L 38 -11.70 15.54 55.17
CA GLY L 38 -12.45 16.25 54.15
C GLY L 38 -12.64 17.73 54.44
N ILE L 39 -11.80 18.28 55.32
CA ILE L 39 -11.81 19.72 55.56
C ILE L 39 -11.82 20.44 54.21
N TYR L 40 -10.77 20.24 53.41
CA TYR L 40 -10.77 20.63 52.01
C TYR L 40 -11.16 19.41 51.19
N PRO L 41 -11.54 19.63 49.94
CA PRO L 41 -11.93 18.55 49.01
C PRO L 41 -10.80 17.55 48.73
N SER L 42 -11.04 16.58 47.86
CA SER L 42 -10.00 15.63 47.50
C SER L 42 -9.10 16.19 46.42
N GLU L 43 -9.73 16.80 45.43
CA GLU L 43 -9.06 17.39 44.28
C GLU L 43 -8.22 18.59 44.69
N THR L 44 -8.38 19.03 45.94
CA THR L 44 -7.55 20.09 46.49
C THR L 44 -6.09 19.67 46.60
N PHE L 45 -5.88 18.38 46.87
CA PHE L 45 -4.56 17.86 47.23
C PHE L 45 -3.83 17.20 46.06
N THR L 46 -2.59 16.81 46.32
CA THR L 46 -1.83 16.03 45.36
C THR L 46 -0.77 15.21 46.06
N ARG L 47 -0.23 14.25 45.34
CA ARG L 47 0.83 13.43 45.88
C ARG L 47 2.14 14.06 45.49
N VAL L 48 3.05 14.13 46.45
CA VAL L 48 4.38 14.63 46.22
C VAL L 48 5.28 13.64 46.89
N GLN L 49 6.44 13.35 46.33
CA GLN L 49 7.29 12.44 47.08
C GLN L 49 8.50 13.13 47.66
N LYS L 50 8.80 12.84 48.92
CA LYS L 50 9.97 13.40 49.58
C LYS L 50 10.49 12.38 50.58
N TYR L 51 11.80 12.18 50.64
CA TYR L 51 12.37 11.17 51.53
C TYR L 51 11.96 9.78 51.06
N GLY L 52 11.70 9.65 49.76
CA GLY L 52 11.40 8.33 49.23
C GLY L 52 10.02 7.84 49.56
N LEU L 53 9.25 8.69 50.23
CA LEU L 53 7.87 8.38 50.54
C LEU L 53 6.93 9.17 49.65
N THR L 54 5.70 8.73 49.56
CA THR L 54 4.68 9.54 48.90
C THR L 54 3.89 10.24 49.99
N LEU L 55 3.54 11.50 49.77
CA LEU L 55 2.79 12.25 50.76
C LEU L 55 1.66 13.03 50.14
N LEU L 56 0.56 13.14 50.85
CA LEU L 56 -0.53 13.99 50.40
C LEU L 56 -0.36 15.36 51.02
N VAL L 57 -0.43 16.40 50.19
CA VAL L 57 -0.30 17.76 50.66
C VAL L 57 -1.26 18.60 49.87
N THR L 58 -1.67 19.73 50.44
CA THR L 58 -2.69 20.55 49.81
C THR L 58 -2.05 21.45 48.79
N THR L 59 -2.90 21.94 47.87
CA THR L 59 -2.46 22.81 46.80
C THR L 59 -3.36 24.05 46.66
N ASP L 60 -4.18 24.30 47.67
CA ASP L 60 -4.94 25.54 47.70
C ASP L 60 -4.00 26.64 48.13
N LEU L 61 -3.76 27.57 47.21
CA LEU L 61 -2.77 28.60 47.45
C LEU L 61 -3.01 29.35 48.77
N GLU L 62 -4.27 29.62 49.11
CA GLU L 62 -4.61 30.26 50.37
C GLU L 62 -3.81 29.58 51.47
N LEU L 63 -4.07 28.28 51.60
CA LEU L 63 -3.56 27.46 52.68
C LEU L 63 -2.05 27.49 52.73
N ILE L 64 -1.44 27.28 51.57
CA ILE L 64 0.00 27.20 51.48
C ILE L 64 0.64 28.47 52.03
N LYS L 65 0.17 29.63 51.55
CA LYS L 65 0.61 30.91 52.08
C LYS L 65 0.57 30.86 53.60
N TYR L 66 -0.62 30.56 54.13
CA TYR L 66 -0.83 30.59 55.56
C TYR L 66 -0.02 29.53 56.29
N LEU L 67 -0.26 28.27 55.94
CA LEU L 67 0.43 27.17 56.60
C LEU L 67 1.90 27.37 56.58
N ASN L 68 2.36 28.13 55.58
CA ASN L 68 3.76 28.40 55.43
C ASN L 68 4.26 29.42 56.46
N ASN L 69 3.65 30.61 56.43
CA ASN L 69 4.03 31.67 57.35
C ASN L 69 3.99 31.19 58.80
N VAL L 70 2.97 30.41 59.12
CA VAL L 70 2.86 29.83 60.46
C VAL L 70 3.93 28.77 60.72
N VAL L 71 4.27 27.97 59.72
CA VAL L 71 5.31 26.97 59.91
C VAL L 71 6.70 27.57 59.94
N GLU L 72 6.92 28.62 59.16
CA GLU L 72 8.23 29.25 59.15
C GLU L 72 8.51 29.87 60.51
N GLN L 73 7.51 30.54 61.06
CA GLN L 73 7.66 31.19 62.36
C GLN L 73 7.88 30.14 63.41
N LEU L 74 7.38 28.94 63.12
CA LEU L 74 7.50 27.81 64.03
C LEU L 74 8.87 27.17 63.90
N LYS L 75 9.32 27.03 62.67
CA LYS L 75 10.66 26.55 62.40
C LYS L 75 11.64 27.36 63.23
N ASP L 76 11.28 28.62 63.47
CA ASP L 76 12.15 29.53 64.18
C ASP L 76 12.11 29.28 65.68
N TRP L 77 10.94 29.45 66.27
CA TRP L 77 10.80 29.23 67.71
C TRP L 77 11.44 27.91 68.10
N LEU L 78 11.49 26.99 67.14
CA LEU L 78 11.96 25.62 67.42
C LEU L 78 13.48 25.48 67.51
N TYR L 79 14.21 26.25 66.72
CA TYR L 79 15.66 26.08 66.68
C TYR L 79 16.27 26.22 68.07
N LYS L 80 15.43 26.60 69.04
CA LYS L 80 15.87 26.75 70.42
C LYS L 80 15.01 26.01 71.45
N CYS L 81 14.02 25.25 70.97
CA CYS L 81 13.18 24.40 71.82
C CYS L 81 12.30 25.19 72.77
N SER L 82 11.63 26.20 72.23
CA SER L 82 10.82 27.09 73.04
C SER L 82 9.37 26.63 73.01
N VAL L 83 9.04 25.79 72.03
CA VAL L 83 7.65 25.34 71.88
C VAL L 83 7.43 23.88 72.35
N GLN L 84 6.52 23.72 73.30
CA GLN L 84 6.33 22.44 73.96
C GLN L 84 5.32 21.57 73.24
N LYS L 85 4.15 22.12 72.93
CA LYS L 85 3.15 21.35 72.19
C LYS L 85 2.31 22.22 71.25
N LEU L 86 1.96 21.65 70.10
CA LEU L 86 0.99 22.26 69.21
C LEU L 86 -0.32 21.52 69.37
N VAL L 87 -1.43 22.25 69.40
CA VAL L 87 -2.75 21.61 69.40
C VAL L 87 -3.74 22.22 68.41
N VAL L 88 -4.27 21.37 67.54
CA VAL L 88 -5.25 21.79 66.56
C VAL L 88 -6.64 21.52 67.07
N VAL L 89 -7.52 22.52 66.98
CA VAL L 89 -8.86 22.39 67.52
C VAL L 89 -9.97 22.64 66.52
N ILE L 90 -10.37 21.60 65.82
CA ILE L 90 -11.49 21.70 64.89
C ILE L 90 -12.76 21.85 65.69
N SER L 91 -13.41 22.99 65.54
CA SER L 91 -14.66 23.23 66.23
C SER L 91 -15.71 23.74 65.26
N ASN L 92 -16.98 23.45 65.56
CA ASN L 92 -18.10 23.97 64.78
C ASN L 92 -18.05 25.50 64.79
N ILE L 93 -18.34 26.11 63.64
CA ILE L 93 -18.11 27.55 63.46
C ILE L 93 -19.23 28.44 63.99
N GLU L 94 -20.46 27.95 63.92
CA GLU L 94 -21.56 28.68 64.51
C GLU L 94 -21.73 28.18 65.93
N SER L 95 -21.76 26.86 66.06
CA SER L 95 -21.95 26.18 67.32
C SER L 95 -21.01 26.73 68.39
N GLY L 96 -19.72 26.62 68.12
CA GLY L 96 -18.72 26.95 69.12
C GLY L 96 -18.18 25.65 69.68
N GLU L 97 -19.06 24.66 69.79
CA GLU L 97 -18.70 23.36 70.35
C GLU L 97 -17.49 22.78 69.62
N VAL L 98 -16.55 22.25 70.39
CA VAL L 98 -15.40 21.56 69.83
C VAL L 98 -15.89 20.29 69.15
N LEU L 99 -15.14 19.80 68.17
CA LEU L 99 -15.50 18.58 67.47
C LEU L 99 -14.41 17.54 67.60
N GLU L 100 -13.17 18.00 67.73
CA GLU L 100 -12.05 17.09 67.90
C GLU L 100 -10.78 17.90 68.12
N ARG L 101 -9.85 17.34 68.89
CA ARG L 101 -8.56 17.97 69.07
C ARG L 101 -7.47 17.06 68.51
N TRP L 102 -6.49 17.66 67.86
CA TRP L 102 -5.33 16.91 67.40
C TRP L 102 -4.10 17.50 68.09
N GLN L 103 -3.50 16.72 68.98
CA GLN L 103 -2.42 17.25 69.81
C GLN L 103 -1.07 16.69 69.41
N PHE L 104 -0.12 17.57 69.16
CA PHE L 104 1.22 17.15 68.84
C PHE L 104 2.19 17.49 69.97
N ASP L 105 2.81 16.46 70.53
CA ASP L 105 3.80 16.63 71.58
C ASP L 105 5.16 16.70 70.94
N ILE L 106 5.98 17.65 71.40
CA ILE L 106 7.27 17.92 70.75
C ILE L 106 8.47 17.37 71.51
N GLU L 107 9.38 16.77 70.77
CA GLU L 107 10.52 16.10 71.34
C GLU L 107 11.70 16.90 70.83
N CYS L 108 12.05 17.96 71.54
CA CYS L 108 12.92 18.98 70.95
C CYS L 108 14.43 18.75 71.09
N ASP L 109 15.12 18.70 69.96
CA ASP L 109 16.59 18.66 69.94
C ASP L 109 17.11 19.98 69.40
N LYS L 110 17.84 20.72 70.23
CA LYS L 110 18.38 22.02 69.83
C LYS L 110 19.30 21.88 68.61
N THR L 111 19.39 22.92 67.79
CA THR L 111 20.20 22.86 66.57
C THR L 111 20.61 24.25 66.04
N ALA L 112 21.87 24.47 65.68
CA ALA L 112 22.15 25.72 64.96
C ALA L 112 23.09 25.61 63.73
N LYS L 113 22.56 25.94 62.56
CA LYS L 113 23.32 25.94 61.30
C LYS L 113 24.42 24.88 61.23
N SER L 122 21.10 8.51 59.26
CA SER L 122 20.83 8.66 57.84
C SER L 122 19.35 8.90 57.54
N GLN L 123 18.89 8.45 56.38
CA GLN L 123 17.52 8.74 55.94
C GLN L 123 16.52 7.74 56.50
N LYS L 124 16.97 6.51 56.69
CA LYS L 124 16.12 5.46 57.24
C LYS L 124 15.41 5.99 58.48
N ALA L 125 16.10 6.88 59.18
CA ALA L 125 15.60 7.46 60.42
C ALA L 125 14.33 8.25 60.20
N ILE L 126 14.47 9.33 59.45
CA ILE L 126 13.34 10.20 59.13
C ILE L 126 12.19 9.39 58.57
N GLN L 127 12.50 8.52 57.62
CA GLN L 127 11.48 7.71 56.98
C GLN L 127 10.50 7.15 58.01
N ASP L 128 11.05 6.45 59.02
CA ASP L 128 10.24 5.77 60.01
C ASP L 128 9.41 6.77 60.80
N GLU L 129 10.00 7.91 61.13
CA GLU L 129 9.27 8.95 61.84
C GLU L 129 8.00 9.37 61.13
N ILE L 130 8.13 9.84 59.90
CA ILE L 130 6.98 10.30 59.12
C ILE L 130 5.89 9.26 59.16
N ARG L 131 6.23 8.03 58.78
CA ARG L 131 5.28 6.94 58.81
C ARG L 131 4.51 6.87 60.11
N SER L 132 5.21 6.71 61.23
CA SER L 132 4.51 6.55 62.51
C SER L 132 3.49 7.65 62.68
N VAL L 133 3.81 8.86 62.21
CA VAL L 133 2.88 9.99 62.34
C VAL L 133 1.65 9.83 61.46
N ILE L 134 1.85 9.76 60.15
CA ILE L 134 0.73 9.53 59.24
C ILE L 134 -0.07 8.28 59.64
N ARG L 135 0.63 7.22 60.01
CA ARG L 135 -0.04 6.02 60.47
C ARG L 135 -0.89 6.30 61.70
N GLN L 136 -0.35 7.04 62.67
CA GLN L 136 -1.14 7.42 63.86
C GLN L 136 -2.36 8.21 63.45
N ILE L 137 -2.14 9.38 62.88
CA ILE L 137 -3.22 10.22 62.37
C ILE L 137 -4.29 9.39 61.66
N THR L 138 -3.87 8.47 60.81
CA THR L 138 -4.80 7.63 60.06
C THR L 138 -5.62 6.71 60.95
N ALA L 139 -4.95 5.99 61.84
CA ALA L 139 -5.66 5.05 62.69
C ALA L 139 -6.68 5.78 63.53
N THR L 140 -6.41 7.06 63.78
CA THR L 140 -7.29 7.88 64.58
C THR L 140 -8.55 8.25 63.82
N VAL L 141 -8.39 8.89 62.67
CA VAL L 141 -9.53 9.26 61.87
C VAL L 141 -10.54 8.10 61.79
N THR L 142 -10.09 6.88 62.06
CA THR L 142 -11.01 5.75 62.08
C THR L 142 -12.15 5.97 63.08
N PHE L 143 -11.83 6.47 64.26
CA PHE L 143 -12.78 6.48 65.34
C PHE L 143 -13.60 7.74 65.44
N LEU L 144 -13.23 8.73 64.65
CA LEU L 144 -13.94 9.99 64.65
C LEU L 144 -15.23 9.90 63.83
N PRO L 145 -16.25 10.66 64.23
CA PRO L 145 -17.52 10.70 63.53
C PRO L 145 -17.27 11.40 62.23
N LEU L 146 -18.17 11.26 61.27
CA LEU L 146 -18.04 11.99 60.04
C LEU L 146 -18.32 13.47 60.33
N LEU L 147 -17.56 14.37 59.70
CA LEU L 147 -17.86 15.80 59.83
C LEU L 147 -18.99 16.10 58.86
N GLU L 148 -19.80 17.10 59.17
CA GLU L 148 -20.91 17.43 58.28
C GLU L 148 -21.29 18.91 58.28
N VAL L 149 -20.59 19.70 59.10
CA VAL L 149 -20.90 21.12 59.23
C VAL L 149 -19.69 22.00 58.89
N SER L 150 -19.92 23.31 58.76
CA SER L 150 -18.83 24.25 58.55
C SER L 150 -17.99 24.20 59.82
N CYS L 151 -16.81 24.80 59.81
CA CYS L 151 -15.98 24.73 61.00
C CYS L 151 -14.72 25.57 60.95
N SER L 152 -14.19 25.85 62.14
CA SER L 152 -12.99 26.66 62.27
C SER L 152 -11.81 25.85 62.80
N PHE L 153 -10.62 26.21 62.36
CA PHE L 153 -9.40 25.66 62.89
C PHE L 153 -8.83 26.59 63.93
N ASP L 154 -8.28 26.03 65.00
CA ASP L 154 -7.55 26.82 65.97
C ASP L 154 -6.25 26.14 66.30
N LEU L 155 -5.17 26.74 65.83
CA LEU L 155 -3.85 26.22 66.13
C LEU L 155 -3.44 26.88 67.42
N LEU L 156 -2.84 26.10 68.30
CA LEU L 156 -2.34 26.62 69.56
C LEU L 156 -0.88 26.27 69.72
N ILE L 157 -0.04 27.28 69.60
CA ILE L 157 1.38 27.07 69.84
C ILE L 157 1.60 27.28 71.33
N TYR L 158 2.03 26.23 72.02
CA TYR L 158 2.30 26.33 73.45
C TYR L 158 3.79 26.54 73.70
N THR L 159 4.13 27.67 74.32
CA THR L 159 5.52 28.06 74.44
C THR L 159 5.94 28.35 75.88
N ASP L 160 7.25 28.50 76.10
CA ASP L 160 7.74 28.81 77.44
C ASP L 160 7.19 30.14 77.91
N LYS L 161 7.43 30.46 79.18
CA LYS L 161 7.10 31.79 79.68
C LYS L 161 8.00 32.79 78.96
N ASP L 162 9.24 32.38 78.69
CA ASP L 162 10.23 33.24 78.05
C ASP L 162 9.76 33.80 76.73
N LEU L 163 9.57 32.93 75.75
CA LEU L 163 9.39 33.35 74.36
C LEU L 163 8.62 34.65 74.17
N VAL L 164 9.12 35.43 73.24
CA VAL L 164 8.54 36.69 72.85
C VAL L 164 7.82 36.51 71.52
N VAL L 165 6.50 36.32 71.57
CA VAL L 165 5.71 36.38 70.35
C VAL L 165 5.99 37.71 69.68
N PRO L 166 6.83 37.72 68.62
CA PRO L 166 7.15 39.02 68.05
C PRO L 166 5.91 39.88 67.91
N GLU L 167 6.07 41.19 68.11
CA GLU L 167 5.01 42.15 67.82
C GLU L 167 4.80 42.14 66.32
N LYS L 168 5.74 41.54 65.60
CA LYS L 168 5.62 41.39 64.16
C LYS L 168 4.74 40.19 63.80
N TRP L 169 4.63 39.22 64.71
CA TRP L 169 3.65 38.13 64.54
C TRP L 169 2.31 38.52 65.17
N GLU L 170 2.03 39.81 65.16
CA GLU L 170 0.76 40.37 65.59
C GLU L 170 0.46 40.20 67.09
N GLU L 171 0.95 39.10 67.66
CA GLU L 171 0.52 38.68 69.00
C GLU L 171 -0.89 38.11 68.92
N SER L 172 -1.62 38.52 67.90
CA SER L 172 -2.89 37.91 67.51
C SER L 172 -2.66 37.09 66.27
N GLY L 173 -3.17 35.86 66.25
CA GLY L 173 -2.90 34.98 65.13
C GLY L 173 -3.52 35.44 63.82
N PRO L 174 -2.68 35.69 62.80
CA PRO L 174 -3.22 36.01 61.47
C PRO L 174 -4.29 35.00 61.09
N GLN L 175 -5.48 35.45 60.71
CA GLN L 175 -6.55 34.51 60.36
C GLN L 175 -7.14 34.79 58.97
N PHE L 176 -7.03 33.80 58.08
CA PHE L 176 -7.62 33.91 56.75
C PHE L 176 -8.98 33.22 56.69
N ILE L 177 -9.91 33.79 55.95
CA ILE L 177 -11.23 33.22 55.82
C ILE L 177 -11.38 32.57 54.48
N THR L 178 -12.36 31.67 54.38
CA THR L 178 -12.77 31.16 53.08
C THR L 178 -14.28 30.95 53.06
N ASN L 179 -15.00 31.95 52.56
CA ASN L 179 -16.44 31.89 52.45
C ASN L 179 -16.84 31.08 51.24
N SER L 180 -15.87 30.74 50.40
CA SER L 180 -16.15 29.93 49.22
C SER L 180 -16.64 28.52 49.57
N GLU L 181 -17.72 28.12 48.92
CA GLU L 181 -18.33 26.82 49.12
C GLU L 181 -17.33 25.73 48.77
N GLU L 182 -17.74 24.47 48.94
CA GLU L 182 -16.93 23.32 48.57
C GLU L 182 -15.86 23.00 49.61
N VAL L 183 -15.74 23.86 50.61
CA VAL L 183 -14.72 23.68 51.65
C VAL L 183 -15.31 23.80 53.05
N ARG L 184 -15.13 22.74 53.85
CA ARG L 184 -15.60 22.73 55.24
C ARG L 184 -15.00 23.88 56.05
N LEU L 185 -13.69 24.05 55.92
CA LEU L 185 -13.01 25.09 56.66
C LEU L 185 -13.60 26.47 56.35
N ARG L 186 -13.70 27.32 57.37
CA ARG L 186 -14.21 28.67 57.17
C ARG L 186 -13.26 29.71 57.74
N SER L 187 -12.62 29.38 58.86
CA SER L 187 -11.62 30.26 59.44
C SER L 187 -10.52 29.43 60.10
N PHE L 188 -9.28 29.77 59.76
CA PHE L 188 -8.14 29.10 60.35
C PHE L 188 -7.37 30.18 61.07
N THR L 189 -7.14 29.99 62.37
CA THR L 189 -6.47 31.01 63.16
C THR L 189 -5.48 30.40 64.14
N THR L 190 -4.29 31.00 64.21
CA THR L 190 -3.28 30.51 65.13
C THR L 190 -3.14 31.46 66.30
N THR L 191 -2.69 30.94 67.44
CA THR L 191 -2.59 31.70 68.67
C THR L 191 -1.56 31.08 69.60
N ILE L 192 -0.74 31.92 70.22
CA ILE L 192 0.30 31.42 71.12
C ILE L 192 -0.13 31.45 72.58
N HIS L 193 0.04 30.32 73.27
CA HIS L 193 -0.28 30.19 74.68
C HIS L 193 0.94 29.87 75.53
N LYS L 194 1.51 30.90 76.15
CA LYS L 194 2.71 30.74 76.95
C LYS L 194 2.36 30.09 78.27
N VAL L 195 2.94 28.93 78.53
CA VAL L 195 2.74 28.28 79.82
C VAL L 195 4.01 27.65 80.39
N ASN L 196 4.49 28.23 81.48
CA ASN L 196 5.58 27.67 82.25
C ASN L 196 6.81 27.35 81.42
N SER L 197 7.69 26.56 82.02
CA SER L 197 8.97 26.24 81.43
C SER L 197 9.53 25.07 82.20
N MET L 198 10.38 24.29 81.56
CA MET L 198 10.89 23.09 82.21
C MET L 198 12.41 22.98 82.17
N VAL L 199 12.99 22.45 83.23
CA VAL L 199 14.42 22.26 83.32
C VAL L 199 14.79 20.86 83.78
N ALA L 200 15.52 20.14 82.93
CA ALA L 200 15.96 18.78 83.24
C ALA L 200 17.24 18.76 84.04
N TYR L 201 17.32 17.90 85.04
CA TYR L 201 18.55 17.86 85.80
C TYR L 201 19.14 16.45 85.86
N LYS L 202 19.87 16.11 84.79
CA LYS L 202 20.58 14.84 84.69
C LYS L 202 21.76 14.79 85.68
N ILE L 203 21.65 13.91 86.68
CA ILE L 203 22.67 13.78 87.71
C ILE L 203 23.34 12.39 87.70
N PRO L 204 24.54 12.30 87.08
CA PRO L 204 25.37 11.10 87.06
C PRO L 204 26.54 11.24 88.02
N VAL L 205 27.00 10.12 88.60
CA VAL L 205 28.16 10.17 89.48
C VAL L 205 29.27 9.26 88.97
S SO4 M . 14.07 24.12 6.10
O1 SO4 M . 15.12 24.21 7.11
O2 SO4 M . 13.78 22.72 5.83
O3 SO4 M . 12.88 24.81 6.60
O4 SO4 M . 14.55 24.79 4.90
S SO4 N . 21.50 17.91 -7.92
O1 SO4 N . 21.10 17.62 -6.55
O2 SO4 N . 20.80 16.98 -8.80
O3 SO4 N . 21.22 19.31 -8.20
O4 SO4 N . 22.92 17.64 -8.10
S SO4 O . 13.82 -11.60 -0.71
O1 SO4 O . 13.42 -12.02 0.62
O2 SO4 O . 12.78 -11.99 -1.66
O3 SO4 O . 13.97 -10.15 -0.68
O4 SO4 O . 15.08 -12.27 -1.06
S SO4 P . 22.79 27.35 37.04
O1 SO4 P . 22.35 26.36 38.00
O2 SO4 P . 22.15 27.04 35.76
O3 SO4 P . 22.39 28.65 37.57
O4 SO4 P . 24.23 27.33 36.81
S SO4 Q . 28.79 18.50 23.76
O1 SO4 Q . 28.42 17.13 24.07
O2 SO4 Q . 27.64 19.21 23.20
O3 SO4 Q . 29.26 19.22 24.94
O4 SO4 Q . 29.88 18.50 22.78
S SO4 R . -2.49 9.26 40.55
O1 SO4 R . -2.52 8.32 41.67
O2 SO4 R . -3.45 8.88 39.52
O3 SO4 R . -2.89 10.59 41.03
O4 SO4 R . -1.14 9.25 39.97
S SO4 S . -35.99 6.83 -25.51
O1 SO4 S . -35.85 5.62 -24.72
O2 SO4 S . -36.98 6.62 -26.56
O3 SO4 S . -36.44 7.96 -24.69
O4 SO4 S . -34.71 7.16 -26.14
S SO4 T . 21.85 -26.61 -10.62
O1 SO4 T . 22.54 -27.41 -9.61
O2 SO4 T . 20.64 -27.29 -11.11
O3 SO4 T . 21.47 -25.35 -10.00
O4 SO4 T . 22.77 -26.36 -11.72
S SO4 U . 9.81 2.16 -11.53
O1 SO4 U . 9.87 1.21 -10.41
O2 SO4 U . 8.68 1.76 -12.36
O3 SO4 U . 9.61 3.52 -11.01
O4 SO4 U . 11.03 2.15 -12.33
S SO4 V . -7.30 -36.36 -46.76
O1 SO4 V . -7.65 -37.30 -45.69
O2 SO4 V . -8.04 -36.68 -47.98
O3 SO4 V . -7.64 -35.02 -46.32
O4 SO4 V . -5.85 -36.40 -47.01
S SO4 W . -16.58 15.36 53.66
O1 SO4 W . -17.17 14.94 54.92
O2 SO4 W . -17.63 15.63 52.67
O3 SO4 W . -15.82 16.60 53.85
O4 SO4 W . -15.70 14.29 53.18
S SO4 X . 13.70 12.62 47.79
O1 SO4 X . 14.37 11.73 48.72
O2 SO4 X . 12.39 12.03 47.44
O3 SO4 X . 13.59 13.92 48.46
O4 SO4 X . 14.48 12.83 46.57
#